data_6OLP
#
_entry.id   6OLP
#
_cell.length_a   1.0
_cell.length_b   1.0
_cell.length_c   1.0
_cell.angle_alpha   90.00
_cell.angle_beta   90.00
_cell.angle_gamma   90.00
#
_symmetry.space_group_name_H-M   'P 1'
#
loop_
_entity.id
_entity.type
_entity.pdbx_description
1 polymer 'Envelope glycoprotein gp120'
2 polymer 'Envelope glycoprotein gp41'
3 polymer 'Immunoglobulin G PGT151 Fab, Heavy chain'
4 polymer 'Immunoglobulin G PGT151 Fab, Light chain'
5 branched 2-acetamido-2-deoxy-beta-D-glucopyranose-(1-4)-2-acetamido-2-deoxy-beta-D-glucopyranose
6 branched 2-acetamido-2-deoxy-beta-D-glucopyranose-(1-6)-2-acetamido-2-deoxy-beta-D-glucopyranose
7 branched alpha-D-mannopyranose-(1-3)-beta-D-mannopyranose-(1-4)-2-acetamido-2-deoxy-beta-D-glucopyranose-(1-4)-2-acetamido-2-deoxy-beta-D-glucopyranose
8 branched beta-D-mannopyranose-(1-4)-2-acetamido-2-deoxy-beta-D-glucopyranose-(1-4)-2-acetamido-2-deoxy-beta-D-glucopyranose
9 branched beta-D-galactopyranose-(1-4)-2-acetamido-2-deoxy-beta-D-glucopyranose-(1-2)-[2-acetamido-2-deoxy-beta-D-glucopyranose-(1-4)]alpha-D-mannopyranose-(1-3)-[alpha-D-mannopyranose-(1-6)]beta-D-mannopyranose-(1-4)-2-acetamido-2-deoxy-beta-D-glucopyranose-(1-4)-[alpha-L-fucopyranose-(1-6)]2-acetamido-2-deoxy-beta-D-glucopyranose
10 branched beta-D-galactopyranose-(1-4)-2-acetamido-2-deoxy-beta-D-glucopyranose-(1-6)-alpha-D-mannopyranose-(1-6)-[alpha-D-mannopyranose-(1-3)]beta-D-mannopyranose-(1-4)-2-acetamido-2-deoxy-beta-D-glucopyranose-(1-4)-[alpha-L-fucopyranose-(1-6)]2-acetamido-2-deoxy-beta-D-glucopyranose
11 branched alpha-L-fucopyranose-(1-6)-2-acetamido-2-deoxy-beta-D-glucopyranose
12 branched alpha-D-mannopyranose-(1-3)-[alpha-D-mannopyranose-(1-6)]beta-D-mannopyranose-(1-4)-2-acetamido-2-deoxy-beta-D-glucopyranose-(1-4)-2-acetamido-2-deoxy-beta-D-glucopyranose
13 branched beta-D-galactopyranose-(1-4)-2-acetamido-2-deoxy-beta-D-glucopyranose-(1-2)-alpha-D-mannopyranose-(1-3)-[2-acetamido-2-deoxy-beta-D-glucopyranose-(1-2)-alpha-D-mannopyranose-(1-6)]beta-D-mannopyranose-(1-4)-2-acetamido-2-deoxy-beta-D-glucopyranose-(1-4)-[alpha-L-fucopyranose-(1-6)]2-acetamido-2-deoxy-beta-D-glucopyranose
14 branched beta-D-galactopyranose-(1-4)-2-acetamido-2-deoxy-beta-D-glucopyranose-(1-2)-[beta-D-galactopyranose-(1-4)-2-acetamido-2-deoxy-beta-D-glucopyranose-(1-6)]alpha-D-mannopyranose-(1-6)-[alpha-D-mannopyranose-(1-3)]beta-D-mannopyranose-(1-4)-2-acetamido-2-deoxy-beta-D-glucopyranose-(1-4)-[alpha-L-fucopyranose-(1-6)]2-acetamido-2-deoxy-beta-D-glucopyranose
15 non-polymer 2-acetamido-2-deoxy-beta-D-glucopyranose
#
loop_
_entity_poly.entity_id
_entity_poly.type
_entity_poly.pdbx_seq_one_letter_code
_entity_poly.pdbx_strand_id
1 'polypeptide(L)'
;MRVKEIRKNYQHLWKWGIMLLGILMICSAAEQLWVTVYYGVPVWKEATTTLFCASDARAYDTEVHNVWATHACVPTDPNP
QEVVLENVTENFNMWKNNMVEQMHEDIISLWDQSLKPCVKLTPLCVTLNCTDLRNATNTNATNTTSSSRGTMEGGEIKNC
SFNITTSMRDKVQKEYALFYKLDVVPIKNDNTSYRLISCNTSVITQACPKVSFEPIPIHYCAPAGFAILKCNDKKFNGTG
PCTNVSTVQCTHGIRPVVSTQLLLNGSLAEEEVVIRSANFTDNAKIIIVQLNKSVEINCTRPNNNTRKSIHIGPGRAFYT
TGEIIGDIRQAHCNISGTKWNDTLKQIVVKLKEQFGNKTIVFNHSSGGDPEIVMHSFNCGGEFFYCNSTQLFNSTWNDTT
GSNYTGTIVLPCRIKQIVNMWQEVGKAMYAPPIKGQIRCSSNITGLILIRDGGKNRSENTEIFRPGGGDMRDNWRSELYK
YKVVKIEPLGIAPTKAKRRVVQREKR
;
A,C,E
2 'polypeptide(L)'
;AVGIGAVFLGFLGAAGSTMGAASMTLTVQARLLLSGIVQQQNNLLRAIEAQQHLLQLTVWGIKQLQARVLAVERYLKDQQ
LLGIWGCSGKLICTTAVPWNTSWSNKSYNQIWNNMTWMEWEREIDNYTSLIYTLIEDSQNQQEKNEQELLELDKWASLWN
WFDITKWLWYIKIFIMIVGGLIGLRIVFTVLSIVNRIRQGYSPLSFQTPLPTPRGPDRPEGIEEEGGERDRDRSDRLVTG
FLALIWVDLRSLCLFSYHRLRDLLLIVTRIVELLGRRGWGVLKYWWNLLQYWSQELRNSAVSLLNATAIAVAEGTDRVIE
VSQRAFRAILHVPVRIRQGLERALV
;
B,D,F
3 'polypeptide(L)'
;RVQLVESGGGVVQPGKSVRLSCVVSDFPFSKYPMYWVRQAPGKGLEWVAAISGDAWHVVYSNSVQGRFLVSRDNVKNTLY
LEMNSLKIEDTAVYRCARMFQESGPPRLDRWSGRNYYYYSGMDVWGQGTTVTVSSASTKGPSVFPLAPSSKSTSGGTAAL
GCLVKDYFPEPVTVSWNSGALTSGVHTFPAVLQSSGLYSLSSVVTVPSSSLGTQTYICNVNHKPSNTKVDKRVEPKSCDK
;
G,H
4 'polypeptide(L)'
;DIVMTQTPLSLSVTPGQPASISCKSSESLRQSNGKTSLYWYRQKPGQSPQLLVFEVSNRFSGVSDRFVGSGSGTDFTLRI
SRVEAEDVGFYYCMQSKDFPLTFGGGTKVDLKRTVAAPSVFIFPPSDEQLKSGTASVVCLLNNFYPREAKVQWKVDNALQ
SGNSQESVTEQDSKDSTYSLSSTLTLSKADYEKHKVYACEVTHQGLSSPVTKSFNRGEC
;
I,L
#
# COMPACT_ATOMS: atom_id res chain seq x y z
N ALA A 30 -57.82 8.46 1.28
CA ALA A 30 -56.58 8.18 0.55
C ALA A 30 -55.72 7.20 1.31
N GLU A 31 -54.76 6.60 0.61
CA GLU A 31 -53.87 5.60 1.20
C GLU A 31 -52.53 6.25 1.51
N GLN A 32 -52.15 6.20 2.78
CA GLN A 32 -50.86 6.65 3.26
C GLN A 32 -49.78 5.78 2.64
N LEU A 33 -48.98 6.35 1.75
CA LEU A 33 -48.04 5.55 0.97
C LEU A 33 -46.83 5.16 1.81
N TRP A 34 -46.32 3.97 1.54
CA TRP A 34 -45.21 3.43 2.31
C TRP A 34 -44.05 3.20 1.35
N VAL A 35 -42.86 3.18 1.92
CA VAL A 35 -41.63 3.09 1.13
C VAL A 35 -41.34 1.63 0.84
N THR A 36 -40.97 1.33 -0.40
CA THR A 36 -40.66 -0.04 -0.81
C THR A 36 -39.34 -0.07 -1.56
N VAL A 37 -38.46 -0.96 -1.14
CA VAL A 37 -37.12 -1.09 -1.70
C VAL A 37 -37.16 -2.19 -2.74
N TYR A 38 -36.80 -1.87 -3.97
CA TYR A 38 -36.71 -2.83 -5.05
C TYR A 38 -35.24 -3.04 -5.38
N TYR A 39 -34.80 -4.28 -5.36
CA TYR A 39 -33.42 -4.61 -5.72
C TYR A 39 -33.41 -5.23 -7.10
N GLY A 40 -32.80 -4.53 -8.05
CA GLY A 40 -32.70 -5.03 -9.40
C GLY A 40 -33.35 -4.11 -10.41
N VAL A 41 -33.40 -2.83 -10.09
CA VAL A 41 -34.04 -1.85 -10.96
C VAL A 41 -33.12 -1.63 -12.15
N PRO A 42 -33.65 -1.36 -13.32
CA PRO A 42 -32.77 -1.25 -14.49
C PRO A 42 -32.23 0.15 -14.73
N VAL A 43 -31.34 0.62 -13.85
CA VAL A 43 -30.87 1.98 -13.95
C VAL A 43 -29.37 1.98 -14.17
N TRP A 44 -28.85 3.11 -14.62
CA TRP A 44 -27.42 3.34 -14.66
C TRP A 44 -27.14 4.83 -14.71
N LYS A 45 -25.86 5.16 -14.82
CA LYS A 45 -25.35 6.52 -14.96
C LYS A 45 -24.20 6.47 -15.94
N GLU A 46 -23.40 7.53 -16.00
CA GLU A 46 -22.15 7.51 -16.75
C GLU A 46 -20.99 7.51 -15.79
N ALA A 47 -19.95 6.76 -16.12
CA ALA A 47 -18.85 6.60 -15.18
C ALA A 47 -17.54 6.41 -15.93
N THR A 48 -16.47 6.36 -15.15
CA THR A 48 -15.14 6.01 -15.62
C THR A 48 -14.73 4.74 -14.90
N THR A 49 -13.74 4.04 -15.43
CA THR A 49 -13.31 2.78 -14.85
C THR A 49 -11.91 2.43 -15.30
N THR A 50 -11.47 1.23 -14.92
CA THR A 50 -10.28 0.60 -15.43
C THR A 50 -10.69 -0.72 -16.08
N LEU A 51 -10.11 -1.02 -17.24
CA LEU A 51 -10.53 -2.13 -18.06
C LEU A 51 -9.52 -3.27 -17.97
N PHE A 52 -9.82 -4.37 -18.66
CA PHE A 52 -8.93 -5.51 -18.71
C PHE A 52 -9.16 -6.28 -20.00
N CYS A 53 -8.10 -6.92 -20.48
CA CYS A 53 -8.12 -7.56 -21.79
C CYS A 53 -8.92 -8.85 -21.77
N ALA A 54 -9.17 -9.38 -22.97
CA ALA A 54 -9.73 -10.71 -23.15
C ALA A 54 -9.27 -11.20 -24.51
N SER A 55 -8.23 -12.04 -24.52
CA SER A 55 -7.72 -12.62 -25.76
C SER A 55 -8.46 -13.92 -26.03
N ASP A 56 -8.73 -14.16 -27.32
CA ASP A 56 -9.53 -15.31 -27.74
C ASP A 56 -8.63 -16.41 -28.30
N ALA A 57 -7.97 -17.12 -27.40
CA ALA A 57 -7.17 -18.28 -27.76
C ALA A 57 -7.08 -19.24 -26.59
N THR A 62 1.13 -22.13 -25.44
CA THR A 62 1.63 -20.98 -26.19
C THR A 62 2.64 -20.21 -25.35
N GLU A 63 3.87 -20.11 -25.85
CA GLU A 63 4.87 -19.23 -25.26
C GLU A 63 4.42 -17.77 -25.35
N VAL A 64 4.55 -17.06 -24.24
CA VAL A 64 3.95 -15.73 -24.10
C VAL A 64 5.09 -14.74 -24.23
N HIS A 65 5.38 -14.35 -25.47
CA HIS A 65 6.45 -13.40 -25.75
C HIS A 65 6.03 -12.45 -26.86
N ASN A 66 4.82 -11.93 -26.75
CA ASN A 66 4.35 -10.91 -27.68
C ASN A 66 4.10 -9.62 -26.92
N VAL A 67 4.35 -8.52 -27.60
CA VAL A 67 4.30 -7.21 -26.96
C VAL A 67 2.86 -6.79 -26.73
N TRP A 68 2.01 -6.96 -27.73
CA TRP A 68 0.62 -6.54 -27.59
C TRP A 68 -0.29 -7.63 -27.10
N ALA A 69 -0.14 -8.86 -27.60
CA ALA A 69 -1.13 -9.92 -27.36
C ALA A 69 -1.20 -10.29 -25.89
N THR A 70 -0.02 -10.52 -25.29
CA THR A 70 0.17 -10.67 -23.84
C THR A 70 -0.75 -11.75 -23.28
N HIS A 71 -0.46 -12.99 -23.68
CA HIS A 71 -1.32 -14.14 -23.42
C HIS A 71 -1.53 -14.43 -21.94
N ALA A 72 -0.75 -13.80 -21.05
CA ALA A 72 -1.19 -13.65 -19.67
C ALA A 72 -2.35 -12.67 -19.65
N CYS A 73 -3.56 -13.20 -19.85
CA CYS A 73 -4.78 -12.44 -20.11
C CYS A 73 -5.93 -13.40 -19.95
N VAL A 74 -7.09 -12.88 -19.56
CA VAL A 74 -8.25 -13.74 -19.33
C VAL A 74 -8.76 -14.26 -20.67
N PRO A 75 -8.99 -15.55 -20.82
CA PRO A 75 -9.59 -16.04 -22.06
C PRO A 75 -11.04 -15.63 -22.17
N THR A 76 -11.52 -15.52 -23.40
CA THR A 76 -12.84 -15.00 -23.70
C THR A 76 -13.94 -16.03 -23.47
N ASP A 77 -15.13 -15.74 -24.00
CA ASP A 77 -16.24 -16.66 -24.02
C ASP A 77 -16.95 -16.41 -25.35
N PRO A 78 -17.13 -17.46 -26.17
CA PRO A 78 -17.89 -17.27 -27.42
C PRO A 78 -19.40 -17.29 -27.26
N ASN A 79 -19.88 -17.09 -26.04
CA ASN A 79 -21.29 -16.80 -25.81
C ASN A 79 -21.66 -15.52 -26.55
N PRO A 80 -22.75 -15.52 -27.31
CA PRO A 80 -23.36 -14.24 -27.73
C PRO A 80 -24.13 -13.62 -26.58
N GLN A 81 -23.58 -12.56 -26.00
CA GLN A 81 -24.09 -11.97 -24.78
C GLN A 81 -24.92 -10.73 -25.02
N GLU A 82 -25.11 -10.33 -26.28
CA GLU A 82 -25.59 -8.99 -26.58
C GLU A 82 -27.09 -8.87 -26.33
N VAL A 83 -27.46 -7.86 -25.55
CA VAL A 83 -28.84 -7.62 -25.16
C VAL A 83 -29.29 -6.33 -25.81
N VAL A 84 -30.41 -6.36 -26.51
CA VAL A 84 -30.92 -5.19 -27.19
C VAL A 84 -31.92 -4.50 -26.26
N LEU A 85 -32.03 -3.18 -26.41
CA LEU A 85 -32.99 -2.41 -25.64
C LEU A 85 -34.24 -2.16 -26.46
N GLU A 86 -35.14 -1.37 -25.87
CA GLU A 86 -36.41 -1.07 -26.48
C GLU A 86 -36.59 0.42 -26.71
N ASN A 87 -36.44 1.24 -25.67
CA ASN A 87 -36.75 2.67 -25.72
C ASN A 87 -35.56 3.39 -25.13
N VAL A 88 -34.53 3.70 -25.91
CA VAL A 88 -33.36 4.40 -25.38
C VAL A 88 -33.00 5.53 -26.33
N THR A 89 -32.80 6.73 -25.77
CA THR A 89 -32.21 7.85 -26.48
C THR A 89 -30.99 8.30 -25.67
N GLU A 90 -29.81 7.99 -26.17
CA GLU A 90 -28.60 8.17 -25.38
C GLU A 90 -27.52 8.83 -26.23
N ASN A 91 -27.14 10.04 -25.86
CA ASN A 91 -26.06 10.74 -26.57
C ASN A 91 -24.74 10.07 -26.30
N PHE A 92 -23.92 9.97 -27.33
CA PHE A 92 -22.57 9.47 -27.17
C PHE A 92 -21.61 10.60 -27.46
N ASN A 93 -20.32 10.25 -27.52
CA ASN A 93 -19.34 11.09 -28.16
C ASN A 93 -18.20 10.18 -28.59
N MET A 94 -17.54 10.56 -29.67
CA MET A 94 -16.35 9.84 -30.09
C MET A 94 -15.08 10.64 -29.85
N TRP A 95 -15.17 11.81 -29.24
CA TRP A 95 -13.93 12.48 -28.86
C TRP A 95 -13.76 12.60 -27.36
N LYS A 96 -14.83 12.95 -26.63
CA LYS A 96 -14.71 13.07 -25.19
C LYS A 96 -15.04 11.78 -24.47
N ASN A 97 -14.78 10.64 -25.11
CA ASN A 97 -15.00 9.33 -24.51
C ASN A 97 -13.68 8.87 -23.92
N ASN A 98 -13.70 8.53 -22.63
CA ASN A 98 -12.51 8.13 -21.89
C ASN A 98 -11.91 6.81 -22.33
N MET A 99 -12.63 6.02 -23.13
CA MET A 99 -12.13 4.71 -23.51
C MET A 99 -10.96 4.79 -24.47
N VAL A 100 -10.80 5.89 -25.17
CA VAL A 100 -9.69 5.98 -26.11
C VAL A 100 -8.48 6.66 -25.50
N GLU A 101 -8.68 7.58 -24.56
CA GLU A 101 -7.54 8.09 -23.78
C GLU A 101 -6.97 7.04 -22.86
N GLN A 102 -7.75 6.02 -22.53
CA GLN A 102 -7.25 4.98 -21.64
C GLN A 102 -6.27 4.07 -22.36
N MET A 103 -6.51 3.79 -23.64
CA MET A 103 -5.56 2.95 -24.39
C MET A 103 -4.23 3.62 -24.56
N HIS A 104 -4.23 4.93 -24.84
CA HIS A 104 -3.00 5.60 -25.20
C HIS A 104 -2.09 5.79 -24.00
N GLU A 105 -2.64 5.72 -22.80
CA GLU A 105 -1.82 5.59 -21.60
C GLU A 105 -1.49 4.14 -21.27
N ASP A 106 -2.03 3.18 -22.01
CA ASP A 106 -1.78 1.77 -21.73
C ASP A 106 -0.97 1.08 -22.81
N ILE A 107 -1.25 1.36 -24.08
CA ILE A 107 -0.50 0.68 -25.12
C ILE A 107 0.92 1.23 -25.20
N ILE A 108 1.17 2.44 -24.70
CA ILE A 108 2.55 2.84 -24.56
C ILE A 108 3.16 2.22 -23.31
N SER A 109 2.35 1.78 -22.36
CA SER A 109 2.92 1.13 -21.20
C SER A 109 3.27 -0.31 -21.52
N LEU A 110 2.40 -1.00 -22.27
CA LEU A 110 2.71 -2.34 -22.74
C LEU A 110 3.91 -2.35 -23.66
N TRP A 111 4.05 -1.33 -24.49
CA TRP A 111 5.13 -1.34 -25.43
C TRP A 111 6.43 -0.88 -24.82
N ASP A 112 6.40 -0.33 -23.60
CA ASP A 112 7.62 0.06 -22.93
C ASP A 112 8.00 -0.86 -21.78
N GLN A 113 7.07 -1.67 -21.27
CA GLN A 113 7.51 -2.72 -20.37
C GLN A 113 8.29 -3.77 -21.14
N SER A 114 7.89 -4.07 -22.37
CA SER A 114 8.60 -5.03 -23.19
C SER A 114 9.85 -4.46 -23.85
N LEU A 115 10.29 -3.28 -23.45
CA LEU A 115 11.49 -2.67 -23.98
C LEU A 115 12.55 -2.43 -22.91
N LYS A 116 12.13 -2.25 -21.66
CA LYS A 116 13.06 -1.98 -20.56
C LYS A 116 14.11 -3.06 -20.32
N PRO A 117 13.81 -4.36 -20.19
CA PRO A 117 14.88 -5.31 -19.82
C PRO A 117 15.89 -5.62 -20.92
N CYS A 118 15.75 -5.05 -22.11
CA CYS A 118 16.65 -5.41 -23.19
C CYS A 118 17.91 -4.54 -23.14
N VAL A 119 18.79 -4.75 -24.11
CA VAL A 119 20.11 -4.15 -24.08
C VAL A 119 20.04 -2.69 -24.53
N LYS A 120 20.87 -1.86 -23.93
CA LYS A 120 21.07 -0.50 -24.40
C LYS A 120 22.12 -0.47 -25.50
N LEU A 121 22.12 0.60 -26.27
CA LEU A 121 22.98 0.72 -27.43
C LEU A 121 23.89 1.92 -27.29
N THR A 122 24.28 2.20 -26.07
CA THR A 122 25.08 3.37 -25.74
C THR A 122 26.49 3.36 -26.36
N PRO A 123 27.26 2.26 -26.39
CA PRO A 123 28.57 2.35 -27.06
C PRO A 123 28.49 2.41 -28.58
N LEU A 124 27.31 2.28 -29.18
CA LEU A 124 27.27 2.33 -30.63
C LEU A 124 27.45 3.74 -31.16
N CYS A 125 27.12 4.76 -30.37
CA CYS A 125 27.23 6.13 -30.86
C CYS A 125 28.70 6.54 -30.88
N VAL A 126 29.37 6.18 -31.96
CA VAL A 126 30.77 6.48 -32.17
C VAL A 126 30.94 7.03 -33.59
N THR A 127 32.18 7.26 -33.97
CA THR A 127 32.47 7.80 -35.30
C THR A 127 32.41 6.69 -36.33
N LEU A 128 31.63 6.90 -37.38
CA LEU A 128 31.45 5.89 -38.41
C LEU A 128 32.33 6.18 -39.62
N ASN A 129 32.32 5.22 -40.54
CA ASN A 129 33.10 5.30 -41.78
C ASN A 129 32.34 4.47 -42.80
N CYS A 130 31.59 5.14 -43.68
CA CYS A 130 30.59 4.45 -44.47
C CYS A 130 30.90 4.54 -45.96
N THR A 131 30.46 3.52 -46.69
CA THR A 131 30.57 3.47 -48.14
C THR A 131 29.47 2.56 -48.66
N ASP A 132 29.28 2.55 -49.96
CA ASP A 132 28.07 2.01 -50.59
C ASP A 132 28.43 0.82 -51.47
N LEU A 133 27.92 -0.36 -51.12
CA LEU A 133 27.86 -1.51 -52.04
C LEU A 133 26.84 -2.57 -51.57
N GLU A 153 18.60 5.58 -57.91
CA GLU A 153 18.72 4.75 -56.71
C GLU A 153 20.03 5.05 -55.97
N GLY A 154 21.14 4.84 -56.66
CA GLY A 154 22.44 5.22 -56.13
C GLY A 154 22.91 4.32 -55.00
N GLY A 155 23.62 4.91 -54.05
CA GLY A 155 24.09 4.18 -52.89
C GLY A 155 23.21 4.45 -51.68
N GLU A 156 22.40 3.46 -51.31
CA GLU A 156 21.44 3.61 -50.21
C GLU A 156 21.90 2.90 -48.96
N ILE A 157 22.11 1.61 -49.04
CA ILE A 157 22.59 0.86 -47.90
C ILE A 157 24.08 1.10 -47.76
N LYS A 158 24.56 1.18 -46.53
CA LYS A 158 25.89 1.71 -46.28
C LYS A 158 26.76 0.71 -45.53
N ASN A 159 27.83 0.26 -46.18
CA ASN A 159 28.87 -0.53 -45.53
C ASN A 159 29.60 0.39 -44.58
N CYS A 160 29.32 0.28 -43.30
CA CYS A 160 29.92 1.16 -42.32
C CYS A 160 30.89 0.38 -41.44
N SER A 161 31.93 1.07 -40.99
CA SER A 161 33.03 0.45 -40.25
C SER A 161 33.40 1.35 -39.07
N PHE A 162 32.77 1.09 -37.94
CA PHE A 162 33.16 1.66 -36.66
C PHE A 162 34.04 0.65 -35.94
N ASN A 163 34.91 1.14 -35.05
CA ASN A 163 35.96 0.20 -34.67
C ASN A 163 36.20 0.05 -33.16
N ILE A 164 35.21 0.34 -32.31
CA ILE A 164 35.35 -0.05 -30.91
C ILE A 164 34.14 -0.86 -30.49
N THR A 165 34.38 -1.79 -29.55
CA THR A 165 33.31 -2.50 -28.85
C THR A 165 33.90 -2.95 -27.53
N THR A 166 33.47 -2.34 -26.44
CA THR A 166 34.07 -2.57 -25.13
C THR A 166 33.38 -3.74 -24.43
N SER A 167 33.63 -4.94 -24.95
CA SER A 167 33.35 -6.14 -24.19
C SER A 167 34.25 -6.24 -22.97
N MET A 168 35.48 -5.76 -23.10
CA MET A 168 36.44 -5.63 -22.03
C MET A 168 36.91 -4.17 -22.01
N ARG A 169 37.99 -3.91 -21.29
CA ARG A 169 38.52 -2.55 -21.21
C ARG A 169 39.72 -2.32 -22.10
N ASP A 170 40.70 -3.23 -22.04
CA ASP A 170 41.97 -3.00 -22.70
C ASP A 170 41.90 -3.15 -24.21
N LYS A 171 41.02 -4.02 -24.69
CA LYS A 171 41.01 -4.43 -26.09
C LYS A 171 39.65 -4.07 -26.66
N VAL A 172 39.58 -2.97 -27.38
CA VAL A 172 38.38 -2.59 -28.11
C VAL A 172 38.46 -3.17 -29.51
N GLN A 173 37.30 -3.46 -30.08
CA GLN A 173 37.17 -4.37 -31.22
C GLN A 173 36.70 -3.63 -32.46
N LYS A 174 37.44 -3.79 -33.56
CA LYS A 174 36.99 -3.26 -34.85
C LYS A 174 35.75 -4.01 -35.32
N GLU A 175 34.95 -3.35 -36.16
CA GLU A 175 33.67 -3.98 -36.43
C GLU A 175 33.11 -3.60 -37.81
N TYR A 176 32.50 -4.60 -38.42
CA TYR A 176 31.77 -4.53 -39.69
C TYR A 176 30.29 -4.25 -39.46
N ALA A 177 29.69 -3.42 -40.32
CA ALA A 177 28.27 -3.07 -40.14
C ALA A 177 27.65 -2.61 -41.46
N LEU A 178 26.33 -2.73 -41.52
CA LEU A 178 25.53 -2.36 -42.69
C LEU A 178 24.31 -1.56 -42.26
N PHE A 179 24.18 -0.34 -42.74
CA PHE A 179 23.20 0.63 -42.24
C PHE A 179 22.31 1.14 -43.37
N TYR A 180 21.49 2.15 -43.05
CA TYR A 180 20.53 2.74 -43.97
C TYR A 180 20.59 4.25 -43.88
N LYS A 181 20.23 4.90 -44.99
CA LYS A 181 20.22 6.36 -45.05
C LYS A 181 19.16 6.98 -44.16
N LEU A 182 18.17 6.22 -43.75
CA LEU A 182 17.19 6.70 -42.79
C LEU A 182 17.65 6.53 -41.35
N ASP A 183 18.89 6.14 -41.12
CA ASP A 183 19.41 5.99 -39.76
C ASP A 183 20.71 6.72 -39.50
N VAL A 184 21.45 7.14 -40.52
CA VAL A 184 22.76 7.74 -40.32
C VAL A 184 22.74 9.19 -40.73
N VAL A 185 23.62 9.99 -40.13
CA VAL A 185 23.73 11.41 -40.40
C VAL A 185 25.16 11.75 -40.79
N PRO A 186 25.37 12.77 -41.62
CA PRO A 186 26.73 13.16 -41.97
C PRO A 186 27.37 14.06 -40.92
N ILE A 187 28.69 14.09 -40.95
CA ILE A 187 29.49 14.94 -40.07
C ILE A 187 30.32 15.86 -40.96
N LYS A 188 30.54 17.08 -40.47
CA LYS A 188 30.93 18.23 -41.28
C LYS A 188 32.42 18.56 -41.18
N ASN A 189 33.23 17.75 -40.52
CA ASN A 189 34.57 18.18 -40.13
C ASN A 189 35.70 17.47 -40.87
N ASP A 190 35.40 16.50 -41.72
CA ASP A 190 36.40 15.62 -42.31
C ASP A 190 35.87 15.14 -43.66
N ASN A 191 36.35 13.98 -44.11
CA ASN A 191 35.73 13.30 -45.25
C ASN A 191 34.46 12.58 -44.82
N THR A 192 33.96 11.68 -45.65
CA THR A 192 32.70 11.00 -45.37
C THR A 192 32.83 10.09 -44.15
N SER A 193 32.05 10.42 -43.11
CA SER A 193 32.15 9.77 -41.81
C SER A 193 30.87 10.11 -41.05
N TYR A 194 30.21 9.09 -40.52
CA TYR A 194 28.83 9.26 -40.07
C TYR A 194 28.69 9.01 -38.57
N ARG A 195 27.42 8.98 -38.16
CA ARG A 195 26.99 8.71 -36.79
C ARG A 195 25.51 8.38 -36.88
N LEU A 196 25.00 7.66 -35.88
CA LEU A 196 23.57 7.41 -35.79
C LEU A 196 22.80 8.71 -35.59
N ILE A 197 21.52 8.66 -35.89
CA ILE A 197 20.73 9.88 -35.98
C ILE A 197 20.36 10.42 -34.60
N SER A 198 20.10 9.56 -33.64
CA SER A 198 19.44 9.98 -32.41
C SER A 198 20.33 9.77 -31.20
N CYS A 199 21.64 10.04 -31.35
CA CYS A 199 22.57 10.01 -30.24
C CYS A 199 22.21 11.05 -29.19
N ASN A 200 22.32 12.32 -29.56
CA ASN A 200 21.98 13.41 -28.65
C ASN A 200 20.49 13.62 -28.49
N THR A 201 19.66 12.75 -29.06
CA THR A 201 18.21 12.86 -28.92
C THR A 201 17.71 12.09 -27.72
N SER A 202 17.91 10.78 -27.70
CA SER A 202 17.48 9.96 -26.57
C SER A 202 18.32 8.70 -26.54
N VAL A 203 18.05 7.86 -25.56
CA VAL A 203 18.77 6.61 -25.38
C VAL A 203 18.24 5.62 -26.41
N ILE A 204 19.09 5.24 -27.35
CA ILE A 204 18.71 4.25 -28.33
C ILE A 204 18.76 2.87 -27.69
N THR A 205 17.63 2.17 -27.68
CA THR A 205 17.50 0.91 -26.97
C THR A 205 17.05 -0.16 -27.95
N GLN A 206 17.81 -1.25 -28.05
CA GLN A 206 17.45 -2.34 -28.92
C GLN A 206 16.29 -3.12 -28.32
N ALA A 207 15.35 -3.53 -29.17
CA ALA A 207 14.35 -4.50 -28.75
C ALA A 207 14.94 -5.89 -28.83
N CYS A 208 14.58 -6.75 -27.87
CA CYS A 208 15.06 -8.12 -27.88
C CYS A 208 14.50 -8.87 -29.09
N PRO A 209 15.31 -9.69 -29.75
CA PRO A 209 14.87 -10.29 -31.01
C PRO A 209 13.86 -11.40 -30.82
N LYS A 210 13.78 -11.98 -29.62
CA LYS A 210 12.82 -13.04 -29.34
C LYS A 210 11.51 -12.47 -28.79
N VAL A 211 10.98 -11.46 -29.47
CA VAL A 211 9.68 -10.92 -29.12
C VAL A 211 8.81 -11.06 -30.37
N SER A 212 7.58 -10.60 -30.29
CA SER A 212 6.68 -10.63 -31.42
C SER A 212 6.06 -9.26 -31.63
N PHE A 213 5.40 -9.08 -32.78
CA PHE A 213 4.81 -7.80 -33.09
C PHE A 213 3.43 -7.87 -33.72
N GLU A 214 2.83 -9.05 -33.85
CA GLU A 214 1.59 -9.16 -34.58
C GLU A 214 0.44 -8.53 -33.80
N PRO A 215 -0.49 -7.89 -34.50
CA PRO A 215 -1.73 -7.46 -33.84
C PRO A 215 -2.61 -8.66 -33.57
N ILE A 216 -3.12 -8.73 -32.35
CA ILE A 216 -4.08 -9.75 -31.93
C ILE A 216 -5.25 -9.01 -31.29
N PRO A 217 -6.50 -9.34 -31.65
CA PRO A 217 -7.64 -8.54 -31.18
C PRO A 217 -7.83 -8.61 -29.68
N ILE A 218 -7.97 -7.44 -29.06
CA ILE A 218 -7.99 -7.28 -27.62
C ILE A 218 -9.40 -6.88 -27.23
N HIS A 219 -10.16 -7.80 -26.68
CA HIS A 219 -11.52 -7.49 -26.27
C HIS A 219 -11.46 -6.77 -24.93
N TYR A 220 -11.77 -5.49 -24.92
CA TYR A 220 -11.96 -4.81 -23.64
C TYR A 220 -13.24 -5.26 -22.97
N CYS A 221 -13.10 -5.86 -21.80
CA CYS A 221 -14.23 -6.22 -20.96
C CYS A 221 -14.28 -5.26 -19.80
N ALA A 222 -15.46 -4.70 -19.54
CA ALA A 222 -15.66 -3.93 -18.33
C ALA A 222 -15.64 -4.87 -17.13
N PRO A 223 -15.24 -4.39 -15.96
CA PRO A 223 -15.34 -5.22 -14.75
C PRO A 223 -16.78 -5.38 -14.33
N ALA A 224 -16.99 -6.34 -13.42
CA ALA A 224 -18.33 -6.78 -13.06
C ALA A 224 -19.10 -5.66 -12.36
N GLY A 225 -20.40 -5.63 -12.61
CA GLY A 225 -21.22 -4.54 -12.16
C GLY A 225 -21.27 -3.36 -13.11
N PHE A 226 -20.27 -3.21 -13.96
CA PHE A 226 -20.32 -2.23 -15.03
C PHE A 226 -20.87 -2.87 -16.30
N ALA A 227 -21.08 -2.04 -17.32
CA ALA A 227 -21.57 -2.51 -18.59
C ALA A 227 -21.12 -1.54 -19.67
N ILE A 228 -21.14 -2.03 -20.91
CA ILE A 228 -20.77 -1.20 -22.05
C ILE A 228 -21.98 -1.14 -22.97
N LEU A 229 -22.41 0.08 -23.29
CA LEU A 229 -23.52 0.25 -24.21
C LEU A 229 -22.99 0.38 -25.63
N LYS A 230 -23.80 -0.06 -26.59
CA LYS A 230 -23.40 -0.02 -27.98
C LYS A 230 -24.59 0.35 -28.85
N CYS A 231 -24.43 1.38 -29.67
CA CYS A 231 -25.45 1.78 -30.63
C CYS A 231 -25.35 0.96 -31.90
N ASN A 232 -26.45 0.96 -32.67
CA ASN A 232 -26.49 0.24 -33.93
C ASN A 232 -27.23 1.04 -35.00
N ASP A 233 -26.97 2.34 -35.09
CA ASP A 233 -27.48 3.14 -36.20
C ASP A 233 -26.43 3.20 -37.30
N LYS A 234 -26.87 2.93 -38.53
CA LYS A 234 -25.95 2.91 -39.66
C LYS A 234 -25.51 4.30 -40.05
N LYS A 235 -26.30 5.32 -39.74
CA LYS A 235 -26.07 6.68 -40.19
C LYS A 235 -25.59 7.57 -39.04
N PHE A 236 -24.80 7.01 -38.12
CA PHE A 236 -24.50 7.70 -36.87
C PHE A 236 -23.41 8.73 -37.08
N ASN A 237 -23.67 9.98 -36.66
CA ASN A 237 -22.74 11.06 -36.94
C ASN A 237 -21.45 10.95 -36.15
N GLY A 238 -21.45 10.20 -35.05
CA GLY A 238 -20.31 10.16 -34.18
C GLY A 238 -20.53 10.86 -32.86
N THR A 239 -21.50 11.77 -32.79
CA THR A 239 -21.68 12.55 -31.57
C THR A 239 -23.13 12.84 -31.21
N GLY A 240 -24.11 12.28 -31.90
CA GLY A 240 -25.48 12.57 -31.62
C GLY A 240 -26.09 11.56 -30.66
N PRO A 241 -27.41 11.49 -30.63
CA PRO A 241 -28.08 10.41 -29.90
C PRO A 241 -28.21 9.16 -30.78
N CYS A 242 -28.68 8.09 -30.15
CA CYS A 242 -28.91 6.82 -30.83
C CYS A 242 -30.32 6.34 -30.53
N THR A 243 -30.73 5.30 -31.25
CA THR A 243 -32.06 4.73 -31.05
C THR A 243 -32.02 3.27 -30.63
N ASN A 244 -31.37 2.39 -31.39
CA ASN A 244 -31.16 1.02 -30.95
C ASN A 244 -29.83 0.93 -30.22
N VAL A 245 -29.87 1.00 -28.90
CA VAL A 245 -28.69 0.87 -28.08
C VAL A 245 -28.69 -0.53 -27.50
N SER A 246 -27.78 -1.36 -27.96
CA SER A 246 -27.65 -2.70 -27.41
C SER A 246 -26.66 -2.69 -26.25
N THR A 247 -26.77 -3.70 -25.40
CA THR A 247 -25.90 -3.84 -24.23
C THR A 247 -25.08 -5.11 -24.35
N VAL A 248 -23.77 -4.96 -24.27
CA VAL A 248 -22.87 -6.10 -24.24
C VAL A 248 -22.13 -6.06 -22.92
N GLN A 249 -21.29 -7.06 -22.68
CA GLN A 249 -20.41 -7.05 -21.52
C GLN A 249 -18.97 -6.80 -21.90
N CYS A 250 -18.61 -7.01 -23.16
CA CYS A 250 -17.22 -6.94 -23.55
C CYS A 250 -17.18 -6.72 -25.06
N THR A 251 -16.33 -5.80 -25.51
CA THR A 251 -16.41 -5.30 -26.86
C THR A 251 -15.90 -6.31 -27.87
N HIS A 252 -15.88 -5.89 -29.13
CA HIS A 252 -15.50 -6.76 -30.23
C HIS A 252 -13.99 -6.73 -30.40
N GLY A 253 -13.51 -7.30 -31.50
CA GLY A 253 -12.08 -7.39 -31.70
C GLY A 253 -11.49 -6.05 -32.09
N ILE A 254 -10.36 -5.71 -31.49
CA ILE A 254 -9.63 -4.49 -31.82
C ILE A 254 -8.21 -4.90 -32.14
N ARG A 255 -7.85 -4.84 -33.40
CA ARG A 255 -6.46 -5.09 -33.76
C ARG A 255 -5.62 -3.88 -33.38
N PRO A 256 -4.57 -4.04 -32.61
CA PRO A 256 -3.77 -2.90 -32.16
C PRO A 256 -2.77 -2.43 -33.21
N VAL A 257 -3.26 -2.10 -34.39
CA VAL A 257 -2.39 -1.80 -35.52
C VAL A 257 -1.89 -0.37 -35.39
N VAL A 258 -0.59 -0.19 -35.53
CA VAL A 258 0.00 1.15 -35.58
C VAL A 258 0.40 1.48 -37.02
N SER A 259 -0.07 2.63 -37.49
CA SER A 259 0.20 3.10 -38.84
C SER A 259 -0.15 4.57 -38.90
N THR A 260 0.20 5.19 -40.01
CA THR A 260 0.00 6.62 -40.19
C THR A 260 -0.47 6.85 -41.62
N GLN A 261 -1.43 7.78 -41.79
CA GLN A 261 -2.11 8.21 -43.01
C GLN A 261 -3.12 7.19 -43.53
N LEU A 262 -3.14 5.99 -42.96
CA LEU A 262 -4.14 4.99 -43.29
C LEU A 262 -4.44 4.16 -42.05
N LEU A 263 -5.38 3.24 -42.20
CA LEU A 263 -5.63 2.23 -41.19
C LEU A 263 -5.54 0.88 -41.86
N LEU A 264 -5.01 -0.09 -41.14
CA LEU A 264 -4.82 -1.43 -41.67
C LEU A 264 -5.55 -2.43 -40.80
N ASN A 265 -6.34 -3.29 -41.44
CA ASN A 265 -7.17 -4.37 -40.91
C ASN A 265 -8.37 -3.88 -40.12
N GLY A 266 -8.39 -2.60 -39.76
CA GLY A 266 -9.54 -1.77 -39.44
C GLY A 266 -10.77 -2.35 -38.79
N SER A 267 -11.90 -1.90 -39.32
CA SER A 267 -13.18 -2.57 -39.21
C SER A 267 -13.91 -2.27 -40.50
N LEU A 268 -15.23 -2.48 -40.51
CA LEU A 268 -16.02 -2.20 -41.70
C LEU A 268 -17.24 -1.40 -41.32
N ALA A 269 -17.30 -0.16 -41.80
CA ALA A 269 -18.59 0.49 -41.91
C ALA A 269 -19.44 -0.26 -42.91
N GLU A 270 -20.73 -0.33 -42.66
CA GLU A 270 -21.61 -1.13 -43.49
C GLU A 270 -22.49 -0.25 -44.36
N GLU A 271 -22.76 -0.78 -45.56
CA GLU A 271 -23.76 -0.36 -46.55
C GLU A 271 -23.44 0.92 -47.30
N GLU A 272 -22.44 1.68 -46.84
CA GLU A 272 -22.01 2.94 -47.46
C GLU A 272 -20.74 3.39 -46.73
N VAL A 273 -20.28 4.59 -47.07
CA VAL A 273 -18.98 5.10 -46.65
C VAL A 273 -19.17 6.32 -45.75
N VAL A 274 -18.72 6.20 -44.52
CA VAL A 274 -19.04 7.16 -43.47
C VAL A 274 -17.88 8.11 -43.28
N ILE A 275 -18.19 9.39 -43.10
CA ILE A 275 -17.21 10.42 -42.78
C ILE A 275 -17.67 11.13 -41.52
N ARG A 276 -16.78 11.20 -40.53
CA ARG A 276 -17.13 11.82 -39.25
C ARG A 276 -16.10 12.85 -38.85
N SER A 277 -16.56 13.98 -38.34
CA SER A 277 -15.73 14.92 -37.59
C SER A 277 -16.65 15.83 -36.79
N ALA A 278 -16.04 16.65 -35.94
CA ALA A 278 -16.78 17.42 -34.95
C ALA A 278 -17.12 18.83 -35.44
N ASN A 279 -16.09 19.61 -35.74
CA ASN A 279 -16.21 21.00 -36.14
C ASN A 279 -15.84 21.04 -37.62
N PHE A 280 -16.85 20.92 -38.48
CA PHE A 280 -16.64 20.83 -39.92
C PHE A 280 -16.02 22.09 -40.47
N THR A 281 -16.61 23.24 -40.16
CA THR A 281 -16.11 24.48 -40.73
C THR A 281 -14.87 25.00 -40.03
N ASP A 282 -14.38 24.31 -39.01
CA ASP A 282 -13.01 24.50 -38.57
C ASP A 282 -12.11 23.52 -39.31
N ASN A 283 -10.88 23.97 -39.57
CA ASN A 283 -9.88 23.11 -40.17
C ASN A 283 -9.28 22.13 -39.17
N ALA A 284 -9.50 22.35 -37.88
CA ALA A 284 -8.73 21.65 -36.86
C ALA A 284 -9.18 20.20 -36.71
N LYS A 285 -10.48 20.00 -36.51
CA LYS A 285 -11.02 18.67 -36.22
C LYS A 285 -10.90 17.78 -37.46
N ILE A 286 -10.02 16.79 -37.36
CA ILE A 286 -9.67 15.93 -38.47
C ILE A 286 -10.86 15.06 -38.85
N ILE A 287 -11.17 14.99 -40.13
CA ILE A 287 -12.22 14.08 -40.54
C ILE A 287 -11.64 12.68 -40.61
N ILE A 288 -12.49 11.69 -40.36
CA ILE A 288 -12.09 10.28 -40.35
C ILE A 288 -12.95 9.56 -41.36
N VAL A 289 -12.30 8.86 -42.28
CA VAL A 289 -12.98 8.17 -43.37
C VAL A 289 -12.90 6.68 -43.11
N GLN A 290 -14.04 6.11 -42.74
CA GLN A 290 -14.25 4.69 -42.62
C GLN A 290 -14.94 4.21 -43.89
N LEU A 291 -14.79 2.93 -44.20
CA LEU A 291 -15.18 2.40 -45.50
C LEU A 291 -15.99 1.13 -45.35
N ASN A 292 -16.71 0.76 -46.40
CA ASN A 292 -16.97 -0.64 -46.66
C ASN A 292 -15.94 -1.10 -47.68
N LYS A 293 -16.13 -2.32 -48.20
CA LYS A 293 -15.45 -2.82 -49.41
C LYS A 293 -13.93 -2.78 -49.23
N SER A 294 -13.49 -3.67 -48.35
CA SER A 294 -12.12 -3.71 -47.86
C SER A 294 -11.09 -3.79 -48.98
N VAL A 295 -10.33 -2.72 -49.14
CA VAL A 295 -9.38 -2.61 -50.23
C VAL A 295 -8.10 -3.32 -49.84
N GLU A 296 -7.67 -4.26 -50.68
CA GLU A 296 -6.53 -5.09 -50.36
C GLU A 296 -5.25 -4.43 -50.85
N ILE A 297 -4.17 -4.64 -50.09
CA ILE A 297 -2.84 -4.18 -50.46
C ILE A 297 -1.86 -5.33 -50.25
N ASN A 298 -0.87 -5.43 -51.12
CA ASN A 298 0.31 -6.25 -50.89
C ASN A 298 1.49 -5.33 -50.69
N CYS A 299 2.34 -5.68 -49.73
CA CYS A 299 3.60 -4.99 -49.53
C CYS A 299 4.66 -6.02 -49.21
N THR A 300 5.88 -5.79 -49.67
CA THR A 300 6.89 -6.82 -49.55
C THR A 300 8.28 -6.21 -49.44
N ARG A 301 9.21 -7.04 -48.98
CA ARG A 301 10.62 -6.68 -48.85
C ARG A 301 11.36 -7.66 -49.75
N PRO A 302 11.58 -7.32 -51.01
CA PRO A 302 12.18 -8.27 -51.95
C PRO A 302 13.70 -8.41 -51.81
N ASN A 303 14.13 -8.88 -50.64
CA ASN A 303 15.54 -9.13 -50.38
C ASN A 303 15.65 -10.36 -49.49
N ASN A 304 16.88 -10.79 -49.23
CA ASN A 304 17.10 -12.00 -48.44
C ASN A 304 17.52 -11.67 -47.01
N ASN A 305 18.53 -10.81 -46.86
CA ASN A 305 18.87 -10.13 -45.61
C ASN A 305 19.27 -11.12 -44.51
N THR A 306 20.41 -11.75 -44.70
CA THR A 306 21.00 -12.52 -43.62
C THR A 306 21.56 -11.58 -42.55
N ARG A 307 21.47 -12.03 -41.31
CA ARG A 307 21.90 -11.24 -40.17
C ARG A 307 23.02 -11.95 -39.42
N LYS A 308 23.99 -11.18 -39.01
CA LYS A 308 25.03 -11.63 -38.11
C LYS A 308 24.72 -11.12 -36.71
N SER A 309 25.58 -11.49 -35.76
CA SER A 309 25.45 -11.02 -34.39
C SER A 309 26.78 -10.41 -33.97
N ILE A 310 26.70 -9.41 -33.09
CA ILE A 310 27.88 -8.73 -32.58
C ILE A 310 27.78 -8.72 -31.07
N HIS A 311 28.74 -9.33 -30.39
CA HIS A 311 28.70 -9.40 -28.94
C HIS A 311 29.23 -8.10 -28.36
N ILE A 312 28.34 -7.27 -27.81
CA ILE A 312 28.72 -6.04 -27.14
C ILE A 312 28.35 -6.07 -25.66
N GLY A 313 27.17 -6.57 -25.32
CA GLY A 313 26.79 -6.75 -23.93
C GLY A 313 27.30 -8.08 -23.47
N PRO A 314 27.88 -8.12 -22.28
CA PRO A 314 28.48 -9.36 -21.78
C PRO A 314 27.40 -10.38 -21.43
N GLY A 315 26.94 -11.07 -22.46
CA GLY A 315 25.72 -11.87 -22.40
C GLY A 315 24.60 -11.30 -23.23
N ARG A 316 24.86 -10.22 -23.98
CA ARG A 316 23.83 -9.54 -24.78
C ARG A 316 24.41 -9.25 -26.15
N ALA A 317 23.92 -9.94 -27.16
CA ALA A 317 24.46 -9.83 -28.51
C ALA A 317 23.69 -8.79 -29.32
N PHE A 318 24.43 -7.95 -30.04
CA PHE A 318 23.82 -6.99 -30.94
C PHE A 318 23.63 -7.57 -32.32
N TYR A 319 22.47 -7.32 -32.90
CA TYR A 319 22.08 -7.91 -34.17
C TYR A 319 22.09 -6.85 -35.25
N THR A 320 22.69 -7.18 -36.38
CA THR A 320 22.73 -6.27 -37.52
C THR A 320 22.68 -7.08 -38.80
N THR A 321 22.58 -6.36 -39.91
CA THR A 321 22.54 -6.98 -41.22
C THR A 321 23.89 -7.59 -41.55
N GLY A 322 23.94 -8.91 -41.64
CA GLY A 322 25.17 -9.61 -41.97
C GLY A 322 25.57 -9.34 -43.40
N GLU A 323 24.80 -9.86 -44.35
CA GLU A 323 24.98 -9.53 -45.75
C GLU A 323 23.68 -9.88 -46.47
N ILE A 324 23.31 -9.05 -47.42
CA ILE A 324 22.18 -9.33 -48.29
C ILE A 324 22.62 -10.35 -49.35
N ILE A 325 21.69 -11.20 -49.77
CA ILE A 325 21.93 -12.19 -50.80
C ILE A 325 20.96 -11.95 -51.94
N GLY A 326 21.50 -11.83 -53.16
CA GLY A 326 20.68 -11.66 -54.33
C GLY A 326 20.90 -10.32 -54.98
N ASP A 327 19.82 -9.56 -55.15
CA ASP A 327 19.87 -8.29 -55.85
C ASP A 327 19.21 -7.23 -54.99
N ILE A 328 19.83 -6.05 -54.94
CA ILE A 328 19.31 -4.95 -54.14
C ILE A 328 18.05 -4.43 -54.82
N ARG A 329 16.90 -4.82 -54.29
CA ARG A 329 15.62 -4.49 -54.88
C ARG A 329 14.81 -3.75 -53.83
N GLN A 330 14.30 -2.57 -54.20
CA GLN A 330 13.64 -1.71 -53.23
C GLN A 330 12.29 -2.28 -52.81
N ALA A 331 12.00 -2.13 -51.52
CA ALA A 331 10.70 -2.52 -51.01
C ALA A 331 9.62 -1.58 -51.54
N HIS A 332 8.45 -2.13 -51.79
CA HIS A 332 7.38 -1.37 -52.41
C HIS A 332 6.06 -1.96 -51.97
N CYS A 333 4.98 -1.48 -52.59
CA CYS A 333 3.66 -2.04 -52.34
C CYS A 333 2.91 -2.17 -53.66
N ASN A 334 1.85 -2.96 -53.64
CA ASN A 334 0.95 -3.07 -54.78
C ASN A 334 -0.48 -2.82 -54.37
N ILE A 335 -1.16 -2.00 -55.16
CA ILE A 335 -2.56 -1.66 -54.93
C ILE A 335 -3.30 -1.86 -56.26
N SER A 336 -4.46 -2.50 -56.19
CA SER A 336 -5.32 -2.65 -57.37
C SER A 336 -5.82 -1.29 -57.84
N GLY A 337 -5.42 -0.93 -59.07
CA GLY A 337 -5.75 0.38 -59.60
C GLY A 337 -7.23 0.60 -59.86
N THR A 338 -8.00 -0.47 -59.95
CA THR A 338 -9.42 -0.31 -60.26
C THR A 338 -10.22 0.04 -59.02
N LYS A 339 -10.02 -0.70 -57.93
CA LYS A 339 -10.82 -0.51 -56.72
C LYS A 339 -10.53 0.81 -56.05
N TRP A 340 -9.29 1.28 -56.15
CA TRP A 340 -8.92 2.56 -55.54
C TRP A 340 -9.62 3.72 -56.22
N ASN A 341 -9.72 3.66 -57.55
CA ASN A 341 -10.36 4.73 -58.29
C ASN A 341 -11.86 4.75 -58.02
N ASP A 342 -12.45 3.56 -57.88
CA ASP A 342 -13.88 3.46 -57.61
C ASP A 342 -14.21 3.92 -56.22
N THR A 343 -13.26 3.83 -55.31
CA THR A 343 -13.53 4.12 -53.91
C THR A 343 -13.60 5.60 -53.65
N LEU A 344 -12.73 6.38 -54.30
CA LEU A 344 -12.60 7.79 -53.98
C LEU A 344 -13.81 8.58 -54.42
N LYS A 345 -14.44 8.18 -55.52
CA LYS A 345 -15.66 8.84 -55.97
C LYS A 345 -16.78 8.67 -54.95
N GLN A 346 -16.82 7.51 -54.30
CA GLN A 346 -17.83 7.25 -53.28
C GLN A 346 -17.61 8.12 -52.06
N ILE A 347 -16.39 8.56 -51.83
CA ILE A 347 -16.11 9.46 -50.73
C ILE A 347 -16.65 10.85 -51.05
N VAL A 348 -16.43 11.32 -52.28
CA VAL A 348 -16.72 12.68 -52.69
C VAL A 348 -18.22 12.97 -52.64
N VAL A 349 -19.04 11.96 -52.88
CA VAL A 349 -20.50 12.11 -52.78
C VAL A 349 -20.90 12.43 -51.35
N LYS A 350 -20.27 11.76 -50.38
CA LYS A 350 -20.52 12.11 -48.99
C LYS A 350 -19.80 13.40 -48.61
N LEU A 351 -18.71 13.72 -49.29
CA LEU A 351 -18.09 15.02 -49.10
C LEU A 351 -18.97 16.13 -49.62
N LYS A 352 -19.63 15.90 -50.75
CA LYS A 352 -20.55 16.88 -51.30
C LYS A 352 -21.93 16.86 -50.65
N GLU A 353 -22.07 16.20 -49.50
CA GLU A 353 -23.20 16.45 -48.63
C GLU A 353 -22.79 17.22 -47.39
N GLN A 354 -21.52 17.58 -47.26
CA GLN A 354 -21.04 18.52 -46.27
C GLN A 354 -20.20 19.63 -46.86
N PHE A 355 -19.68 19.44 -48.07
CA PHE A 355 -18.99 20.46 -48.84
C PHE A 355 -19.57 20.51 -50.24
N GLY A 356 -20.89 20.59 -50.32
CA GLY A 356 -21.56 20.41 -51.58
C GLY A 356 -21.51 21.57 -52.55
N ASN A 357 -20.28 22.03 -52.87
CA ASN A 357 -19.79 22.81 -54.01
C ASN A 357 -18.31 23.06 -53.76
N LYS A 358 -17.63 23.72 -54.72
CA LYS A 358 -16.18 24.00 -54.69
C LYS A 358 -15.39 22.70 -54.56
N THR A 359 -15.45 21.93 -55.65
CA THR A 359 -15.27 20.48 -55.69
C THR A 359 -14.01 19.92 -55.04
N ILE A 360 -14.07 18.64 -54.70
CA ILE A 360 -13.12 18.01 -53.81
C ILE A 360 -11.80 17.77 -54.54
N VAL A 361 -10.70 18.18 -53.93
CA VAL A 361 -9.37 18.06 -54.51
C VAL A 361 -8.49 17.25 -53.58
N PHE A 362 -7.80 16.26 -54.13
CA PHE A 362 -6.79 15.51 -53.40
C PHE A 362 -5.41 16.05 -53.73
N ASN A 363 -4.62 16.32 -52.70
CA ASN A 363 -3.24 16.70 -52.86
C ASN A 363 -2.48 16.05 -51.73
N HIS A 364 -1.24 15.63 -51.98
CA HIS A 364 -0.51 14.92 -50.96
C HIS A 364 0.03 15.89 -49.92
N SER A 365 0.23 15.39 -48.71
CA SER A 365 0.65 16.21 -47.57
C SER A 365 2.07 16.73 -47.71
N ASP A 369 10.82 16.98 -44.16
CA ASP A 369 10.78 16.05 -43.03
C ASP A 369 10.39 14.67 -43.54
N PRO A 370 11.27 13.69 -43.35
CA PRO A 370 10.99 12.34 -43.86
C PRO A 370 9.90 11.62 -43.08
N GLU A 371 9.76 11.87 -41.79
CA GLU A 371 8.87 11.05 -40.96
C GLU A 371 7.39 11.38 -41.18
N ILE A 372 7.00 12.61 -40.88
CA ILE A 372 5.58 12.91 -40.73
C ILE A 372 4.86 12.99 -42.08
N VAL A 373 5.59 13.25 -43.16
CA VAL A 373 4.96 13.38 -44.47
C VAL A 373 4.69 12.02 -45.08
N MET A 374 5.55 11.06 -44.82
CA MET A 374 5.49 9.75 -45.45
C MET A 374 4.34 8.93 -44.84
N HIS A 375 3.83 8.00 -45.63
CA HIS A 375 2.99 6.95 -45.06
C HIS A 375 3.85 5.97 -44.28
N SER A 376 3.34 5.51 -43.14
CA SER A 376 4.06 4.64 -42.23
C SER A 376 3.20 3.48 -41.79
N PHE A 377 3.81 2.31 -41.65
CA PHE A 377 3.17 1.13 -41.06
C PHE A 377 4.25 0.11 -40.72
N ASN A 378 3.80 -0.96 -40.08
CA ASN A 378 4.62 -2.10 -39.73
C ASN A 378 4.22 -3.29 -40.60
N CYS A 379 5.18 -4.15 -40.89
CA CYS A 379 4.93 -5.36 -41.68
C CYS A 379 5.80 -6.48 -41.12
N GLY A 380 5.20 -7.33 -40.31
CA GLY A 380 5.88 -8.50 -39.78
C GLY A 380 7.05 -8.17 -38.87
N GLY A 381 6.86 -7.20 -37.99
CA GLY A 381 7.97 -6.73 -37.19
C GLY A 381 8.97 -5.95 -38.01
N GLU A 382 8.52 -5.29 -39.07
CA GLU A 382 9.43 -4.50 -39.88
C GLU A 382 8.67 -3.29 -40.40
N PHE A 383 9.26 -2.12 -40.21
CA PHE A 383 8.56 -0.86 -40.38
C PHE A 383 8.85 -0.25 -41.73
N PHE A 384 7.80 0.07 -42.47
CA PHE A 384 7.89 0.59 -43.82
C PHE A 384 7.46 2.05 -43.86
N TYR A 385 8.22 2.84 -44.61
CA TYR A 385 7.86 4.21 -44.94
C TYR A 385 7.64 4.30 -46.43
N CYS A 386 6.41 4.57 -46.86
CA CYS A 386 6.02 4.42 -48.25
C CYS A 386 5.56 5.76 -48.83
N ASN A 387 6.04 6.07 -50.02
CA ASN A 387 5.68 7.30 -50.73
C ASN A 387 4.31 7.11 -51.34
N SER A 388 3.30 7.76 -50.76
CA SER A 388 1.92 7.63 -51.22
C SER A 388 1.49 8.86 -52.00
N THR A 389 2.41 9.41 -52.79
CA THR A 389 2.12 10.61 -53.57
C THR A 389 1.10 10.34 -54.65
N GLN A 390 1.10 9.12 -55.19
CA GLN A 390 0.28 8.81 -56.36
C GLN A 390 -1.20 8.82 -56.05
N LEU A 391 -1.57 8.53 -54.81
CA LEU A 391 -2.97 8.32 -54.47
C LEU A 391 -3.69 9.59 -54.11
N PHE A 392 -3.10 10.75 -54.38
CA PHE A 392 -3.68 12.03 -53.99
C PHE A 392 -3.53 13.04 -55.12
N ASN A 393 -3.91 12.63 -56.32
CA ASN A 393 -3.67 13.43 -57.51
C ASN A 393 -4.93 14.07 -58.09
N SER A 394 -6.07 13.39 -58.03
N SER A 394 -6.07 13.39 -58.03
CA SER A 394 -7.23 13.75 -58.82
CA SER A 394 -7.23 13.75 -58.82
C SER A 394 -8.11 14.80 -58.14
C SER A 394 -8.11 14.80 -58.14
N THR A 395 -9.16 15.18 -58.85
CA THR A 395 -10.27 15.97 -58.30
C THR A 395 -11.51 15.49 -59.04
N TRP A 396 -12.68 16.00 -58.64
CA TRP A 396 -13.90 15.50 -59.28
C TRP A 396 -14.87 16.62 -59.62
N ASN A 397 -14.33 17.71 -60.18
CA ASN A 397 -15.02 18.64 -61.08
C ASN A 397 -16.26 19.29 -60.49
N GLY A 406 -3.53 -0.45 -63.94
CA GLY A 406 -3.71 -1.84 -63.55
C GLY A 406 -3.44 -2.07 -62.08
N THR A 407 -2.17 -2.24 -61.75
CA THR A 407 -1.73 -2.49 -60.38
C THR A 407 -0.81 -1.35 -59.96
N ILE A 408 -1.28 -0.52 -59.04
CA ILE A 408 -0.54 0.67 -58.63
C ILE A 408 0.62 0.25 -57.74
N VAL A 409 1.82 0.72 -58.09
CA VAL A 409 3.04 0.42 -57.34
C VAL A 409 3.45 1.68 -56.59
N LEU A 410 3.62 1.55 -55.27
CA LEU A 410 4.11 2.67 -54.48
C LEU A 410 5.49 2.35 -53.94
N PRO A 411 6.46 3.25 -54.06
CA PRO A 411 7.79 2.97 -53.55
C PRO A 411 7.84 3.11 -52.03
N CYS A 412 8.73 2.35 -51.41
CA CYS A 412 8.79 2.31 -49.96
C CYS A 412 10.23 2.35 -49.48
N ARG A 413 10.44 3.01 -48.36
CA ARG A 413 11.74 3.11 -47.72
C ARG A 413 11.67 2.45 -46.35
N ILE A 414 12.83 2.05 -45.84
CA ILE A 414 12.93 1.26 -44.62
C ILE A 414 13.83 1.98 -43.62
N LYS A 415 13.27 2.30 -42.45
CA LYS A 415 14.01 2.89 -41.34
C LYS A 415 14.02 1.91 -40.18
N GLN A 416 15.14 1.80 -39.48
CA GLN A 416 15.25 0.88 -38.35
C GLN A 416 15.36 1.58 -37.00
N ILE A 417 15.20 2.88 -36.95
CA ILE A 417 15.20 3.59 -35.68
C ILE A 417 13.85 4.29 -35.61
N VAL A 418 12.89 3.65 -34.95
CA VAL A 418 11.56 4.20 -34.85
C VAL A 418 11.56 5.22 -33.72
N ASN A 419 10.49 5.97 -33.60
CA ASN A 419 10.38 6.95 -32.54
C ASN A 419 9.11 6.64 -31.76
N MET A 420 8.81 7.47 -30.78
CA MET A 420 7.66 7.21 -29.92
C MET A 420 6.42 7.85 -30.53
N TRP A 421 5.37 7.93 -29.72
CA TRP A 421 4.15 8.61 -30.05
C TRP A 421 4.28 10.09 -29.73
N GLN A 422 4.81 10.40 -28.56
CA GLN A 422 5.29 11.72 -28.19
C GLN A 422 6.66 12.00 -28.78
N GLU A 423 7.30 10.96 -29.33
CA GLU A 423 8.56 10.96 -30.13
C GLU A 423 9.74 11.66 -29.43
N VAL A 424 9.70 11.79 -28.11
CA VAL A 424 10.80 12.36 -27.34
C VAL A 424 11.05 11.45 -26.14
N GLY A 425 12.31 11.14 -25.89
CA GLY A 425 12.71 10.49 -24.67
C GLY A 425 13.05 9.03 -24.81
N LYS A 426 12.80 8.44 -25.98
CA LYS A 426 13.07 7.03 -26.19
C LYS A 426 13.15 6.79 -27.68
N ALA A 427 14.00 5.85 -28.07
CA ALA A 427 14.14 5.54 -29.49
C ALA A 427 14.44 4.05 -29.63
N MET A 428 13.48 3.30 -30.14
CA MET A 428 13.64 1.87 -30.25
C MET A 428 14.32 1.55 -31.57
N TYR A 429 15.18 0.54 -31.55
CA TYR A 429 15.92 0.08 -32.71
C TYR A 429 15.45 -1.31 -33.11
N ALA A 430 15.06 -1.45 -34.33
CA ALA A 430 14.54 -2.74 -34.75
C ALA A 430 15.70 -3.69 -35.05
N PRO A 431 15.56 -4.96 -34.72
CA PRO A 431 16.54 -5.94 -35.15
C PRO A 431 16.27 -6.35 -36.58
N PRO A 432 17.26 -6.82 -37.32
CA PRO A 432 17.02 -7.32 -38.67
C PRO A 432 16.36 -8.69 -38.65
N ILE A 433 15.64 -9.00 -39.72
CA ILE A 433 14.88 -10.24 -39.83
C ILE A 433 15.37 -11.00 -41.06
N LYS A 434 15.81 -12.23 -40.85
CA LYS A 434 16.21 -13.12 -41.93
C LYS A 434 15.03 -13.46 -42.83
N GLY A 435 15.35 -13.83 -44.07
CA GLY A 435 14.32 -14.24 -45.01
C GLY A 435 13.67 -13.07 -45.72
N GLN A 436 12.59 -13.39 -46.43
CA GLN A 436 11.82 -12.43 -47.19
C GLN A 436 10.46 -12.25 -46.54
N ILE A 437 9.95 -11.02 -46.53
CA ILE A 437 8.75 -10.69 -45.78
C ILE A 437 7.63 -10.37 -46.76
N ARG A 438 6.52 -11.10 -46.63
CA ARG A 438 5.28 -10.82 -47.33
C ARG A 438 4.20 -10.49 -46.31
N CYS A 439 3.46 -9.43 -46.55
CA CYS A 439 2.27 -9.18 -45.75
C CYS A 439 1.21 -8.55 -46.63
N SER A 440 -0.04 -8.96 -46.39
CA SER A 440 -1.19 -8.39 -47.05
C SER A 440 -2.18 -7.92 -45.99
N SER A 441 -2.95 -6.89 -46.32
CA SER A 441 -3.86 -6.34 -45.34
C SER A 441 -4.97 -5.59 -46.05
N ASN A 442 -6.13 -5.52 -45.40
CA ASN A 442 -7.25 -4.75 -45.91
C ASN A 442 -7.12 -3.29 -45.50
N ILE A 443 -6.99 -2.40 -46.47
CA ILE A 443 -7.05 -0.97 -46.20
C ILE A 443 -8.51 -0.59 -46.06
N THR A 444 -8.94 -0.23 -44.86
CA THR A 444 -10.31 0.19 -44.66
C THR A 444 -10.42 1.58 -44.06
N GLY A 445 -9.33 2.21 -43.69
CA GLY A 445 -9.44 3.49 -43.02
C GLY A 445 -8.58 4.56 -43.62
N LEU A 446 -9.14 5.75 -43.80
CA LEU A 446 -8.43 6.87 -44.39
C LEU A 446 -8.53 8.06 -43.46
N ILE A 447 -7.40 8.73 -43.25
CA ILE A 447 -7.33 9.97 -42.49
C ILE A 447 -7.20 11.11 -43.49
N LEU A 448 -8.04 12.13 -43.36
CA LEU A 448 -8.01 13.29 -44.23
C LEU A 448 -8.13 14.55 -43.39
N ILE A 449 -7.53 15.64 -43.88
CA ILE A 449 -7.70 16.94 -43.24
C ILE A 449 -8.05 17.97 -44.32
N ARG A 450 -8.92 18.91 -43.95
CA ARG A 450 -9.25 20.01 -44.83
C ARG A 450 -8.23 21.14 -44.65
N ASP A 451 -8.32 22.14 -45.52
CA ASP A 451 -7.47 23.32 -45.43
C ASP A 451 -8.25 24.62 -45.40
N GLY A 452 -9.37 24.72 -46.12
CA GLY A 452 -10.22 25.89 -46.08
C GLY A 452 -9.61 27.14 -46.70
N THR A 460 -11.46 25.99 -54.35
CA THR A 460 -12.13 24.73 -54.05
C THR A 460 -11.48 24.02 -52.85
N GLU A 461 -12.18 23.03 -52.30
CA GLU A 461 -11.73 22.38 -51.09
C GLU A 461 -10.63 21.36 -51.42
N ILE A 462 -9.51 21.48 -50.73
CA ILE A 462 -8.38 20.58 -50.91
C ILE A 462 -8.20 19.76 -49.64
N PHE A 463 -7.88 18.49 -49.82
CA PHE A 463 -7.78 17.53 -48.71
C PHE A 463 -6.42 16.89 -48.68
N ARG A 464 -5.70 17.13 -47.61
CA ARG A 464 -4.45 16.44 -47.32
C ARG A 464 -4.72 15.25 -46.43
N PRO A 465 -3.83 14.24 -46.41
CA PRO A 465 -4.00 13.12 -45.48
C PRO A 465 -3.95 13.50 -44.01
N GLY A 466 -2.88 14.14 -43.58
CA GLY A 466 -2.83 14.62 -42.22
C GLY A 466 -1.53 14.22 -41.55
N GLY A 467 -1.45 14.53 -40.27
CA GLY A 467 -0.22 14.37 -39.52
C GLY A 467 0.01 12.97 -38.99
N GLY A 468 0.31 12.86 -37.70
CA GLY A 468 0.62 11.57 -37.13
C GLY A 468 0.09 11.33 -35.72
N ASP A 469 -1.00 11.98 -35.35
CA ASP A 469 -1.57 11.83 -34.02
C ASP A 469 -2.18 10.43 -33.92
N MET A 470 -1.43 9.51 -33.31
CA MET A 470 -1.77 8.10 -33.31
C MET A 470 -3.00 7.78 -32.47
N ARG A 471 -3.39 8.70 -31.59
CA ARG A 471 -4.54 8.50 -30.73
C ARG A 471 -5.82 8.46 -31.54
N ASP A 472 -5.84 9.10 -32.69
CA ASP A 472 -7.01 9.17 -33.55
C ASP A 472 -7.34 7.83 -34.19
N ASN A 473 -6.43 6.87 -34.14
CA ASN A 473 -6.69 5.55 -34.72
C ASN A 473 -7.85 4.87 -34.02
N TRP A 474 -7.81 4.83 -32.70
CA TRP A 474 -8.80 4.06 -31.97
C TRP A 474 -10.12 4.79 -31.82
N ARG A 475 -10.18 6.08 -32.12
CA ARG A 475 -11.46 6.78 -32.18
C ARG A 475 -12.32 6.29 -33.34
N SER A 476 -11.71 5.68 -34.34
CA SER A 476 -12.42 4.97 -35.38
C SER A 476 -12.79 3.56 -34.99
N GLU A 477 -12.50 3.15 -33.76
CA GLU A 477 -12.81 1.82 -33.31
C GLU A 477 -13.55 1.77 -31.99
N LEU A 478 -13.75 2.91 -31.33
CA LEU A 478 -14.50 2.95 -30.09
C LEU A 478 -15.72 3.86 -30.23
N TYR A 479 -16.15 4.12 -31.46
CA TYR A 479 -17.14 5.14 -31.74
C TYR A 479 -18.54 4.66 -31.54
N LYS A 480 -18.74 3.56 -30.84
CA LYS A 480 -20.08 3.14 -30.45
C LYS A 480 -20.18 2.80 -28.98
N TYR A 481 -19.11 3.03 -28.21
CA TYR A 481 -18.99 2.42 -26.89
C TYR A 481 -18.87 3.48 -25.82
N LYS A 482 -19.72 3.39 -24.79
CA LYS A 482 -19.56 4.15 -23.58
C LYS A 482 -19.65 3.19 -22.40
N VAL A 483 -19.30 3.67 -21.21
CA VAL A 483 -19.21 2.84 -20.03
C VAL A 483 -20.20 3.36 -19.00
N VAL A 484 -20.96 2.45 -18.40
CA VAL A 484 -21.96 2.87 -17.44
C VAL A 484 -21.70 2.23 -16.08
N LYS A 485 -22.59 2.50 -15.13
CA LYS A 485 -22.51 1.93 -13.78
C LYS A 485 -23.88 1.42 -13.40
N ILE A 486 -24.06 0.11 -13.40
CA ILE A 486 -25.33 -0.46 -12.98
C ILE A 486 -25.47 -0.30 -11.47
N GLU A 487 -26.51 0.41 -11.04
CA GLU A 487 -26.75 0.70 -9.64
C GLU A 487 -28.10 0.14 -9.24
N PRO A 488 -28.20 -1.18 -9.10
CA PRO A 488 -29.51 -1.84 -9.15
C PRO A 488 -30.41 -1.66 -7.94
N LEU A 489 -30.03 -0.78 -7.02
CA LEU A 489 -30.79 -0.56 -5.81
C LEU A 489 -31.53 0.77 -5.89
N GLY A 490 -32.80 0.76 -5.57
CA GLY A 490 -33.59 1.97 -5.61
C GLY A 490 -34.95 1.74 -5.00
N ILE A 491 -35.62 2.84 -4.66
CA ILE A 491 -36.86 2.77 -3.90
C ILE A 491 -38.00 3.38 -4.70
N ALA A 492 -39.23 3.07 -4.27
CA ALA A 492 -40.42 3.63 -4.87
C ALA A 492 -41.56 3.51 -3.86
N PRO A 493 -42.51 4.44 -3.85
CA PRO A 493 -43.62 4.35 -2.90
C PRO A 493 -44.78 3.51 -3.39
N THR A 494 -45.43 2.85 -2.44
CA THR A 494 -46.65 2.11 -2.71
C THR A 494 -47.48 2.03 -1.42
N LYS A 495 -48.63 1.36 -1.54
CA LYS A 495 -49.61 1.31 -0.46
C LYS A 495 -49.27 0.30 0.62
N ALA A 496 -48.35 -0.62 0.39
CA ALA A 496 -48.16 -1.74 1.30
C ALA A 496 -47.11 -1.43 2.35
N LYS A 497 -47.49 -1.57 3.62
CA LYS A 497 -46.58 -1.39 4.73
C LYS A 497 -46.16 -2.76 5.26
N ARG A 498 -44.88 -2.87 5.63
CA ARG A 498 -44.45 -4.03 6.40
C ARG A 498 -45.16 -4.04 7.75
N ARG A 499 -45.79 -5.16 8.07
CA ARG A 499 -46.32 -5.34 9.41
C ARG A 499 -45.15 -5.47 10.37
N VAL A 500 -45.11 -4.60 11.36
CA VAL A 500 -44.02 -4.59 12.33
C VAL A 500 -44.12 -5.80 13.25
N PHE B 11 -31.43 -7.27 -15.48
CA PHE B 11 -30.30 -7.15 -16.38
C PHE B 11 -30.73 -6.31 -17.56
N LEU B 12 -31.29 -5.14 -17.25
CA LEU B 12 -31.48 -4.01 -18.18
C LEU B 12 -32.34 -4.34 -19.38
N GLY B 13 -33.14 -5.40 -19.34
CA GLY B 13 -33.98 -5.69 -20.47
C GLY B 13 -35.22 -4.83 -20.53
N ALA B 14 -35.56 -4.16 -19.44
CA ALA B 14 -36.77 -3.36 -19.36
C ALA B 14 -36.44 -1.92 -19.01
N ALA B 15 -35.33 -1.41 -19.53
CA ALA B 15 -34.95 -0.04 -19.21
C ALA B 15 -35.79 0.99 -19.94
N GLY B 16 -36.57 0.59 -20.92
CA GLY B 16 -37.49 1.50 -21.56
C GLY B 16 -38.91 1.22 -21.15
N SER B 17 -39.10 0.15 -20.38
CA SER B 17 -40.43 -0.19 -19.90
C SER B 17 -40.83 0.74 -18.77
N THR B 18 -42.04 0.59 -18.29
CA THR B 18 -42.52 1.44 -17.23
C THR B 18 -42.45 0.72 -15.90
N MET B 19 -42.46 1.52 -14.83
CA MET B 19 -42.31 0.99 -13.49
C MET B 19 -43.50 0.14 -13.07
N GLY B 20 -44.69 0.45 -13.57
CA GLY B 20 -45.82 -0.40 -13.35
C GLY B 20 -45.82 -1.68 -14.16
N ALA B 21 -44.94 -1.78 -15.15
CA ALA B 21 -44.84 -2.98 -15.95
C ALA B 21 -43.53 -3.72 -15.77
N ALA B 22 -42.47 -3.04 -15.32
CA ALA B 22 -41.19 -3.71 -15.13
C ALA B 22 -41.20 -4.63 -13.92
N SER B 23 -42.17 -4.48 -13.01
CA SER B 23 -42.30 -5.42 -11.90
C SER B 23 -42.85 -6.76 -12.35
N MET B 24 -43.39 -6.86 -13.57
CA MET B 24 -43.85 -8.14 -14.07
C MET B 24 -42.68 -9.04 -14.41
N THR B 25 -41.72 -8.54 -15.21
CA THR B 25 -40.57 -9.34 -15.62
C THR B 25 -39.51 -9.43 -14.52
N LEU B 26 -39.68 -8.73 -13.42
CA LEU B 26 -38.72 -8.75 -12.33
C LEU B 26 -38.90 -9.97 -11.44
N THR B 27 -39.84 -10.85 -11.77
CA THR B 27 -39.99 -12.12 -11.08
C THR B 27 -38.80 -13.04 -11.33
N VAL B 28 -38.24 -13.00 -12.54
CA VAL B 28 -36.92 -13.59 -12.75
C VAL B 28 -35.94 -12.78 -11.92
N GLN B 29 -34.91 -13.45 -11.38
CA GLN B 29 -34.22 -12.97 -10.19
C GLN B 29 -33.41 -11.71 -10.44
N ALA B 30 -34.13 -10.60 -10.62
CA ALA B 30 -33.64 -9.43 -11.34
C ALA B 30 -32.95 -9.87 -12.63
N ARG B 31 -33.69 -10.65 -13.43
CA ARG B 31 -33.19 -11.33 -14.63
C ARG B 31 -31.97 -12.21 -14.33
N LEU B 32 -31.99 -12.88 -13.17
CA LEU B 32 -30.85 -13.64 -12.64
C LEU B 32 -29.60 -12.76 -12.58
N LEU B 33 -29.68 -11.72 -11.75
CA LEU B 33 -28.67 -10.68 -11.74
C LEU B 33 -27.37 -11.20 -11.15
N LEU B 34 -27.42 -11.63 -9.90
CA LEU B 34 -26.24 -12.12 -9.20
C LEU B 34 -25.75 -13.46 -9.73
N SER B 35 -26.62 -14.21 -10.42
CA SER B 35 -26.21 -15.49 -10.99
C SER B 35 -25.20 -15.31 -12.10
N GLY B 36 -25.22 -14.15 -12.77
CA GLY B 36 -24.20 -13.86 -13.77
C GLY B 36 -22.84 -13.61 -13.18
N ILE B 37 -22.76 -13.33 -11.88
CA ILE B 37 -21.48 -13.11 -11.24
C ILE B 37 -20.84 -14.43 -10.85
N VAL B 38 -21.64 -15.34 -10.30
CA VAL B 38 -21.10 -16.62 -9.84
C VAL B 38 -20.74 -17.50 -11.02
N GLN B 39 -21.51 -17.42 -12.12
CA GLN B 39 -21.09 -18.09 -13.35
C GLN B 39 -19.96 -17.35 -14.05
N GLN B 40 -19.62 -16.14 -13.60
CA GLN B 40 -18.42 -15.47 -14.06
C GLN B 40 -17.22 -15.82 -13.19
N GLN B 41 -17.35 -15.69 -11.88
CA GLN B 41 -16.20 -15.91 -11.01
C GLN B 41 -15.88 -17.38 -10.80
N ASN B 42 -16.75 -18.30 -11.24
CA ASN B 42 -16.29 -19.68 -11.42
C ASN B 42 -15.27 -19.76 -12.52
N ASN B 43 -15.43 -18.94 -13.56
CA ASN B 43 -14.53 -18.95 -14.68
C ASN B 43 -13.64 -17.72 -14.75
N LEU B 44 -13.87 -16.73 -13.88
CA LEU B 44 -12.80 -15.77 -13.64
C LEU B 44 -11.71 -16.41 -12.83
N LEU B 45 -12.07 -17.35 -11.96
CA LEU B 45 -11.11 -18.11 -11.17
C LEU B 45 -10.67 -19.37 -11.89
N ARG B 46 -10.70 -19.35 -13.22
CA ARG B 46 -9.80 -20.20 -13.98
C ARG B 46 -8.38 -19.90 -13.52
N ALA B 47 -7.70 -20.96 -13.06
CA ALA B 47 -6.39 -20.84 -12.43
C ALA B 47 -5.26 -20.88 -13.44
N ILE B 48 -5.51 -20.47 -14.69
CA ILE B 48 -4.44 -20.26 -15.65
C ILE B 48 -3.53 -19.12 -15.18
N GLU B 49 -4.10 -18.18 -14.44
CA GLU B 49 -3.34 -17.21 -13.67
C GLU B 49 -2.39 -17.89 -12.70
N ALA B 50 -2.78 -19.03 -12.13
CA ALA B 50 -1.88 -19.80 -11.29
C ALA B 50 -1.07 -20.81 -12.08
N GLN B 51 -1.47 -21.11 -13.32
CA GLN B 51 -0.67 -21.93 -14.23
C GLN B 51 0.45 -21.14 -14.88
N GLN B 52 0.59 -19.86 -14.54
CA GLN B 52 1.63 -19.00 -15.03
C GLN B 52 2.36 -18.26 -13.92
N HIS B 53 1.71 -18.04 -12.76
CA HIS B 53 1.97 -16.92 -11.84
C HIS B 53 2.06 -15.62 -12.61
N LEU B 54 1.16 -15.48 -13.61
CA LEU B 54 1.04 -14.38 -14.57
C LEU B 54 2.27 -14.25 -15.50
N LEU B 55 3.30 -15.07 -15.24
CA LEU B 55 4.66 -15.17 -15.78
C LEU B 55 5.56 -14.00 -15.39
N GLN B 56 4.97 -12.91 -14.89
CA GLN B 56 5.60 -11.65 -14.51
C GLN B 56 4.57 -10.91 -13.66
N LEU B 57 4.82 -9.62 -13.41
CA LEU B 57 3.76 -8.67 -13.10
C LEU B 57 3.56 -7.82 -14.35
N THR B 58 2.37 -7.87 -14.92
CA THR B 58 2.14 -7.19 -16.18
C THR B 58 1.14 -6.05 -16.00
N VAL B 59 0.98 -5.28 -17.07
CA VAL B 59 0.09 -4.12 -17.03
C VAL B 59 -1.35 -4.56 -16.87
N TRP B 60 -1.70 -5.70 -17.46
CA TRP B 60 -3.07 -6.21 -17.35
C TRP B 60 -3.37 -6.71 -15.95
N GLY B 61 -2.42 -7.42 -15.33
CA GLY B 61 -2.64 -7.96 -14.00
C GLY B 61 -2.68 -6.89 -12.93
N ILE B 62 -2.04 -5.75 -13.17
CA ILE B 62 -2.28 -4.58 -12.35
C ILE B 62 -3.73 -4.14 -12.49
N LYS B 63 -4.22 -4.13 -13.72
CA LYS B 63 -5.57 -3.65 -13.95
C LYS B 63 -6.62 -4.67 -13.51
N GLN B 64 -6.32 -5.96 -13.65
CA GLN B 64 -7.26 -6.97 -13.16
C GLN B 64 -7.40 -6.92 -11.65
N LEU B 65 -6.29 -6.64 -10.97
CA LEU B 65 -6.33 -6.52 -9.52
C LEU B 65 -7.19 -5.33 -9.11
N GLN B 66 -7.05 -4.20 -9.80
CA GLN B 66 -7.94 -3.09 -9.56
C GLN B 66 -9.33 -3.33 -10.10
N ALA B 67 -9.53 -4.38 -10.91
CA ALA B 67 -10.86 -4.70 -11.39
C ALA B 67 -11.60 -5.62 -10.44
N ARG B 68 -10.91 -6.55 -9.79
CA ARG B 68 -11.60 -7.49 -8.93
C ARG B 68 -12.02 -6.83 -7.62
N VAL B 69 -11.29 -5.81 -7.18
CA VAL B 69 -11.61 -5.11 -5.94
C VAL B 69 -12.95 -4.39 -6.06
N LEU B 70 -13.18 -3.70 -7.18
CA LEU B 70 -14.45 -3.04 -7.40
C LEU B 70 -15.56 -4.06 -7.57
N ALA B 71 -15.24 -5.24 -8.09
CA ALA B 71 -16.22 -6.31 -8.10
C ALA B 71 -16.51 -6.79 -6.69
N VAL B 72 -15.56 -6.65 -5.78
CA VAL B 72 -15.80 -7.04 -4.40
C VAL B 72 -16.55 -5.96 -3.65
N GLU B 73 -16.07 -4.72 -3.74
CA GLU B 73 -16.59 -3.65 -2.88
C GLU B 73 -18.03 -3.30 -3.23
N ARG B 74 -18.30 -3.04 -4.50
CA ARG B 74 -19.59 -2.55 -4.90
C ARG B 74 -20.65 -3.63 -4.84
N TYR B 75 -20.24 -4.91 -4.77
CA TYR B 75 -21.19 -5.93 -4.38
C TYR B 75 -21.56 -5.80 -2.92
N LEU B 76 -20.60 -5.49 -2.06
CA LEU B 76 -20.85 -5.49 -0.63
C LEU B 76 -21.72 -4.31 -0.21
N LYS B 77 -21.52 -3.16 -0.86
CA LYS B 77 -22.29 -1.98 -0.53
C LYS B 77 -23.76 -2.12 -0.88
N ASP B 78 -24.10 -3.09 -1.72
CA ASP B 78 -25.50 -3.34 -2.02
C ASP B 78 -26.06 -4.44 -1.14
N GLN B 79 -25.22 -5.34 -0.64
CA GLN B 79 -25.72 -6.33 0.31
C GLN B 79 -25.86 -5.74 1.69
N GLN B 80 -24.91 -4.90 2.09
CA GLN B 80 -24.94 -4.31 3.44
C GLN B 80 -26.15 -3.42 3.61
N LEU B 81 -26.47 -2.61 2.60
CA LEU B 81 -27.62 -1.75 2.69
C LEU B 81 -28.91 -2.54 2.66
N LEU B 82 -28.94 -3.63 1.89
CA LEU B 82 -30.07 -4.54 2.04
C LEU B 82 -30.00 -5.29 3.36
N GLY B 83 -28.79 -5.51 3.88
CA GLY B 83 -28.68 -6.22 5.14
C GLY B 83 -29.14 -5.39 6.32
N ILE B 84 -28.89 -4.09 6.26
CA ILE B 84 -29.26 -3.25 7.40
C ILE B 84 -30.73 -2.88 7.35
N TRP B 85 -31.37 -2.95 6.20
CA TRP B 85 -32.74 -2.47 6.10
C TRP B 85 -33.78 -3.49 6.50
N GLY B 86 -33.38 -4.59 7.15
CA GLY B 86 -34.34 -5.64 7.44
C GLY B 86 -34.86 -6.29 6.18
N CYS B 87 -34.08 -6.27 5.13
CA CYS B 87 -34.49 -6.72 3.82
C CYS B 87 -33.35 -7.50 3.19
N SER B 88 -32.78 -8.40 3.97
CA SER B 88 -31.60 -9.13 3.54
C SER B 88 -32.00 -10.23 2.57
N GLY B 89 -31.49 -10.16 1.34
CA GLY B 89 -31.64 -11.23 0.38
C GLY B 89 -32.95 -11.28 -0.37
N LYS B 90 -33.95 -10.50 0.03
CA LYS B 90 -35.22 -10.50 -0.67
C LYS B 90 -35.11 -9.63 -1.92
N LEU B 91 -36.21 -9.44 -2.63
CA LEU B 91 -36.18 -8.54 -3.78
C LEU B 91 -37.18 -7.41 -3.67
N ILE B 92 -38.39 -7.69 -3.20
CA ILE B 92 -39.42 -6.69 -3.02
C ILE B 92 -39.85 -6.81 -1.58
N CYS B 93 -39.40 -5.90 -0.74
CA CYS B 93 -39.84 -5.87 0.64
C CYS B 93 -40.47 -4.52 0.94
N THR B 94 -41.45 -4.53 1.81
CA THR B 94 -42.04 -3.30 2.29
C THR B 94 -41.41 -2.92 3.61
N THR B 95 -41.63 -1.67 4.00
CA THR B 95 -41.05 -1.12 5.21
C THR B 95 -42.13 -0.54 6.09
N ALA B 96 -41.75 0.22 7.11
CA ALA B 96 -42.71 0.91 7.95
C ALA B 96 -42.62 2.42 7.78
N VAL B 97 -41.83 2.89 6.84
CA VAL B 97 -41.58 4.33 6.72
C VAL B 97 -42.72 4.95 5.92
N PRO B 98 -43.40 5.97 6.43
CA PRO B 98 -44.41 6.65 5.62
C PRO B 98 -43.77 7.54 4.58
N TRP B 99 -44.31 7.47 3.38
CA TRP B 99 -43.83 8.34 2.31
C TRP B 99 -44.26 9.76 2.59
N ASN B 100 -43.33 10.69 2.43
CA ASN B 100 -43.64 12.09 2.63
C ASN B 100 -43.88 12.73 1.27
N THR B 101 -44.98 13.45 1.14
CA THR B 101 -45.36 14.03 -0.13
C THR B 101 -44.44 15.17 -0.54
N SER B 102 -43.66 15.71 0.39
CA SER B 102 -42.68 16.72 0.06
C SER B 102 -41.55 16.16 -0.79
N TRP B 103 -41.31 14.86 -0.73
CA TRP B 103 -40.29 14.25 -1.58
C TRP B 103 -40.73 14.26 -3.03
N SER B 104 -41.98 13.87 -3.28
CA SER B 104 -42.51 13.92 -4.64
C SER B 104 -44.01 14.16 -4.57
N ASN B 105 -44.46 15.23 -5.21
CA ASN B 105 -45.87 15.54 -5.30
C ASN B 105 -46.50 14.93 -6.54
N LYS B 106 -45.81 14.02 -7.21
CA LYS B 106 -46.44 13.23 -8.26
C LYS B 106 -47.51 12.34 -7.64
N SER B 107 -48.57 12.09 -8.40
CA SER B 107 -49.65 11.24 -7.92
C SER B 107 -49.27 9.78 -8.10
N TYR B 108 -50.24 8.90 -7.93
CA TYR B 108 -49.95 7.47 -7.82
C TYR B 108 -49.61 6.87 -9.18
N ASN B 109 -50.51 6.99 -10.14
CA ASN B 109 -50.38 6.27 -11.39
C ASN B 109 -49.28 6.83 -12.26
N GLN B 110 -48.94 8.10 -12.08
CA GLN B 110 -47.90 8.71 -12.88
C GLN B 110 -46.53 8.12 -12.56
N ILE B 111 -46.33 7.73 -11.31
CA ILE B 111 -45.06 7.10 -10.93
C ILE B 111 -44.98 5.71 -11.56
N TRP B 112 -46.07 4.96 -11.51
CA TRP B 112 -46.07 3.57 -11.93
C TRP B 112 -46.36 3.38 -13.40
N ASN B 113 -47.52 3.84 -13.84
CA ASN B 113 -47.98 3.47 -15.16
C ASN B 113 -47.34 4.34 -16.23
N ASN B 114 -46.93 5.53 -15.87
CA ASN B 114 -46.58 6.56 -16.83
C ASN B 114 -45.24 7.17 -16.41
N MET B 115 -44.15 6.38 -16.51
CA MET B 115 -42.81 6.80 -16.09
C MET B 115 -41.76 5.72 -16.38
N THR B 116 -40.54 6.13 -16.70
CA THR B 116 -39.42 5.21 -16.83
C THR B 116 -38.79 5.00 -15.45
N TRP B 117 -37.60 4.42 -15.42
CA TRP B 117 -36.83 4.31 -14.19
C TRP B 117 -35.76 5.38 -14.04
N MET B 118 -34.95 5.59 -15.08
CA MET B 118 -33.81 6.48 -14.95
C MET B 118 -34.22 7.93 -14.83
N GLU B 119 -35.38 8.29 -15.36
CA GLU B 119 -35.92 9.61 -15.10
C GLU B 119 -36.36 9.73 -13.65
N TRP B 120 -36.90 8.65 -13.10
CA TRP B 120 -37.30 8.66 -11.70
C TRP B 120 -36.12 8.71 -10.75
N GLU B 121 -34.94 8.27 -11.20
CA GLU B 121 -33.73 8.47 -10.40
C GLU B 121 -33.42 9.95 -10.23
N ARG B 122 -33.40 10.70 -11.32
CA ARG B 122 -33.16 12.13 -11.26
C ARG B 122 -34.28 12.89 -10.56
N GLU B 123 -35.43 12.27 -10.33
CA GLU B 123 -36.46 12.94 -9.56
C GLU B 123 -36.12 12.98 -8.08
N ILE B 124 -35.50 11.93 -7.56
CA ILE B 124 -35.26 11.86 -6.12
C ILE B 124 -33.80 11.57 -5.80
N ASP B 125 -32.90 11.87 -6.73
CA ASP B 125 -31.48 11.69 -6.44
C ASP B 125 -31.00 12.72 -5.42
N ASN B 126 -31.67 13.86 -5.37
CA ASN B 126 -31.49 14.80 -4.28
C ASN B 126 -31.90 14.18 -2.96
N TYR B 127 -33.13 13.67 -2.90
CA TYR B 127 -33.74 13.23 -1.66
C TYR B 127 -33.34 11.84 -1.24
N THR B 128 -32.49 11.14 -2.01
CA THR B 128 -32.25 9.72 -1.80
C THR B 128 -31.59 9.46 -0.45
N SER B 129 -30.60 10.29 -0.10
CA SER B 129 -29.82 10.05 1.11
C SER B 129 -30.65 10.23 2.37
N LEU B 130 -31.62 11.14 2.35
CA LEU B 130 -32.51 11.29 3.49
C LEU B 130 -33.37 10.06 3.70
N ILE B 131 -33.71 9.36 2.63
CA ILE B 131 -34.52 8.17 2.76
C ILE B 131 -33.71 7.04 3.38
N TYR B 132 -32.40 7.03 3.16
CA TYR B 132 -31.54 5.99 3.68
C TYR B 132 -31.49 6.03 5.21
N THR B 133 -31.30 7.22 5.77
CA THR B 133 -31.32 7.34 7.22
C THR B 133 -32.73 7.11 7.77
N LEU B 134 -33.74 7.57 7.05
CA LEU B 134 -35.11 7.45 7.53
C LEU B 134 -35.70 6.06 7.36
N ILE B 135 -34.92 5.06 6.97
CA ILE B 135 -35.34 3.67 7.09
C ILE B 135 -34.74 3.04 8.32
N GLU B 136 -33.44 3.28 8.54
CA GLU B 136 -32.71 2.57 9.57
C GLU B 136 -33.12 3.05 10.95
N ASP B 137 -32.89 4.33 11.22
CA ASP B 137 -33.18 4.93 12.51
C ASP B 137 -34.67 5.03 12.78
N SER B 138 -35.51 4.86 11.76
CA SER B 138 -36.95 4.85 11.95
C SER B 138 -37.50 3.45 12.12
N GLN B 139 -36.95 2.47 11.41
CA GLN B 139 -37.46 1.11 11.53
C GLN B 139 -36.45 0.14 12.11
N ASN B 140 -35.31 -0.03 11.47
CA ASN B 140 -34.51 -1.21 11.75
C ASN B 140 -33.63 -1.04 12.96
N GLN B 141 -33.26 0.19 13.29
CA GLN B 141 -32.81 0.44 14.64
C GLN B 141 -33.95 0.27 15.62
N GLN B 142 -35.14 0.71 15.22
CA GLN B 142 -36.22 0.87 16.17
C GLN B 142 -36.89 -0.44 16.52
N GLU B 143 -37.14 -1.30 15.53
CA GLU B 143 -37.90 -2.52 15.78
C GLU B 143 -37.13 -3.51 16.63
N LYS B 144 -35.81 -3.46 16.59
CA LYS B 144 -35.02 -4.43 17.31
C LYS B 144 -35.12 -4.22 18.82
N ASN B 145 -35.21 -2.95 19.25
CA ASN B 145 -35.45 -2.70 20.65
C ASN B 145 -36.85 -3.13 21.05
N GLU B 146 -37.84 -2.82 20.22
CA GLU B 146 -39.22 -3.19 20.54
C GLU B 146 -39.44 -4.68 20.43
N GLN B 147 -38.65 -5.37 19.61
CA GLN B 147 -38.69 -6.82 19.63
C GLN B 147 -38.10 -7.34 20.93
N GLU B 148 -37.00 -6.76 21.38
CA GLU B 148 -36.32 -7.24 22.57
C GLU B 148 -37.15 -6.98 23.82
N LEU B 149 -37.98 -5.92 23.79
CA LEU B 149 -38.94 -5.71 24.86
C LEU B 149 -39.99 -6.81 24.87
N LEU B 150 -40.37 -7.31 23.70
CA LEU B 150 -41.36 -8.37 23.63
C LEU B 150 -40.78 -9.75 23.94
N GLU B 151 -39.49 -9.82 24.26
CA GLU B 151 -38.89 -11.02 24.76
C GLU B 151 -38.56 -10.91 26.25
N LEU B 152 -38.72 -9.70 26.81
CA LEU B 152 -38.48 -9.48 28.23
C LEU B 152 -39.47 -10.25 29.09
N ASP B 153 -40.68 -10.47 28.58
CA ASP B 153 -41.74 -11.10 29.34
C ASP B 153 -41.50 -12.60 29.47
N ALA C 30 -32.78 -15.19 41.24
CA ALA C 30 -33.52 -14.23 40.43
C ALA C 30 -33.73 -14.77 39.02
N GLU C 31 -33.82 -13.86 38.05
CA GLU C 31 -34.04 -14.26 36.68
C GLU C 31 -32.76 -14.85 36.10
N GLN C 32 -32.93 -15.63 35.02
CA GLN C 32 -31.79 -16.10 34.27
C GLN C 32 -31.45 -15.08 33.20
N LEU C 33 -30.16 -14.86 32.99
CA LEU C 33 -29.69 -13.89 32.02
C LEU C 33 -29.04 -14.60 30.85
N TRP C 34 -29.21 -14.04 29.66
CA TRP C 34 -28.61 -14.62 28.48
C TRP C 34 -27.88 -13.55 27.70
N VAL C 35 -26.82 -13.97 27.01
CA VAL C 35 -25.96 -13.03 26.32
C VAL C 35 -26.66 -12.55 25.05
N THR C 36 -26.38 -11.32 24.67
CA THR C 36 -27.08 -10.66 23.57
C THR C 36 -26.07 -9.93 22.71
N VAL C 37 -26.07 -10.25 21.43
CA VAL C 37 -25.06 -9.77 20.51
C VAL C 37 -25.45 -8.39 20.02
N TYR C 38 -24.47 -7.51 19.87
CA TYR C 38 -24.68 -6.19 19.32
C TYR C 38 -23.67 -5.94 18.22
N TYR C 39 -24.06 -5.12 17.27
CA TYR C 39 -23.19 -4.82 16.14
C TYR C 39 -23.12 -3.32 15.95
N GLY C 40 -21.96 -2.86 15.51
CA GLY C 40 -21.75 -1.43 15.38
C GLY C 40 -21.56 -0.70 16.69
N VAL C 41 -21.02 -1.38 17.68
CA VAL C 41 -20.80 -0.78 18.99
C VAL C 41 -19.65 0.22 18.91
N PRO C 42 -19.87 1.46 19.29
CA PRO C 42 -18.84 2.48 19.14
C PRO C 42 -17.72 2.35 20.16
N VAL C 43 -16.76 1.47 19.93
CA VAL C 43 -15.58 1.38 20.76
C VAL C 43 -14.35 1.45 19.86
N TRP C 44 -13.20 1.54 20.50
CA TRP C 44 -11.96 1.49 19.76
C TRP C 44 -10.82 1.01 20.64
N LYS C 45 -9.78 0.53 19.98
CA LYS C 45 -8.45 0.40 20.55
C LYS C 45 -7.50 1.23 19.71
N GLU C 46 -6.31 1.48 20.22
CA GLU C 46 -5.31 2.15 19.41
C GLU C 46 -4.77 1.15 18.40
N ALA C 47 -4.58 1.62 17.16
CA ALA C 47 -3.96 0.81 16.14
C ALA C 47 -2.99 1.69 15.37
N THR C 48 -2.13 1.06 14.59
CA THR C 48 -1.19 1.74 13.73
C THR C 48 -1.45 1.27 12.30
N THR C 49 -2.15 2.07 11.52
CA THR C 49 -2.48 1.68 10.16
C THR C 49 -1.87 2.67 9.17
N THR C 50 -2.19 2.48 7.90
CA THR C 50 -1.67 3.32 6.83
C THR C 50 -2.64 4.46 6.55
N LEU C 51 -2.16 5.69 6.64
CA LEU C 51 -2.92 6.82 6.15
C LEU C 51 -2.51 7.13 4.73
N PHE C 52 -3.33 7.89 4.03
CA PHE C 52 -3.00 8.20 2.65
C PHE C 52 -3.11 9.69 2.39
N CYS C 53 -2.24 10.16 1.50
CA CYS C 53 -2.23 11.54 1.02
C CYS C 53 -3.57 11.93 0.43
N ALA C 54 -4.01 13.14 0.73
CA ALA C 54 -5.24 13.66 0.12
C ALA C 54 -5.05 15.16 0.00
N SER C 55 -4.57 15.58 -1.15
CA SER C 55 -4.00 16.90 -1.33
C SER C 55 -4.99 17.86 -1.96
N ASP C 56 -4.47 19.01 -2.36
CA ASP C 56 -5.18 19.92 -3.24
C ASP C 56 -5.34 19.28 -4.62
N ALA C 57 -6.31 19.77 -5.38
CA ALA C 57 -6.53 19.23 -6.71
C ALA C 57 -6.82 20.32 -7.74
N ARG C 58 -6.37 21.54 -7.49
CA ARG C 58 -6.52 22.62 -8.46
C ARG C 58 -5.16 23.05 -8.96
N ALA C 59 -5.09 23.29 -10.29
CA ALA C 59 -3.86 23.62 -11.01
C ALA C 59 -2.75 22.59 -10.78
N TYR C 60 -3.10 21.30 -10.88
CA TYR C 60 -2.10 20.24 -10.90
C TYR C 60 -1.73 19.85 -12.32
N ASP C 61 -2.65 20.05 -13.25
CA ASP C 61 -2.40 19.84 -14.67
C ASP C 61 -1.52 20.96 -15.23
N THR C 62 -1.12 20.79 -16.49
CA THR C 62 -0.42 21.78 -17.30
C THR C 62 0.90 22.24 -16.66
N GLU C 63 1.86 21.30 -16.68
CA GLU C 63 3.30 21.46 -16.38
C GLU C 63 3.54 21.50 -14.88
N VAL C 64 2.48 21.43 -14.08
CA VAL C 64 2.65 21.39 -12.63
C VAL C 64 3.04 19.97 -12.26
N HIS C 65 4.35 19.70 -12.25
CA HIS C 65 4.87 18.41 -11.81
C HIS C 65 5.23 18.48 -10.34
N ASN C 66 4.27 18.92 -9.53
CA ASN C 66 4.53 19.24 -8.13
C ASN C 66 4.86 17.98 -7.37
N VAL C 67 6.11 17.88 -6.92
CA VAL C 67 6.64 16.64 -6.40
C VAL C 67 6.01 16.29 -5.06
N TRP C 68 5.52 17.29 -4.32
CA TRP C 68 4.74 16.98 -3.14
C TRP C 68 3.38 16.43 -3.53
N ALA C 69 2.78 16.99 -4.56
CA ALA C 69 1.47 16.56 -4.98
C ALA C 69 1.51 15.27 -5.77
N THR C 70 2.69 14.93 -6.34
CA THR C 70 2.94 13.96 -7.41
C THR C 70 1.79 13.93 -8.42
N HIS C 71 1.48 15.12 -8.95
CA HIS C 71 0.28 15.41 -9.73
C HIS C 71 -0.98 15.08 -8.94
N ALA C 72 -1.12 15.75 -7.79
CA ALA C 72 -2.34 15.76 -6.95
C ALA C 72 -2.74 14.35 -6.50
N CYS C 73 -1.90 13.82 -5.59
CA CYS C 73 -1.86 12.41 -5.14
C CYS C 73 -3.21 11.73 -5.02
N VAL C 74 -4.14 12.33 -4.28
CA VAL C 74 -5.54 11.93 -4.29
C VAL C 74 -6.36 13.20 -4.38
N PRO C 75 -7.23 13.32 -5.38
CA PRO C 75 -7.76 14.64 -5.75
C PRO C 75 -8.90 15.17 -4.90
N THR C 76 -9.00 14.72 -3.65
CA THR C 76 -10.21 14.85 -2.83
C THR C 76 -10.68 16.30 -2.67
N ASP C 77 -9.77 17.20 -2.23
CA ASP C 77 -10.10 18.53 -1.71
C ASP C 77 -11.16 18.39 -0.62
N PRO C 78 -10.77 17.95 0.58
CA PRO C 78 -11.74 17.46 1.55
C PRO C 78 -12.64 18.54 2.11
N ASN C 79 -13.79 18.09 2.61
CA ASN C 79 -14.73 18.86 3.42
C ASN C 79 -14.57 18.39 4.86
N PRO C 80 -13.67 19.00 5.62
CA PRO C 80 -13.32 18.43 6.93
C PRO C 80 -14.38 18.61 7.99
N GLN C 81 -15.34 17.70 8.02
CA GLN C 81 -16.37 17.78 9.05
C GLN C 81 -15.83 17.26 10.37
N GLU C 82 -16.63 17.46 11.42
CA GLU C 82 -16.16 17.26 12.78
C GLU C 82 -17.35 17.01 13.69
N VAL C 83 -17.26 15.97 14.51
CA VAL C 83 -18.31 15.59 15.44
C VAL C 83 -17.76 15.68 16.85
N VAL C 84 -18.39 16.48 17.68
CA VAL C 84 -18.00 16.59 19.07
C VAL C 84 -18.60 15.42 19.84
N LEU C 85 -17.87 14.90 20.82
CA LEU C 85 -18.29 13.71 21.55
C LEU C 85 -18.70 13.97 22.99
N GLU C 86 -18.09 14.97 23.63
CA GLU C 86 -18.45 15.64 24.89
C GLU C 86 -18.53 14.75 26.14
N ASN C 87 -18.26 13.46 26.03
CA ASN C 87 -18.22 12.64 27.23
C ASN C 87 -17.05 11.67 27.19
N VAL C 88 -16.00 12.02 26.47
CA VAL C 88 -14.95 11.08 26.09
C VAL C 88 -13.60 11.64 26.49
N THR C 89 -12.83 10.85 27.23
CA THR C 89 -11.46 11.20 27.60
C THR C 89 -10.51 10.12 27.07
N GLU C 90 -9.60 10.52 26.20
CA GLU C 90 -8.65 9.60 25.57
C GLU C 90 -7.25 10.10 25.87
N ASN C 91 -6.44 9.25 26.47
CA ASN C 91 -5.14 9.66 27.01
C ASN C 91 -4.14 9.81 25.87
N PHE C 92 -3.95 11.04 25.40
CA PHE C 92 -3.12 11.26 24.23
C PHE C 92 -1.64 11.25 24.60
N ASN C 93 -0.81 11.34 23.56
CA ASN C 93 0.63 11.46 23.72
C ASN C 93 1.16 12.04 22.43
N MET C 94 1.81 13.19 22.50
CA MET C 94 2.40 13.75 21.30
C MET C 94 3.76 13.13 21.00
N TRP C 95 4.29 12.31 21.88
CA TRP C 95 5.65 11.84 21.69
C TRP C 95 5.74 10.44 21.15
N LYS C 96 4.82 9.55 21.51
CA LYS C 96 4.78 8.20 20.97
C LYS C 96 3.78 8.08 19.84
N ASN C 97 3.66 9.10 19.01
CA ASN C 97 2.68 9.09 17.94
C ASN C 97 3.30 8.51 16.68
N ASN C 98 2.49 7.78 15.94
CA ASN C 98 2.95 7.09 14.74
C ASN C 98 2.82 7.92 13.49
N MET C 99 1.95 8.93 13.49
CA MET C 99 1.68 9.67 12.28
C MET C 99 2.88 10.47 11.84
N VAL C 100 3.69 10.93 12.79
CA VAL C 100 4.92 11.62 12.44
C VAL C 100 5.93 10.66 11.84
N GLU C 101 5.83 9.37 12.19
CA GLU C 101 6.74 8.39 11.62
C GLU C 101 6.37 8.07 10.18
N GLN C 102 5.07 8.10 9.88
CA GLN C 102 4.64 7.81 8.52
C GLN C 102 4.89 8.96 7.56
N MET C 103 5.16 10.17 8.06
CA MET C 103 5.58 11.21 7.15
C MET C 103 7.01 11.00 6.72
N HIS C 104 7.92 10.82 7.68
CA HIS C 104 9.35 10.70 7.39
C HIS C 104 9.67 9.44 6.59
N GLU C 105 8.79 8.43 6.63
CA GLU C 105 8.88 7.38 5.62
C GLU C 105 8.55 7.94 4.25
N ASP C 106 7.41 8.63 4.15
CA ASP C 106 6.84 8.92 2.84
C ASP C 106 7.55 10.05 2.12
N ILE C 107 8.13 11.00 2.84
CA ILE C 107 8.66 12.19 2.19
C ILE C 107 9.90 11.84 1.39
N ILE C 108 10.82 11.08 2.00
CA ILE C 108 11.97 10.61 1.24
C ILE C 108 11.52 9.57 0.22
N SER C 109 10.40 8.89 0.49
CA SER C 109 9.86 7.98 -0.51
C SER C 109 9.27 8.75 -1.68
N LEU C 110 8.77 9.97 -1.45
CA LEU C 110 8.36 10.79 -2.58
C LEU C 110 9.55 11.36 -3.31
N TRP C 111 10.66 11.59 -2.61
CA TRP C 111 11.89 11.96 -3.28
C TRP C 111 12.40 10.84 -4.15
N ASP C 112 12.37 9.60 -3.65
CA ASP C 112 13.12 8.51 -4.27
C ASP C 112 12.55 8.10 -5.62
N GLN C 113 11.24 8.15 -5.79
CA GLN C 113 10.72 7.87 -7.12
C GLN C 113 10.98 9.04 -8.05
N SER C 114 11.09 10.25 -7.52
CA SER C 114 11.33 11.42 -8.34
C SER C 114 12.81 11.66 -8.56
N LEU C 115 13.65 11.19 -7.64
CA LEU C 115 15.08 11.21 -7.87
C LEU C 115 15.53 10.19 -8.89
N LYS C 116 14.69 9.20 -9.21
CA LYS C 116 15.14 8.14 -10.13
C LYS C 116 15.30 8.62 -11.57
N PRO C 117 14.26 9.10 -12.28
CA PRO C 117 14.42 9.26 -13.73
C PRO C 117 15.27 10.45 -14.14
N CYS C 118 15.69 11.30 -13.21
CA CYS C 118 16.44 12.48 -13.57
C CYS C 118 17.90 12.13 -13.85
N VAL C 119 18.67 13.15 -14.20
CA VAL C 119 19.98 12.98 -14.80
C VAL C 119 20.98 12.57 -13.72
N LYS C 120 21.73 11.52 -13.98
CA LYS C 120 22.81 11.14 -13.09
C LYS C 120 24.04 12.00 -13.40
N LEU C 121 24.84 12.26 -12.37
CA LEU C 121 25.98 13.15 -12.51
C LEU C 121 27.29 12.48 -12.11
N THR C 122 27.37 11.18 -12.28
CA THR C 122 28.63 10.45 -12.08
C THR C 122 29.77 10.93 -12.97
N PRO C 123 29.63 11.14 -14.32
CA PRO C 123 30.85 11.35 -15.11
C PRO C 123 31.44 12.74 -15.03
N LEU C 124 31.07 13.54 -14.03
CA LEU C 124 31.47 14.92 -13.99
C LEU C 124 32.60 15.20 -13.01
N CYS C 125 33.01 14.23 -12.20
CA CYS C 125 34.01 14.48 -11.16
C CYS C 125 35.39 14.56 -11.82
N VAL C 126 35.66 15.72 -12.40
CA VAL C 126 36.85 15.94 -13.21
C VAL C 126 37.68 17.04 -12.56
N THR C 127 39.00 16.89 -12.63
CA THR C 127 39.93 17.90 -12.16
C THR C 127 39.74 19.21 -12.92
N LEU C 128 39.88 20.33 -12.22
CA LEU C 128 39.46 21.64 -12.70
C LEU C 128 40.62 22.63 -12.75
N ASN C 129 40.36 23.77 -13.40
CA ASN C 129 41.22 24.94 -13.41
C ASN C 129 40.31 26.14 -13.25
N CYS C 130 40.31 26.76 -12.07
CA CYS C 130 39.30 27.73 -11.71
C CYS C 130 39.95 29.07 -11.36
N THR C 131 39.48 30.13 -12.00
CA THR C 131 40.04 31.46 -11.83
C THR C 131 39.01 32.40 -11.21
N ASP C 132 39.49 33.58 -10.81
CA ASP C 132 38.64 34.53 -10.12
C ASP C 132 37.66 35.19 -11.09
N LEU C 133 36.43 35.37 -10.65
CA LEU C 133 35.40 35.96 -11.49
C LEU C 133 35.25 37.44 -11.18
N ARG C 134 35.25 38.25 -12.23
CA ARG C 134 35.02 39.68 -12.10
C ARG C 134 33.57 39.94 -11.72
N ASN C 135 33.36 40.95 -10.88
CA ASN C 135 32.03 41.40 -10.51
C ASN C 135 31.30 41.98 -11.74
N GLU C 153 35.15 38.46 1.09
CA GLU C 153 34.07 37.54 0.82
C GLU C 153 34.60 36.23 0.25
N GLY C 154 33.90 35.13 0.54
CA GLY C 154 34.22 33.86 -0.08
C GLY C 154 32.97 33.22 -0.64
N GLY C 155 32.92 33.02 -1.95
CA GLY C 155 31.68 32.63 -2.58
C GLY C 155 31.86 32.30 -4.04
N GLU C 156 30.99 32.85 -4.88
CA GLU C 156 31.20 32.78 -6.32
C GLU C 156 32.42 33.63 -6.65
N ILE C 157 33.57 32.99 -6.79
CA ILE C 157 34.74 33.66 -7.30
C ILE C 157 35.21 32.81 -8.47
N LYS C 158 34.92 31.52 -8.42
CA LYS C 158 35.57 30.55 -9.29
C LYS C 158 34.58 30.01 -10.32
N ASN C 159 34.78 30.35 -11.59
CA ASN C 159 34.21 29.54 -12.63
C ASN C 159 35.28 28.58 -13.15
N CYS C 160 34.84 27.45 -13.67
CA CYS C 160 35.79 26.37 -13.90
C CYS C 160 35.72 25.82 -15.31
N SER C 161 36.46 24.74 -15.56
CA SER C 161 36.60 24.20 -16.90
C SER C 161 37.11 22.78 -16.80
N PHE C 162 36.53 21.88 -17.61
CA PHE C 162 36.95 20.49 -17.61
C PHE C 162 36.49 19.82 -18.88
N ASN C 163 37.25 18.80 -19.29
CA ASN C 163 36.98 18.05 -20.51
C ASN C 163 36.00 16.92 -20.22
N ILE C 164 35.04 16.73 -21.12
CA ILE C 164 34.02 15.70 -20.92
C ILE C 164 33.45 15.31 -22.28
N THR C 165 32.98 14.07 -22.37
CA THR C 165 32.54 13.45 -23.63
C THR C 165 31.31 12.56 -23.44
N THR C 166 30.27 13.08 -22.75
CA THR C 166 29.17 12.29 -22.19
C THR C 166 28.39 11.40 -23.15
N SER C 167 27.67 11.98 -24.10
CA SER C 167 26.79 11.20 -24.96
C SER C 167 27.31 11.01 -26.36
N MET C 168 28.21 11.88 -26.83
CA MET C 168 28.81 11.66 -28.14
C MET C 168 29.82 10.52 -28.10
N ARG C 169 30.54 10.39 -26.98
CA ARG C 169 31.49 9.31 -26.69
C ARG C 169 32.61 9.23 -27.72
N ASP C 170 32.99 10.37 -28.32
CA ASP C 170 34.07 10.41 -29.28
C ASP C 170 35.22 11.30 -28.83
N LYS C 171 34.93 12.54 -28.46
CA LYS C 171 35.96 13.53 -28.15
C LYS C 171 35.53 14.33 -26.93
N VAL C 172 36.49 14.60 -26.06
CA VAL C 172 36.26 15.39 -24.86
C VAL C 172 36.12 16.85 -25.25
N GLN C 173 35.62 17.67 -24.33
CA GLN C 173 35.51 19.10 -24.61
C GLN C 173 35.51 19.88 -23.30
N LYS C 174 36.35 20.91 -23.23
CA LYS C 174 36.34 21.81 -22.09
C LYS C 174 35.10 22.71 -22.12
N GLU C 175 34.87 23.42 -21.03
CA GLU C 175 33.60 24.07 -20.79
C GLU C 175 33.81 25.31 -19.94
N TYR C 176 32.71 25.97 -19.60
CA TYR C 176 32.69 26.99 -18.56
C TYR C 176 31.36 26.91 -17.82
N ALA C 177 31.41 27.13 -16.52
CA ALA C 177 30.28 26.92 -15.63
C ALA C 177 30.21 28.11 -14.68
N LEU C 178 29.46 27.97 -13.59
CA LEU C 178 29.53 28.89 -12.45
C LEU C 178 29.39 28.10 -11.17
N PHE C 179 30.38 28.21 -10.30
CA PHE C 179 30.51 27.36 -9.12
C PHE C 179 30.74 28.22 -7.88
N TYR C 180 29.94 27.96 -6.84
CA TYR C 180 30.08 28.66 -5.57
C TYR C 180 31.23 28.06 -4.78
N LYS C 181 31.32 28.42 -3.51
CA LYS C 181 32.02 27.61 -2.54
C LYS C 181 31.05 26.56 -2.01
N LEU C 182 31.41 25.87 -0.93
CA LEU C 182 30.67 24.81 -0.27
C LEU C 182 30.41 23.60 -1.17
N ASP C 183 31.12 23.50 -2.29
CA ASP C 183 31.01 22.34 -3.15
C ASP C 183 32.31 21.95 -3.85
N VAL C 184 33.43 22.63 -3.60
CA VAL C 184 34.69 22.38 -4.29
C VAL C 184 35.80 22.16 -3.26
N VAL C 185 36.86 21.49 -3.70
CA VAL C 185 38.02 21.21 -2.85
C VAL C 185 39.31 21.52 -3.61
N PRO C 186 40.19 22.38 -3.09
CA PRO C 186 41.52 22.51 -3.68
C PRO C 186 42.36 21.27 -3.48
N ILE C 187 42.66 20.57 -4.57
CA ILE C 187 43.23 19.23 -4.46
C ILE C 187 44.72 19.31 -4.19
N LYS C 188 45.31 18.18 -3.84
CA LYS C 188 46.71 18.12 -3.45
C LYS C 188 47.60 17.96 -4.68
N ASN C 189 48.87 18.37 -4.50
CA ASN C 189 49.96 18.27 -5.48
C ASN C 189 49.62 18.97 -6.79
N ASP C 190 48.88 20.07 -6.72
CA ASP C 190 48.54 20.80 -7.93
C ASP C 190 48.21 22.23 -7.53
N ASN C 191 48.38 23.13 -8.48
CA ASN C 191 48.22 24.56 -8.24
C ASN C 191 46.86 24.98 -8.75
N THR C 192 45.93 25.25 -7.82
CA THR C 192 44.58 25.77 -8.07
C THR C 192 43.80 24.81 -8.98
N SER C 193 43.53 23.63 -8.41
CA SER C 193 42.73 22.61 -9.10
C SER C 193 41.67 22.08 -8.15
N TYR C 194 40.43 22.05 -8.63
CA TYR C 194 39.29 21.80 -7.77
C TYR C 194 38.60 20.50 -8.15
N ARG C 195 37.75 20.04 -7.23
CA ARG C 195 37.06 18.77 -7.36
C ARG C 195 35.86 18.81 -6.42
N LEU C 196 34.77 18.19 -6.84
CA LEU C 196 33.51 18.31 -6.11
C LEU C 196 33.54 17.52 -4.82
N ILE C 197 32.90 18.06 -3.78
CA ILE C 197 33.09 17.57 -2.42
C ILE C 197 32.51 16.18 -2.21
N SER C 198 31.55 15.77 -3.02
CA SER C 198 30.83 14.54 -2.78
C SER C 198 30.93 13.62 -3.99
N CYS C 199 32.14 13.44 -4.50
CA CYS C 199 32.35 12.45 -5.54
C CYS C 199 32.27 11.05 -4.96
N ASN C 200 33.13 10.76 -4.00
CA ASN C 200 33.29 9.40 -3.49
C ASN C 200 32.31 9.05 -2.37
N THR C 201 31.17 9.71 -2.36
CA THR C 201 29.99 9.17 -1.70
C THR C 201 29.19 8.41 -2.75
N SER C 202 27.92 8.13 -2.46
CA SER C 202 27.02 7.55 -3.46
C SER C 202 26.67 8.59 -4.52
N VAL C 203 25.74 8.21 -5.41
CA VAL C 203 25.51 8.92 -6.66
C VAL C 203 24.90 10.29 -6.41
N ILE C 204 25.04 11.15 -7.41
CA ILE C 204 24.81 12.59 -7.25
C ILE C 204 23.77 13.04 -8.28
N THR C 205 22.75 12.20 -8.48
CA THR C 205 21.62 12.50 -9.36
C THR C 205 20.92 13.79 -8.97
N GLN C 206 20.70 14.66 -9.95
CA GLN C 206 19.99 15.92 -9.74
C GLN C 206 18.49 15.70 -9.75
N ALA C 207 17.73 16.79 -9.71
CA ALA C 207 16.30 16.76 -9.96
C ALA C 207 15.99 17.47 -11.27
N CYS C 208 14.89 17.09 -11.89
CA CYS C 208 14.54 17.60 -13.20
C CYS C 208 13.90 18.98 -13.08
N PRO C 209 14.01 19.81 -14.12
CA PRO C 209 13.42 21.16 -14.02
C PRO C 209 11.93 21.21 -14.21
N LYS C 210 11.28 20.12 -14.63
CA LYS C 210 9.82 20.15 -14.75
C LYS C 210 9.17 20.27 -13.38
N VAL C 211 9.77 19.67 -12.36
CA VAL C 211 9.10 19.50 -11.08
C VAL C 211 9.22 20.76 -10.25
N SER C 212 8.45 20.85 -9.18
CA SER C 212 8.46 21.97 -8.27
C SER C 212 8.36 21.45 -6.86
N PHE C 213 9.17 22.01 -5.97
CA PHE C 213 9.16 21.62 -4.57
C PHE C 213 8.20 22.45 -3.74
N GLU C 214 7.18 23.02 -4.38
CA GLU C 214 6.26 23.97 -3.75
C GLU C 214 5.39 23.29 -2.69
N PRO C 215 5.54 23.63 -1.44
CA PRO C 215 4.90 22.89 -0.33
C PRO C 215 3.42 23.24 -0.17
N ILE C 216 2.59 22.57 -0.96
CA ILE C 216 1.15 22.80 -0.88
C ILE C 216 0.61 22.05 0.34
N PRO C 217 -0.45 22.52 0.97
CA PRO C 217 -0.91 21.87 2.21
C PRO C 217 -1.56 20.53 1.93
N ILE C 218 -1.15 19.52 2.70
CA ILE C 218 -1.60 18.15 2.51
C ILE C 218 -2.49 17.79 3.68
N HIS C 219 -3.68 17.27 3.38
CA HIS C 219 -4.64 16.84 4.40
C HIS C 219 -4.59 15.32 4.50
N TYR C 220 -4.17 14.81 5.65
CA TYR C 220 -4.19 13.36 5.86
C TYR C 220 -5.59 12.92 6.25
N CYS C 221 -6.20 12.10 5.40
CA CYS C 221 -7.50 11.52 5.71
C CYS C 221 -7.31 10.09 6.19
N ALA C 222 -8.39 9.52 6.69
CA ALA C 222 -8.34 8.19 7.29
C ALA C 222 -9.11 7.19 6.44
N PRO C 223 -8.62 5.97 6.28
CA PRO C 223 -9.35 4.96 5.52
C PRO C 223 -10.51 4.41 6.35
N ALA C 224 -11.19 3.43 5.76
CA ALA C 224 -12.41 2.91 6.37
C ALA C 224 -12.10 2.12 7.63
N GLY C 225 -12.93 2.30 8.65
CA GLY C 225 -12.70 1.63 9.91
C GLY C 225 -11.66 2.27 10.78
N PHE C 226 -11.37 3.56 10.56
CA PHE C 226 -10.39 4.27 11.37
C PHE C 226 -10.87 5.70 11.51
N ALA C 227 -10.91 6.21 12.72
CA ALA C 227 -11.37 7.56 12.98
C ALA C 227 -10.23 8.35 13.59
N ILE C 228 -9.72 9.34 12.86
CA ILE C 228 -8.70 10.23 13.42
C ILE C 228 -9.36 11.12 14.45
N LEU C 229 -8.79 11.16 15.65
CA LEU C 229 -9.29 11.98 16.73
C LEU C 229 -8.40 13.19 16.92
N LYS C 230 -8.93 14.20 17.63
CA LYS C 230 -8.20 15.45 17.81
C LYS C 230 -8.61 16.09 19.13
N CYS C 231 -7.62 16.53 19.90
CA CYS C 231 -7.91 17.14 21.20
C CYS C 231 -8.52 18.53 21.02
N ASN C 232 -9.48 18.85 21.87
CA ASN C 232 -10.19 20.12 21.78
C ASN C 232 -9.83 21.07 22.90
N ASP C 233 -8.82 20.77 23.69
CA ASP C 233 -8.35 21.66 24.73
C ASP C 233 -7.11 22.36 24.21
N LYS C 234 -7.11 23.68 24.25
CA LYS C 234 -5.93 24.43 23.86
C LYS C 234 -4.98 24.67 25.03
N LYS C 235 -5.30 24.15 26.21
CA LYS C 235 -4.35 24.07 27.30
C LYS C 235 -3.58 22.75 27.28
N PHE C 236 -3.71 21.98 26.20
CA PHE C 236 -3.12 20.66 26.09
C PHE C 236 -1.61 20.77 26.05
N ASN C 237 -0.95 20.28 27.09
CA ASN C 237 0.48 20.48 27.24
C ASN C 237 1.33 19.46 26.50
N GLY C 238 0.71 18.53 25.77
CA GLY C 238 1.48 17.58 25.01
C GLY C 238 1.16 16.13 25.30
N THR C 239 0.95 15.80 26.57
CA THR C 239 0.62 14.42 26.94
C THR C 239 -0.63 14.38 27.80
N GLY C 240 -0.90 13.24 28.41
CA GLY C 240 -1.97 13.13 29.36
C GLY C 240 -3.33 13.06 28.70
N PRO C 241 -4.39 13.33 29.46
CA PRO C 241 -5.74 13.21 28.93
C PRO C 241 -6.20 14.51 28.27
N CYS C 242 -7.35 14.41 27.60
CA CYS C 242 -8.09 15.57 27.10
C CYS C 242 -9.53 15.49 27.58
N THR C 243 -10.30 16.51 27.24
CA THR C 243 -11.60 16.73 27.85
C THR C 243 -12.75 16.25 26.97
N ASN C 244 -12.86 16.82 25.77
CA ASN C 244 -14.01 16.59 24.91
C ASN C 244 -13.57 16.37 23.45
N VAL C 245 -12.69 15.38 23.26
CA VAL C 245 -12.09 15.02 21.97
C VAL C 245 -13.15 14.82 20.89
N SER C 246 -12.93 15.41 19.73
CA SER C 246 -13.83 15.30 18.59
C SER C 246 -13.29 14.30 17.59
N THR C 247 -13.94 14.23 16.44
CA THR C 247 -13.62 13.24 15.42
C THR C 247 -13.70 13.88 14.06
N VAL C 248 -12.60 13.89 13.33
CA VAL C 248 -12.58 14.50 12.00
C VAL C 248 -12.31 13.42 10.97
N GLN C 249 -12.83 13.64 9.76
CA GLN C 249 -12.49 12.76 8.65
C GLN C 249 -11.04 12.90 8.27
N CYS C 250 -10.50 14.11 8.37
CA CYS C 250 -9.29 14.39 7.64
C CYS C 250 -8.62 15.58 8.31
N THR C 251 -7.31 15.50 8.43
CA THR C 251 -6.59 16.47 9.23
C THR C 251 -6.54 17.82 8.53
N HIS C 252 -6.12 18.83 9.29
CA HIS C 252 -6.15 20.19 8.79
C HIS C 252 -4.94 20.44 7.89
N GLY C 253 -4.68 21.71 7.62
CA GLY C 253 -3.64 22.07 6.68
C GLY C 253 -2.27 21.72 7.21
N ILE C 254 -1.51 20.94 6.46
CA ILE C 254 -0.14 20.61 6.79
C ILE C 254 0.68 20.92 5.57
N ARG C 255 1.42 22.02 5.62
CA ARG C 255 2.36 22.34 4.56
C ARG C 255 3.70 21.69 4.90
N PRO C 256 4.14 20.69 4.17
CA PRO C 256 5.35 19.96 4.54
C PRO C 256 6.62 20.69 4.11
N VAL C 257 6.87 21.81 4.77
CA VAL C 257 8.05 22.61 4.48
C VAL C 257 9.27 21.97 5.13
N VAL C 258 10.45 22.38 4.66
CA VAL C 258 11.70 21.81 5.14
C VAL C 258 12.62 22.94 5.61
N SER C 259 12.85 23.01 6.92
CA SER C 259 13.77 24.00 7.46
C SER C 259 14.32 23.52 8.79
N THR C 260 15.59 23.81 9.02
CA THR C 260 16.22 23.63 10.32
C THR C 260 16.06 24.90 11.13
N GLN C 261 16.17 24.76 12.45
CA GLN C 261 16.35 25.83 13.43
C GLN C 261 15.18 26.81 13.57
N LEU C 262 14.16 26.69 12.72
CA LEU C 262 12.92 27.44 12.79
C LEU C 262 11.85 26.57 12.16
N LEU C 263 10.69 27.16 11.89
CA LEU C 263 9.68 26.50 11.07
C LEU C 263 8.85 27.59 10.42
N LEU C 264 8.81 27.58 9.09
CA LEU C 264 8.48 28.81 8.36
C LEU C 264 6.98 29.02 8.21
N ASN C 265 6.32 28.22 7.38
CA ASN C 265 4.93 28.47 7.00
C ASN C 265 3.97 27.70 7.91
N GLY C 266 4.20 27.78 9.21
CA GLY C 266 3.58 26.83 10.12
C GLY C 266 2.17 27.23 10.51
N SER C 267 1.73 26.68 11.63
CA SER C 267 0.37 26.85 12.13
C SER C 267 0.41 27.14 13.62
N LEU C 268 -0.30 28.18 14.04
CA LEU C 268 -0.09 28.78 15.34
C LEU C 268 -1.32 28.71 16.22
N ALA C 269 -1.10 28.67 17.53
CA ALA C 269 -2.15 28.45 18.50
C ALA C 269 -2.83 29.76 18.85
N GLU C 270 -3.65 29.76 19.89
CA GLU C 270 -4.37 30.96 20.31
C GLU C 270 -3.45 31.87 21.10
N GLU C 271 -4.02 32.87 21.78
CA GLU C 271 -3.27 34.07 22.15
C GLU C 271 -2.45 33.93 23.41
N GLU C 272 -2.02 32.71 23.72
CA GLU C 272 -0.93 32.48 24.65
C GLU C 272 0.18 31.75 23.91
N VAL C 273 1.39 31.87 24.42
CA VAL C 273 2.52 31.17 23.85
C VAL C 273 2.69 29.85 24.59
N VAL C 274 2.73 28.75 23.86
CA VAL C 274 2.82 27.43 24.45
C VAL C 274 4.14 26.80 24.02
N ILE C 275 4.88 26.26 24.98
CA ILE C 275 6.14 25.60 24.70
C ILE C 275 6.14 24.23 25.35
N ARG C 276 6.40 23.19 24.57
CA ARG C 276 6.33 21.81 25.02
C ARG C 276 7.67 21.13 24.80
N SER C 277 7.93 20.11 25.61
CA SER C 277 9.08 19.23 25.41
C SER C 277 8.77 17.89 26.06
N ALA C 278 9.74 16.98 25.98
CA ALA C 278 9.49 15.60 26.40
C ALA C 278 9.54 15.45 27.91
N ASN C 279 10.73 15.61 28.49
CA ASN C 279 10.84 15.64 29.94
C ASN C 279 10.77 17.07 30.45
N PHE C 280 11.33 18.01 29.67
CA PHE C 280 11.37 19.45 29.94
C PHE C 280 12.18 19.76 31.20
N THR C 281 12.98 18.80 31.65
CA THR C 281 13.91 18.97 32.75
C THR C 281 15.24 18.40 32.26
N ASP C 282 15.13 17.38 31.42
CA ASP C 282 16.30 16.76 30.82
C ASP C 282 16.99 17.75 29.88
N ASN C 283 18.32 17.64 29.82
CA ASN C 283 19.10 18.62 29.07
C ASN C 283 19.11 18.31 27.58
N ALA C 284 19.30 17.06 27.20
CA ALA C 284 19.44 16.73 25.78
C ALA C 284 18.11 16.35 25.15
N LYS C 285 17.09 17.15 25.36
CA LYS C 285 15.81 17.01 24.67
C LYS C 285 15.64 18.17 23.71
N ILE C 286 14.46 18.28 23.12
CA ILE C 286 14.17 19.29 22.11
C ILE C 286 13.06 20.18 22.65
N ILE C 287 13.24 21.49 22.52
CA ILE C 287 12.30 22.49 22.99
C ILE C 287 11.43 22.91 21.82
N ILE C 288 10.17 22.48 21.83
CA ILE C 288 9.21 22.86 20.80
C ILE C 288 8.53 24.14 21.24
N VAL C 289 8.63 25.17 20.40
CA VAL C 289 8.12 26.50 20.72
C VAL C 289 6.97 26.82 19.80
N GLN C 290 5.83 27.16 20.38
CA GLN C 290 4.67 27.65 19.64
C GLN C 290 4.33 29.04 20.16
N LEU C 291 4.58 30.07 19.36
CA LEU C 291 4.32 31.43 19.75
C LEU C 291 3.02 31.93 19.13
N ASN C 292 2.35 32.86 19.84
CA ASN C 292 0.96 33.14 19.53
C ASN C 292 0.78 34.09 18.36
N LYS C 293 1.86 34.64 17.81
CA LYS C 293 1.77 35.60 16.72
C LYS C 293 2.83 35.25 15.69
N SER C 294 2.73 35.86 14.52
CA SER C 294 3.64 35.57 13.44
C SER C 294 4.71 36.65 13.35
N VAL C 295 5.87 36.27 12.82
CA VAL C 295 7.01 37.15 12.66
C VAL C 295 7.42 37.07 11.20
N GLU C 296 7.25 38.17 10.48
CA GLU C 296 7.35 38.15 9.03
C GLU C 296 8.81 38.24 8.59
N ILE C 297 9.16 37.47 7.57
CA ILE C 297 10.53 37.32 7.10
C ILE C 297 10.57 37.64 5.62
N ASN C 298 11.60 38.37 5.19
CA ASN C 298 11.89 38.54 3.78
C ASN C 298 13.31 38.07 3.51
N CYS C 299 13.48 37.28 2.44
CA CYS C 299 14.78 36.79 2.04
C CYS C 299 14.84 36.85 0.52
N THR C 300 15.92 37.43 0.00
CA THR C 300 16.00 37.58 -1.45
C THR C 300 17.40 37.27 -1.96
N ARG C 301 17.44 36.94 -3.24
CA ARG C 301 18.68 36.58 -3.94
C ARG C 301 18.83 37.60 -5.06
N PRO C 302 19.58 38.68 -4.84
CA PRO C 302 19.60 39.78 -5.83
C PRO C 302 20.37 39.47 -7.09
N ASN C 303 21.08 38.35 -7.16
CA ASN C 303 21.89 38.05 -8.32
C ASN C 303 20.98 37.62 -9.46
N ASN C 304 21.08 38.31 -10.60
CA ASN C 304 20.26 37.98 -11.76
C ASN C 304 20.85 36.75 -12.45
N ASN C 305 20.65 35.59 -11.82
CA ASN C 305 21.01 34.33 -12.44
C ASN C 305 20.09 34.07 -13.63
N THR C 306 20.61 33.35 -14.61
CA THR C 306 19.95 33.23 -15.91
C THR C 306 19.96 31.76 -16.35
N ARG C 307 19.55 31.55 -17.60
CA ARG C 307 19.53 30.24 -18.20
C ARG C 307 20.94 29.94 -18.73
N LYS C 308 21.12 28.79 -19.36
CA LYS C 308 22.43 28.15 -19.52
C LYS C 308 22.25 26.94 -20.41
N SER C 309 23.37 26.43 -20.90
CA SER C 309 23.35 25.26 -21.78
C SER C 309 24.64 24.48 -21.53
N ILE C 310 24.54 23.44 -20.73
CA ILE C 310 25.69 22.61 -20.44
C ILE C 310 25.43 21.26 -21.11
N HIS C 311 26.50 20.50 -21.32
CA HIS C 311 26.58 19.39 -22.25
C HIS C 311 25.60 18.28 -21.90
N ILE C 312 25.29 17.48 -22.90
CA ILE C 312 24.11 16.64 -22.92
C ILE C 312 24.53 15.24 -22.55
N GLY C 313 23.81 14.62 -21.60
CA GLY C 313 23.93 13.21 -21.38
C GLY C 313 23.15 12.45 -22.45
N PRO C 314 22.94 11.15 -22.25
CA PRO C 314 22.18 10.41 -23.26
C PRO C 314 20.70 10.80 -23.20
N GLY C 315 20.32 11.68 -24.13
CA GLY C 315 19.04 12.35 -24.04
C GLY C 315 18.82 13.16 -22.78
N ARG C 316 19.89 13.63 -22.14
CA ARG C 316 19.80 14.22 -20.81
C ARG C 316 20.57 15.54 -20.81
N ALA C 317 19.88 16.64 -21.05
CA ALA C 317 20.50 17.95 -20.98
C ALA C 317 20.76 18.31 -19.52
N PHE C 318 22.01 18.61 -19.19
CA PHE C 318 22.37 19.01 -17.84
C PHE C 318 22.60 20.52 -17.80
N TYR C 319 22.27 21.12 -16.66
CA TYR C 319 22.27 22.57 -16.50
C TYR C 319 23.17 22.97 -15.36
N THR C 320 23.97 24.02 -15.57
CA THR C 320 24.81 24.61 -14.53
C THR C 320 24.74 26.10 -14.71
N THR C 321 24.42 26.80 -13.62
CA THR C 321 23.84 28.14 -13.57
C THR C 321 24.50 29.13 -14.52
N GLY C 322 23.68 29.69 -15.41
CA GLY C 322 24.16 30.68 -16.34
C GLY C 322 24.50 31.98 -15.66
N GLU C 323 24.86 32.94 -16.50
CA GLU C 323 25.56 34.14 -16.07
C GLU C 323 24.72 35.03 -15.17
N ILE C 324 25.41 35.76 -14.29
CA ILE C 324 24.80 36.89 -13.62
C ILE C 324 24.77 38.05 -14.60
N ILE C 325 23.92 39.05 -14.32
CA ILE C 325 23.79 40.18 -15.24
C ILE C 325 25.05 41.04 -15.29
N GLY C 326 25.88 41.01 -14.25
CA GLY C 326 27.13 41.75 -14.30
C GLY C 326 27.51 42.43 -13.00
N ASP C 327 26.69 42.30 -11.97
CA ASP C 327 27.01 42.89 -10.69
C ASP C 327 26.40 42.04 -9.59
N ILE C 328 27.19 41.78 -8.55
CA ILE C 328 26.88 40.75 -7.57
C ILE C 328 26.49 41.41 -6.25
N ARG C 329 25.30 41.08 -5.76
CA ARG C 329 24.87 41.42 -4.41
C ARG C 329 24.59 40.12 -3.68
N GLN C 330 25.21 39.94 -2.53
CA GLN C 330 25.08 38.68 -1.81
C GLN C 330 23.70 38.57 -1.18
N ALA C 331 23.10 37.39 -1.30
CA ALA C 331 21.75 37.15 -0.81
C ALA C 331 21.70 37.21 0.70
N HIS C 332 20.56 37.65 1.22
CA HIS C 332 20.41 37.93 2.63
C HIS C 332 18.94 37.79 3.03
N CYS C 333 18.72 37.34 4.25
CA CYS C 333 17.40 37.48 4.84
C CYS C 333 17.29 38.83 5.53
N ASN C 334 16.05 39.26 5.73
CA ASN C 334 15.83 40.67 6.08
C ASN C 334 14.57 40.73 6.95
N ILE C 335 14.79 40.68 8.25
CA ILE C 335 13.74 40.52 9.24
C ILE C 335 13.49 41.86 9.94
N SER C 336 12.22 42.17 10.20
CA SER C 336 11.85 43.36 10.97
C SER C 336 12.29 43.15 12.41
N GLY C 337 13.45 43.72 12.75
CA GLY C 337 14.12 43.37 13.99
C GLY C 337 13.48 43.91 15.24
N THR C 338 12.49 44.78 15.12
CA THR C 338 11.77 45.23 16.30
C THR C 338 10.91 44.12 16.87
N LYS C 339 10.10 43.47 16.02
CA LYS C 339 9.21 42.42 16.47
C LYS C 339 9.98 41.22 16.99
N TRP C 340 11.11 40.92 16.36
CA TRP C 340 11.97 39.85 16.84
C TRP C 340 12.53 40.19 18.22
N ASN C 341 12.95 41.44 18.40
CA ASN C 341 13.33 41.91 19.72
C ASN C 341 12.15 41.91 20.67
N ASP C 342 10.95 42.19 20.15
CA ASP C 342 9.76 42.10 20.97
C ASP C 342 9.46 40.66 21.34
N THR C 343 9.88 39.72 20.50
CA THR C 343 9.40 38.34 20.62
C THR C 343 10.03 37.63 21.80
N LEU C 344 11.34 37.75 21.96
CA LEU C 344 12.01 36.85 22.89
C LEU C 344 11.79 37.22 24.34
N LYS C 345 11.45 38.47 24.63
CA LYS C 345 10.94 38.77 25.96
C LYS C 345 9.56 38.19 26.18
N GLN C 346 8.77 38.05 25.12
CA GLN C 346 7.49 37.39 25.28
C GLN C 346 7.66 35.89 25.49
N ILE C 347 8.79 35.32 25.09
CA ILE C 347 8.97 33.89 25.22
C ILE C 347 9.31 33.52 26.65
N VAL C 348 10.15 34.32 27.32
CA VAL C 348 10.52 34.01 28.69
C VAL C 348 9.41 34.31 29.69
N VAL C 349 8.33 34.94 29.24
CA VAL C 349 7.11 34.95 30.03
C VAL C 349 6.62 33.53 30.24
N LYS C 350 6.57 32.74 29.17
CA LYS C 350 6.09 31.38 29.23
C LYS C 350 7.21 30.34 29.29
N LEU C 351 8.47 30.74 29.16
CA LEU C 351 9.56 29.84 29.47
C LEU C 351 9.76 29.64 30.96
N LYS C 352 9.10 30.43 31.79
CA LYS C 352 9.62 30.60 33.11
C LYS C 352 8.96 29.72 34.15
N GLU C 353 7.65 29.54 34.06
CA GLU C 353 6.79 29.24 35.20
C GLU C 353 6.90 27.81 35.71
N GLN C 354 7.90 27.05 35.27
CA GLN C 354 8.16 25.71 35.76
C GLN C 354 9.27 25.67 36.80
N PHE C 355 10.12 26.70 36.87
CA PHE C 355 11.08 26.82 37.94
C PHE C 355 11.32 28.30 38.21
N GLY C 356 11.27 28.68 39.48
CA GLY C 356 11.58 29.94 40.11
C GLY C 356 11.05 31.14 39.35
N ASN C 357 11.81 32.23 39.44
CA ASN C 357 11.56 33.45 38.68
C ASN C 357 12.86 34.14 38.28
N LYS C 358 13.89 33.36 38.01
CA LYS C 358 15.24 33.87 37.82
C LYS C 358 15.97 33.14 36.70
N THR C 359 16.98 33.83 36.14
CA THR C 359 18.04 33.30 35.30
C THR C 359 17.52 32.70 33.99
N ILE C 360 17.01 33.57 33.13
CA ILE C 360 16.70 33.22 31.74
C ILE C 360 17.67 33.95 30.81
N VAL C 361 18.16 33.24 29.79
CA VAL C 361 19.09 33.78 28.81
C VAL C 361 18.74 33.23 27.43
N PHE C 362 19.40 33.78 26.41
CA PHE C 362 19.37 33.24 25.05
C PHE C 362 20.77 33.23 24.47
N ASN C 363 21.12 32.13 23.80
CA ASN C 363 22.46 31.87 23.31
C ASN C 363 22.34 31.37 21.89
N HIS C 364 23.41 31.56 21.13
CA HIS C 364 23.42 31.06 19.76
C HIS C 364 23.95 29.62 19.74
N SER C 365 23.84 29.00 18.57
CA SER C 365 24.17 27.59 18.43
C SER C 365 25.68 27.39 18.34
N SER C 366 26.06 26.13 18.14
CA SER C 366 27.46 25.72 18.08
C SER C 366 27.54 24.33 17.47
N GLY C 367 28.75 23.91 17.14
CA GLY C 367 29.02 22.53 16.79
C GLY C 367 29.05 22.20 15.30
N GLY C 368 30.23 21.87 14.80
CA GLY C 368 30.36 21.22 13.50
C GLY C 368 30.43 22.18 12.33
N ASP C 369 30.23 21.57 11.15
CA ASP C 369 30.24 22.26 9.88
C ASP C 369 29.01 23.19 9.76
N PRO C 370 29.07 24.24 8.92
CA PRO C 370 28.00 25.25 8.91
C PRO C 370 26.63 24.76 8.44
N GLU C 371 26.51 23.57 7.86
CA GLU C 371 25.21 23.09 7.41
C GLU C 371 24.28 22.81 8.59
N ILE C 372 24.84 22.42 9.72
CA ILE C 372 24.04 22.25 10.93
C ILE C 372 24.14 23.50 11.82
N VAL C 373 25.14 24.35 11.59
CA VAL C 373 25.24 25.61 12.31
C VAL C 373 24.27 26.63 11.72
N MET C 374 24.47 27.00 10.46
CA MET C 374 23.70 28.06 9.85
C MET C 374 22.27 27.61 9.58
N HIS C 375 21.36 28.57 9.53
CA HIS C 375 19.95 28.26 9.37
C HIS C 375 19.65 27.81 7.95
N SER C 376 19.02 26.66 7.83
CA SER C 376 18.69 26.09 6.53
C SER C 376 17.19 26.16 6.28
N PHE C 377 16.83 26.47 5.03
CA PHE C 377 15.46 26.47 4.53
C PHE C 377 15.53 26.59 3.01
N ASN C 378 14.44 26.25 2.36
CA ASN C 378 14.33 26.41 0.91
C ASN C 378 13.52 27.64 0.55
N CYS C 379 13.66 28.08 -0.70
CA CYS C 379 12.81 29.15 -1.21
C CYS C 379 12.62 28.95 -2.71
N GLY C 380 11.53 28.30 -3.08
CA GLY C 380 11.08 28.16 -4.45
C GLY C 380 12.07 27.50 -5.40
N GLY C 381 12.43 26.24 -5.13
CA GLY C 381 13.45 25.60 -5.92
C GLY C 381 14.84 26.15 -5.73
N GLU C 382 15.16 26.58 -4.52
CA GLU C 382 16.46 27.16 -4.22
C GLU C 382 16.70 27.03 -2.73
N PHE C 383 17.97 26.80 -2.36
CA PHE C 383 18.34 26.42 -1.01
C PHE C 383 19.20 27.47 -0.35
N PHE C 384 18.89 27.76 0.91
CA PHE C 384 19.53 28.81 1.67
C PHE C 384 20.12 28.26 2.95
N TYR C 385 21.37 28.65 3.22
CA TYR C 385 22.01 28.48 4.51
C TYR C 385 22.29 29.88 5.06
N CYS C 386 21.52 30.32 6.04
CA CYS C 386 21.64 31.68 6.54
C CYS C 386 22.26 31.70 7.93
N ASN C 387 23.06 32.72 8.19
CA ASN C 387 23.71 32.88 9.48
C ASN C 387 22.74 33.51 10.45
N SER C 388 22.56 32.89 11.60
CA SER C 388 21.55 33.31 12.56
C SER C 388 22.15 33.50 13.94
N THR C 389 23.41 33.93 14.01
CA THR C 389 24.03 34.15 15.31
C THR C 389 23.48 35.41 15.97
N GLN C 390 23.09 36.39 15.16
CA GLN C 390 22.59 37.66 15.66
C GLN C 390 21.26 37.53 16.36
N LEU C 391 20.53 36.45 16.13
CA LEU C 391 19.17 36.32 16.61
C LEU C 391 19.06 35.88 18.05
N PHE C 392 20.16 35.69 18.77
CA PHE C 392 20.12 34.97 20.04
C PHE C 392 20.96 35.67 21.12
N ASN C 393 20.74 36.97 21.28
CA ASN C 393 21.22 37.69 22.45
C ASN C 393 20.37 37.38 23.67
N SER C 394 21.02 37.33 24.84
CA SER C 394 20.33 37.05 26.08
C SER C 394 19.43 38.20 26.52
N THR C 395 18.46 37.88 27.37
CA THR C 395 17.57 38.87 27.96
C THR C 395 17.58 38.72 29.47
N TRP C 396 16.66 39.39 30.16
CA TRP C 396 16.61 39.39 31.62
C TRP C 396 15.15 39.46 32.05
N ASN C 397 14.89 39.05 33.30
CA ASN C 397 13.56 39.06 33.86
C ASN C 397 12.99 40.46 34.07
N THR C 407 15.82 46.94 11.61
CA THR C 407 15.67 45.91 10.58
C THR C 407 16.95 45.10 10.38
N ILE C 408 16.93 43.85 10.85
CA ILE C 408 18.13 43.02 10.89
C ILE C 408 18.34 42.37 9.52
N VAL C 409 19.58 42.39 9.05
CA VAL C 409 19.98 41.73 7.80
C VAL C 409 20.92 40.58 8.15
N LEU C 410 20.60 39.39 7.65
CA LEU C 410 21.46 38.27 7.99
C LEU C 410 22.23 37.78 6.79
N PRO C 411 23.53 37.48 6.94
CA PRO C 411 24.34 37.02 5.81
C PRO C 411 24.02 35.60 5.42
N CYS C 412 23.35 35.44 4.29
CA CYS C 412 22.95 34.11 3.84
C CYS C 412 23.96 33.55 2.87
N ARG C 413 24.08 32.23 2.89
CA ARG C 413 25.01 31.50 2.03
C ARG C 413 24.26 30.44 1.27
N ILE C 414 24.58 30.29 0.00
CA ILE C 414 23.87 29.39 -0.89
C ILE C 414 24.86 28.37 -1.43
N LYS C 415 24.51 27.09 -1.36
CA LYS C 415 25.27 26.08 -2.07
C LYS C 415 24.37 25.42 -3.12
N GLN C 416 24.97 24.53 -3.89
CA GLN C 416 24.28 23.88 -4.99
C GLN C 416 24.18 22.38 -4.82
N ILE C 417 25.31 21.70 -4.59
CA ILE C 417 25.30 20.27 -4.33
C ILE C 417 24.79 20.07 -2.91
N VAL C 418 23.57 19.58 -2.78
CA VAL C 418 22.87 19.56 -1.50
C VAL C 418 22.56 18.13 -1.13
N ASN C 419 22.91 17.74 0.09
CA ASN C 419 22.64 16.41 0.57
C ASN C 419 21.14 16.20 0.73
N MET C 420 20.72 14.94 0.55
CA MET C 420 19.43 14.50 1.01
C MET C 420 19.32 14.72 2.51
N TRP C 421 18.07 14.83 2.96
CA TRP C 421 17.84 15.45 4.26
C TRP C 421 18.30 14.56 5.42
N GLN C 422 18.02 13.27 5.38
CA GLN C 422 18.51 12.44 6.47
C GLN C 422 19.46 11.33 6.04
N GLU C 423 19.30 10.77 4.85
CA GLU C 423 20.20 9.71 4.43
C GLU C 423 21.54 10.28 3.98
N VAL C 424 22.59 9.53 4.25
CA VAL C 424 23.95 9.80 3.79
C VAL C 424 24.21 8.86 2.62
N GLY C 425 24.81 9.37 1.56
CA GLY C 425 24.80 8.66 0.31
C GLY C 425 24.43 9.56 -0.84
N LYS C 426 23.25 9.34 -1.42
CA LYS C 426 22.81 10.17 -2.54
C LYS C 426 22.47 11.59 -2.10
N ALA C 427 22.28 12.45 -3.09
CA ALA C 427 22.16 13.89 -2.86
C ALA C 427 21.55 14.54 -4.08
N MET C 428 20.50 15.33 -3.88
CA MET C 428 19.86 15.98 -5.01
C MET C 428 20.65 17.22 -5.43
N TYR C 429 20.16 17.89 -6.47
CA TYR C 429 20.86 19.01 -7.08
C TYR C 429 19.91 19.76 -7.98
N ALA C 430 19.96 21.10 -7.93
CA ALA C 430 19.09 21.91 -8.79
C ALA C 430 19.67 23.29 -9.06
N PRO C 431 19.97 23.63 -10.30
CA PRO C 431 20.28 25.02 -10.64
C PRO C 431 19.00 25.81 -10.85
N PRO C 432 18.98 27.09 -10.47
CA PRO C 432 17.71 27.84 -10.44
C PRO C 432 17.27 28.32 -11.80
N ILE C 433 16.08 28.88 -11.81
CA ILE C 433 15.52 29.55 -12.98
C ILE C 433 16.05 30.97 -13.07
N LYS C 434 15.73 31.64 -14.16
CA LYS C 434 16.20 32.99 -14.43
C LYS C 434 15.68 33.99 -13.41
N GLY C 435 16.37 35.13 -13.34
CA GLY C 435 15.92 36.23 -12.52
C GLY C 435 16.33 36.12 -11.08
N GLN C 436 15.86 37.09 -10.31
CA GLN C 436 16.08 37.10 -8.87
C GLN C 436 15.01 36.26 -8.17
N ILE C 437 15.14 36.12 -6.86
CA ILE C 437 14.25 35.30 -6.06
C ILE C 437 13.79 36.14 -4.88
N ARG C 438 12.49 36.12 -4.59
CA ARG C 438 11.95 36.72 -3.38
C ARG C 438 10.85 35.82 -2.83
N CYS C 439 10.89 35.57 -1.52
CA CYS C 439 9.80 34.88 -0.86
C CYS C 439 9.61 35.47 0.54
N SER C 440 8.49 36.13 0.75
CA SER C 440 8.08 36.43 2.10
C SER C 440 7.57 35.15 2.76
N SER C 441 7.64 35.13 4.08
CA SER C 441 7.26 33.92 4.79
C SER C 441 6.75 34.32 6.17
N ASN C 442 6.71 33.36 7.07
CA ASN C 442 6.25 33.57 8.42
C ASN C 442 7.19 32.82 9.35
N ILE C 443 6.97 32.97 10.64
CA ILE C 443 7.57 32.11 11.66
C ILE C 443 6.49 31.83 12.68
N THR C 444 6.22 30.55 12.91
CA THR C 444 5.38 30.18 14.04
C THR C 444 6.08 29.17 14.93
N GLY C 445 7.41 29.20 14.96
CA GLY C 445 8.11 28.36 15.91
C GLY C 445 9.60 28.17 15.67
N LEU C 446 10.30 27.77 16.72
CA LEU C 446 11.73 27.51 16.64
C LEU C 446 12.08 26.36 17.57
N ILE C 447 13.28 25.84 17.39
CA ILE C 447 13.75 24.64 18.06
C ILE C 447 14.97 25.00 18.90
N LEU C 448 14.89 24.72 20.19
CA LEU C 448 15.95 25.07 21.13
C LEU C 448 16.41 23.84 21.90
N ILE C 449 17.56 23.99 22.56
CA ILE C 449 18.08 22.96 23.45
C ILE C 449 18.37 23.58 24.81
N ARG C 450 18.43 22.73 25.83
CA ARG C 450 18.94 23.16 27.12
C ARG C 450 20.43 22.82 27.22
N ASP C 451 21.09 23.45 28.18
CA ASP C 451 22.50 23.23 28.35
C ASP C 451 22.90 23.48 29.80
N THR C 460 20.79 32.11 33.32
CA THR C 460 21.98 31.27 33.39
C THR C 460 21.73 29.93 32.71
N GLU C 461 20.48 29.48 32.69
CA GLU C 461 20.14 28.24 32.02
C GLU C 461 20.11 28.47 30.51
N ILE C 462 21.05 27.84 29.81
CA ILE C 462 21.44 28.21 28.46
C ILE C 462 20.47 27.60 27.45
N PHE C 463 19.93 28.44 26.55
CA PHE C 463 19.11 27.98 25.44
C PHE C 463 19.83 28.28 24.14
N ARG C 464 20.05 27.25 23.33
CA ARG C 464 20.72 27.37 22.05
C ARG C 464 19.85 26.78 20.96
N PRO C 465 19.90 27.32 19.73
CA PRO C 465 19.05 26.76 18.67
C PRO C 465 19.60 25.46 18.13
N GLY C 466 18.97 24.37 18.54
CA GLY C 466 19.33 23.04 18.07
C GLY C 466 18.46 22.63 16.92
N GLY C 467 18.49 21.35 16.61
CA GLY C 467 17.64 20.82 15.57
C GLY C 467 18.35 19.89 14.62
N GLY C 468 17.84 18.68 14.48
CA GLY C 468 18.37 17.72 13.55
C GLY C 468 17.29 16.86 12.96
N ASP C 469 16.04 17.20 13.27
CA ASP C 469 14.92 16.41 12.79
C ASP C 469 13.69 17.31 12.67
N MET C 470 13.17 17.42 11.46
CA MET C 470 11.92 18.07 11.14
C MET C 470 10.72 17.18 11.43
N ARG C 471 10.94 15.96 11.90
CA ARG C 471 9.84 15.24 12.52
C ARG C 471 9.35 15.99 13.73
N ASP C 472 10.28 16.61 14.47
CA ASP C 472 9.91 17.49 15.55
C ASP C 472 9.10 18.67 15.04
N ASN C 473 9.37 19.16 13.82
CA ASN C 473 8.47 20.11 13.20
C ASN C 473 7.13 19.47 12.93
N TRP C 474 7.12 18.23 12.47
CA TRP C 474 5.87 17.56 12.23
C TRP C 474 5.22 17.13 13.55
N ARG C 475 6.03 16.95 14.60
CA ARG C 475 5.46 16.79 15.93
C ARG C 475 4.77 18.06 16.38
N SER C 476 5.29 19.22 15.97
CA SER C 476 4.59 20.46 16.28
C SER C 476 3.34 20.61 15.43
N GLU C 477 3.30 19.95 14.28
CA GLU C 477 2.11 20.03 13.46
C GLU C 477 1.07 18.99 13.86
N LEU C 478 1.51 17.87 14.42
CA LEU C 478 0.64 16.75 14.71
C LEU C 478 0.57 16.48 16.20
N TYR C 479 0.47 17.52 17.00
CA TYR C 479 0.43 17.36 18.44
C TYR C 479 -0.96 17.09 18.95
N LYS C 480 -1.91 16.78 18.07
CA LYS C 480 -3.28 16.63 18.46
C LYS C 480 -3.90 15.29 18.11
N TYR C 481 -3.27 14.51 17.25
CA TYR C 481 -4.01 13.49 16.54
C TYR C 481 -3.67 12.08 17.01
N LYS C 482 -4.57 11.16 16.71
CA LYS C 482 -4.54 9.79 17.20
C LYS C 482 -5.49 8.98 16.34
N VAL C 483 -5.04 7.84 15.83
CA VAL C 483 -5.84 7.03 14.91
C VAL C 483 -6.22 5.72 15.56
N VAL C 484 -7.51 5.46 15.66
CA VAL C 484 -8.01 4.29 16.39
C VAL C 484 -8.91 3.48 15.47
N LYS C 485 -8.84 2.16 15.60
CA LYS C 485 -9.65 1.29 14.77
C LYS C 485 -10.95 0.95 15.48
N ILE C 486 -12.00 0.74 14.70
CA ILE C 486 -13.29 0.41 15.28
C ILE C 486 -13.32 -1.08 15.56
N GLU C 487 -13.75 -1.46 16.74
CA GLU C 487 -14.05 -2.86 16.98
C GLU C 487 -15.55 -2.99 17.12
N PRO C 488 -16.29 -3.00 16.00
CA PRO C 488 -17.73 -2.73 16.05
C PRO C 488 -18.55 -3.80 16.72
N LEU C 489 -18.02 -5.01 16.87
CA LEU C 489 -18.79 -6.10 17.42
C LEU C 489 -18.66 -6.13 18.93
N GLY C 490 -19.77 -6.40 19.62
CA GLY C 490 -19.76 -6.41 21.07
C GLY C 490 -20.98 -7.14 21.61
N ILE C 491 -20.84 -7.63 22.84
CA ILE C 491 -21.89 -8.42 23.48
C ILE C 491 -22.16 -7.89 24.88
N ALA C 492 -23.35 -8.22 25.38
CA ALA C 492 -23.80 -7.82 26.71
C ALA C 492 -24.94 -8.73 27.11
N PRO C 493 -25.18 -8.91 28.40
CA PRO C 493 -26.31 -9.74 28.83
C PRO C 493 -27.57 -8.93 29.10
N THR C 494 -28.69 -9.64 29.05
CA THR C 494 -30.00 -9.14 29.48
C THR C 494 -30.91 -10.33 29.78
N LYS C 495 -32.19 -10.04 30.00
CA LYS C 495 -33.15 -11.07 30.35
C LYS C 495 -33.67 -11.84 29.14
N ALA C 496 -33.52 -11.31 27.94
CA ALA C 496 -34.16 -11.93 26.79
C ALA C 496 -33.43 -13.21 26.39
N LYS C 497 -34.06 -13.96 25.48
CA LYS C 497 -33.59 -15.29 25.12
C LYS C 497 -34.13 -15.64 23.74
N ARG C 498 -33.31 -16.30 22.92
CA ARG C 498 -33.76 -16.76 21.61
C ARG C 498 -34.92 -17.74 21.76
N ARG C 499 -35.91 -17.59 20.87
CA ARG C 499 -37.02 -18.53 20.83
C ARG C 499 -36.53 -19.90 20.38
N VAL C 500 -36.78 -20.91 21.20
CA VAL C 500 -36.33 -22.28 20.95
C VAL C 500 -37.56 -23.17 20.88
N VAL C 501 -37.62 -24.00 19.85
CA VAL C 501 -38.72 -24.95 19.73
C VAL C 501 -38.20 -26.37 19.94
N ALA D 1 -20.71 28.80 2.15
CA ALA D 1 -21.95 29.56 2.18
C ALA D 1 -23.10 28.65 2.59
N VAL D 2 -22.84 27.76 3.54
CA VAL D 2 -23.78 26.71 3.93
C VAL D 2 -23.81 26.63 5.45
N GLY D 3 -24.53 25.65 5.99
CA GLY D 3 -24.40 25.27 7.41
C GLY D 3 -25.66 25.27 8.25
N ILE D 4 -25.92 24.13 8.88
CA ILE D 4 -26.98 24.00 9.88
C ILE D 4 -26.45 23.02 10.93
N GLY D 5 -27.10 22.98 12.09
CA GLY D 5 -26.65 22.15 13.18
C GLY D 5 -26.97 20.68 12.96
N ALA D 6 -26.75 19.90 14.03
CA ALA D 6 -26.96 18.47 13.97
C ALA D 6 -28.44 18.14 13.97
N VAL D 7 -28.78 17.05 13.29
CA VAL D 7 -30.18 16.64 13.18
C VAL D 7 -30.38 15.29 13.83
N PHE D 8 -29.75 14.25 13.29
CA PHE D 8 -29.99 12.90 13.80
C PHE D 8 -28.94 12.54 14.86
N LEU D 9 -27.70 12.39 14.42
CA LEU D 9 -26.60 11.79 15.18
C LEU D 9 -25.34 12.02 14.38
N GLY D 10 -24.20 11.74 15.02
CA GLY D 10 -22.92 11.81 14.36
C GLY D 10 -22.24 10.46 14.35
N PHE D 11 -21.10 10.43 13.67
CA PHE D 11 -20.27 9.25 13.69
C PHE D 11 -19.56 9.16 15.03
N LEU D 12 -19.65 7.98 15.66
CA LEU D 12 -19.17 7.71 17.03
C LEU D 12 -19.80 8.63 18.06
N GLY D 13 -20.99 9.16 17.77
CA GLY D 13 -21.56 10.19 18.62
C GLY D 13 -22.02 9.70 19.96
N ALA D 14 -22.31 8.41 20.07
CA ALA D 14 -22.81 7.85 21.31
C ALA D 14 -21.71 7.25 22.17
N ALA D 15 -20.44 7.44 21.79
CA ALA D 15 -19.32 6.75 22.41
C ALA D 15 -18.89 7.38 23.72
N GLY D 16 -19.70 8.24 24.31
CA GLY D 16 -19.49 8.68 25.67
C GLY D 16 -20.81 8.54 26.41
N SER D 17 -21.81 8.03 25.72
CA SER D 17 -23.12 7.88 26.30
C SER D 17 -23.25 6.51 26.94
N THR D 18 -24.38 6.30 27.60
CA THR D 18 -24.67 5.03 28.23
C THR D 18 -25.10 4.00 27.20
N MET D 19 -25.25 2.76 27.65
CA MET D 19 -25.67 1.69 26.75
C MET D 19 -27.10 1.88 26.31
N GLY D 20 -27.98 2.29 27.23
CA GLY D 20 -29.38 2.50 26.91
C GLY D 20 -29.63 3.64 25.96
N ALA D 21 -28.67 4.56 25.85
CA ALA D 21 -28.75 5.63 24.87
C ALA D 21 -27.97 5.33 23.59
N ALA D 22 -26.96 4.46 23.67
CA ALA D 22 -26.21 4.10 22.48
C ALA D 22 -26.87 2.97 21.71
N SER D 23 -27.76 2.22 22.33
CA SER D 23 -28.39 1.09 21.67
C SER D 23 -29.33 1.52 20.56
N MET D 24 -29.77 2.77 20.55
CA MET D 24 -30.62 3.27 19.48
C MET D 24 -29.81 4.00 18.41
N THR D 25 -28.49 3.80 18.39
CA THR D 25 -27.60 4.59 17.57
C THR D 25 -26.73 3.77 16.64
N LEU D 26 -26.92 2.45 16.57
CA LEU D 26 -25.92 1.56 16.01
C LEU D 26 -25.77 1.67 14.50
N THR D 27 -26.74 2.26 13.81
CA THR D 27 -26.71 2.22 12.36
C THR D 27 -25.63 3.12 11.80
N VAL D 28 -25.34 4.23 12.45
CA VAL D 28 -24.36 5.17 11.93
C VAL D 28 -22.96 4.58 12.01
N GLN D 29 -22.68 3.84 13.06
CA GLN D 29 -21.44 3.07 13.08
C GLN D 29 -21.53 1.83 12.20
N ALA D 30 -22.72 1.46 11.74
CA ALA D 30 -22.85 0.30 10.88
C ALA D 30 -22.70 0.65 9.40
N ARG D 31 -23.14 1.83 9.00
CA ARG D 31 -23.08 2.19 7.57
C ARG D 31 -21.66 2.46 7.13
N LEU D 32 -20.99 3.37 7.82
CA LEU D 32 -19.74 3.94 7.34
C LEU D 32 -18.53 3.09 7.65
N LEU D 33 -18.74 1.84 8.04
CA LEU D 33 -17.63 0.95 8.32
C LEU D 33 -16.94 0.48 7.05
N LEU D 34 -17.62 0.54 5.91
CA LEU D 34 -17.08 -0.03 4.69
C LEU D 34 -16.73 1.00 3.64
N SER D 35 -17.51 2.08 3.49
CA SER D 35 -17.31 2.94 2.33
C SER D 35 -16.15 3.92 2.55
N GLY D 36 -16.32 4.85 3.47
CA GLY D 36 -15.32 5.88 3.69
C GLY D 36 -15.17 6.85 2.54
N GLY D 61 2.64 4.46 -5.00
CA GLY D 61 1.28 4.92 -4.80
C GLY D 61 0.26 3.80 -4.62
N ILE D 62 0.78 2.60 -4.35
CA ILE D 62 -0.08 1.42 -4.18
C ILE D 62 -0.81 1.45 -2.84
N LYS D 63 -0.34 2.28 -1.91
CA LYS D 63 -0.70 2.13 -0.51
C LYS D 63 -2.11 2.58 -0.18
N GLN D 64 -2.89 3.03 -1.16
CA GLN D 64 -4.33 3.08 -0.94
C GLN D 64 -4.94 1.69 -1.12
N LEU D 65 -4.43 0.93 -2.08
CA LEU D 65 -5.01 -0.39 -2.39
C LEU D 65 -4.80 -1.36 -1.26
N GLN D 66 -3.63 -1.30 -0.60
CA GLN D 66 -3.39 -2.14 0.57
C GLN D 66 -4.27 -1.76 1.74
N ALA D 67 -4.81 -0.54 1.75
CA ALA D 67 -5.84 -0.21 2.72
C ALA D 67 -7.20 -0.70 2.27
N ARG D 68 -7.47 -0.70 0.96
CA ARG D 68 -8.78 -1.05 0.46
C ARG D 68 -9.07 -2.54 0.51
N VAL D 69 -8.13 -3.36 0.96
CA VAL D 69 -8.37 -4.77 1.16
C VAL D 69 -8.49 -5.11 2.64
N LEU D 70 -7.68 -4.45 3.48
CA LEU D 70 -7.78 -4.64 4.92
C LEU D 70 -9.12 -4.15 5.45
N ALA D 71 -9.64 -3.08 4.87
CA ALA D 71 -10.98 -2.63 5.22
C ALA D 71 -12.05 -3.62 4.79
N VAL D 72 -11.80 -4.36 3.72
CA VAL D 72 -12.71 -5.43 3.35
C VAL D 72 -12.51 -6.63 4.25
N GLU D 73 -11.26 -7.06 4.42
CA GLU D 73 -10.96 -8.27 5.17
C GLU D 73 -11.31 -8.17 6.64
N ARG D 74 -11.44 -6.96 7.18
CA ARG D 74 -12.00 -6.83 8.51
C ARG D 74 -13.51 -6.88 8.50
N TYR D 75 -14.13 -6.45 7.40
CA TYR D 75 -15.58 -6.43 7.39
C TYR D 75 -16.15 -7.83 7.25
N LEU D 76 -15.50 -8.67 6.46
CA LEU D 76 -16.01 -10.02 6.27
C LEU D 76 -15.96 -10.83 7.55
N LYS D 77 -14.91 -10.64 8.36
CA LYS D 77 -14.75 -11.40 9.59
C LYS D 77 -15.88 -11.11 10.55
N ASP D 78 -16.19 -9.83 10.74
CA ASP D 78 -17.29 -9.47 11.62
C ASP D 78 -18.61 -9.87 11.01
N GLN D 79 -18.69 -9.89 9.68
CA GLN D 79 -19.90 -10.40 9.04
C GLN D 79 -19.99 -11.91 9.20
N GLN D 80 -18.86 -12.60 9.14
CA GLN D 80 -18.86 -14.05 9.19
C GLN D 80 -19.25 -14.56 10.55
N LEU D 81 -18.75 -13.93 11.61
CA LEU D 81 -19.05 -14.37 12.96
C LEU D 81 -20.51 -14.18 13.30
N LEU D 82 -21.16 -13.15 12.76
CA LEU D 82 -22.60 -13.04 12.92
C LEU D 82 -23.32 -14.13 12.14
N GLY D 83 -22.73 -14.58 11.03
CA GLY D 83 -23.38 -15.60 10.24
C GLY D 83 -23.43 -16.93 10.95
N ILE D 84 -22.36 -17.27 11.66
CA ILE D 84 -22.29 -18.57 12.31
C ILE D 84 -23.24 -18.63 13.49
N TRP D 85 -23.51 -17.49 14.10
CA TRP D 85 -24.27 -17.46 15.34
C TRP D 85 -25.77 -17.44 15.11
N GLY D 86 -26.24 -17.70 13.91
CA GLY D 86 -27.65 -17.58 13.61
C GLY D 86 -28.17 -16.17 13.72
N CYS D 87 -27.30 -15.19 13.47
CA CYS D 87 -27.60 -13.81 13.78
C CYS D 87 -27.04 -12.93 12.66
N SER D 88 -27.25 -13.33 11.42
CA SER D 88 -26.80 -12.58 10.26
C SER D 88 -27.93 -11.73 9.73
N GLY D 89 -27.64 -10.48 9.42
CA GLY D 89 -28.62 -9.56 8.91
C GLY D 89 -29.38 -8.78 9.96
N LYS D 90 -29.43 -9.28 11.19
CA LYS D 90 -29.97 -8.52 12.29
C LYS D 90 -28.87 -7.66 12.89
N LEU D 91 -29.26 -6.51 13.43
CA LEU D 91 -28.28 -5.73 14.16
C LEU D 91 -28.08 -6.27 15.56
N ILE D 92 -29.17 -6.55 16.26
CA ILE D 92 -29.10 -7.21 17.56
C ILE D 92 -29.88 -8.52 17.42
N CYS D 93 -29.59 -9.45 18.34
CA CYS D 93 -30.35 -10.68 18.48
C CYS D 93 -29.98 -11.27 19.81
N THR D 94 -30.78 -12.22 20.26
CA THR D 94 -30.47 -12.95 21.47
C THR D 94 -30.22 -14.41 21.15
N THR D 95 -29.56 -15.07 22.07
CA THR D 95 -29.26 -16.48 22.02
C THR D 95 -29.91 -17.16 23.22
N ALA D 96 -29.53 -18.40 23.48
CA ALA D 96 -29.92 -19.09 24.70
C ALA D 96 -28.71 -19.40 25.56
N VAL D 97 -27.55 -18.86 25.24
CA VAL D 97 -26.36 -19.07 26.05
C VAL D 97 -26.51 -18.31 27.36
N PRO D 98 -26.39 -18.96 28.50
CA PRO D 98 -26.59 -18.26 29.77
C PRO D 98 -25.42 -17.38 30.12
N TRP D 99 -25.72 -16.18 30.57
CA TRP D 99 -24.69 -15.32 31.12
C TRP D 99 -24.16 -15.93 32.41
N ASN D 100 -22.85 -15.90 32.58
CA ASN D 100 -22.23 -16.47 33.75
C ASN D 100 -21.78 -15.33 34.65
N THR D 101 -22.28 -15.31 35.88
CA THR D 101 -21.99 -14.23 36.81
C THR D 101 -20.53 -14.20 37.25
N SER D 102 -19.77 -15.25 36.96
CA SER D 102 -18.32 -15.21 37.14
C SER D 102 -17.67 -14.22 36.19
N TRP D 103 -18.31 -13.94 35.07
CA TRP D 103 -17.73 -13.01 34.11
C TRP D 103 -17.88 -11.57 34.55
N SER D 104 -18.95 -11.25 35.28
CA SER D 104 -19.21 -9.87 35.68
C SER D 104 -19.77 -9.82 37.08
N ASN D 105 -19.08 -9.09 37.95
CA ASN D 105 -19.58 -8.73 39.27
C ASN D 105 -20.41 -7.45 39.23
N LYS D 106 -20.59 -6.87 38.05
CA LYS D 106 -21.39 -5.66 37.94
C LYS D 106 -22.86 -5.98 38.11
N SER D 107 -23.58 -5.07 38.77
CA SER D 107 -25.02 -5.20 38.89
C SER D 107 -25.66 -4.87 37.54
N TYR D 108 -26.94 -5.21 37.44
CA TYR D 108 -27.63 -5.15 36.16
C TYR D 108 -27.87 -3.71 35.73
N ASN D 109 -28.48 -2.91 36.59
CA ASN D 109 -28.85 -1.56 36.22
C ASN D 109 -27.65 -0.62 36.18
N GLN D 110 -26.52 -1.01 36.77
CA GLN D 110 -25.31 -0.24 36.56
C GLN D 110 -24.82 -0.39 35.13
N ILE D 111 -25.01 -1.57 34.55
CA ILE D 111 -24.54 -1.83 33.20
C ILE D 111 -25.38 -1.06 32.19
N TRP D 112 -26.70 -1.17 32.29
CA TRP D 112 -27.54 -0.56 31.29
C TRP D 112 -27.79 0.92 31.51
N ASN D 113 -27.26 1.52 32.57
CA ASN D 113 -27.53 2.92 32.80
C ASN D 113 -26.32 3.74 33.20
N ASN D 114 -25.16 3.14 33.43
CA ASN D 114 -24.07 3.94 33.98
C ASN D 114 -22.80 3.73 33.18
N MET D 115 -22.57 2.52 32.69
CA MET D 115 -21.30 2.22 32.03
C MET D 115 -21.39 2.48 30.53
N THR D 116 -20.35 3.11 30.01
CA THR D 116 -20.21 3.29 28.57
C THR D 116 -19.66 2.03 27.94
N TRP D 117 -19.70 1.99 26.61
CA TRP D 117 -19.22 0.81 25.91
C TRP D 117 -17.70 0.74 25.90
N MET D 118 -17.03 1.87 25.74
CA MET D 118 -15.57 1.87 25.66
C MET D 118 -14.94 1.36 26.95
N GLU D 119 -15.55 1.68 28.09
CA GLU D 119 -15.12 1.09 29.34
C GLU D 119 -15.47 -0.39 29.40
N TRP D 120 -16.62 -0.75 28.83
CA TRP D 120 -17.13 -2.10 28.97
C TRP D 120 -16.29 -3.12 28.24
N GLU D 121 -15.65 -2.72 27.16
CA GLU D 121 -14.82 -3.64 26.39
C GLU D 121 -13.37 -3.63 26.83
N ARG D 122 -13.07 -2.99 27.95
CA ARG D 122 -11.86 -3.33 28.68
C ARG D 122 -12.13 -4.30 29.81
N GLU D 123 -13.38 -4.45 30.22
CA GLU D 123 -13.69 -5.29 31.36
C GLU D 123 -13.93 -6.73 30.96
N ILE D 124 -14.47 -6.97 29.77
CA ILE D 124 -14.71 -8.35 29.37
C ILE D 124 -13.78 -8.72 28.23
N ASP D 125 -12.61 -8.07 28.17
CA ASP D 125 -11.65 -8.37 27.12
C ASP D 125 -11.08 -9.77 27.25
N ASN D 126 -10.80 -10.20 28.49
CA ASN D 126 -10.19 -11.49 28.67
C ASN D 126 -11.16 -12.62 28.38
N TYR D 127 -12.43 -12.44 28.68
CA TYR D 127 -13.36 -13.54 28.55
C TYR D 127 -13.87 -13.74 27.14
N THR D 128 -13.44 -12.91 26.18
CA THR D 128 -14.09 -12.84 24.88
C THR D 128 -13.97 -14.13 24.10
N SER D 129 -12.81 -14.78 24.18
CA SER D 129 -12.60 -16.02 23.45
C SER D 129 -13.48 -17.14 24.00
N LEU D 130 -13.69 -17.16 25.32
CA LEU D 130 -14.60 -18.13 25.91
C LEU D 130 -16.02 -17.90 25.44
N ILE D 131 -16.37 -16.65 25.20
CA ILE D 131 -17.72 -16.31 24.78
C ILE D 131 -18.00 -16.85 23.39
N TYR D 132 -17.08 -16.63 22.47
CA TYR D 132 -17.37 -16.92 21.07
C TYR D 132 -17.41 -18.41 20.80
N THR D 133 -16.56 -19.17 21.51
CA THR D 133 -16.66 -20.62 21.42
C THR D 133 -17.97 -21.09 22.05
N LEU D 134 -18.36 -20.49 23.16
CA LEU D 134 -19.60 -20.86 23.82
C LEU D 134 -20.81 -20.21 23.23
N ILE D 135 -20.77 -19.75 22.01
CA ILE D 135 -21.97 -19.42 21.26
C ILE D 135 -22.21 -20.45 20.16
N GLU D 136 -21.19 -20.74 19.37
CA GLU D 136 -21.32 -21.59 18.20
C GLU D 136 -21.54 -23.03 18.59
N ASP D 137 -20.49 -23.60 19.17
CA ASP D 137 -20.46 -25.01 19.50
C ASP D 137 -21.39 -25.32 20.65
N SER D 138 -21.69 -24.31 21.46
CA SER D 138 -22.69 -24.47 22.50
C SER D 138 -24.07 -24.61 21.90
N GLN D 139 -24.52 -23.59 21.16
CA GLN D 139 -25.92 -23.49 20.82
C GLN D 139 -26.19 -23.60 19.33
N ASN D 140 -25.61 -22.75 18.52
CA ASN D 140 -26.04 -22.68 17.13
C ASN D 140 -25.52 -23.83 16.29
N GLN D 141 -24.46 -24.50 16.75
CA GLN D 141 -24.19 -25.84 16.24
C GLN D 141 -25.26 -26.80 16.72
N GLN D 142 -25.60 -26.74 18.00
CA GLN D 142 -26.55 -27.67 18.59
C GLN D 142 -27.98 -27.37 18.12
N GLU D 143 -28.26 -26.14 17.74
CA GLU D 143 -29.57 -25.83 17.20
C GLU D 143 -29.71 -26.15 15.74
N LYS D 144 -28.89 -27.03 15.19
CA LYS D 144 -29.12 -27.54 13.85
C LYS D 144 -29.32 -29.04 13.82
N ASN D 145 -28.52 -29.79 14.59
CA ASN D 145 -28.80 -31.21 14.76
C ASN D 145 -30.12 -31.44 15.48
N GLU D 146 -30.47 -30.57 16.42
CA GLU D 146 -31.82 -30.61 16.95
C GLU D 146 -32.83 -30.16 15.90
N GLN D 147 -32.44 -29.22 15.05
CA GLN D 147 -33.37 -28.65 14.09
C GLN D 147 -33.66 -29.60 12.95
N GLU D 148 -32.62 -30.25 12.43
CA GLU D 148 -32.78 -31.15 11.28
C GLU D 148 -33.61 -32.38 11.65
N LEU D 149 -33.58 -32.79 12.92
CA LEU D 149 -34.23 -34.00 13.35
C LEU D 149 -35.58 -33.74 14.00
N LEU D 150 -36.15 -32.56 13.77
CA LEU D 150 -37.56 -32.32 14.08
C LEU D 150 -38.47 -32.63 12.92
N GLU D 151 -37.96 -33.34 11.93
CA GLU D 151 -38.75 -33.83 10.81
C GLU D 151 -39.26 -35.22 11.17
N LEU D 152 -39.67 -35.99 10.15
CA LEU D 152 -40.14 -37.38 10.13
C LEU D 152 -41.59 -37.51 10.60
N ASP D 153 -42.25 -36.41 10.94
CA ASP D 153 -43.61 -36.49 11.43
C ASP D 153 -44.53 -35.61 10.59
N GLN E 32 -37.95 -41.38 2.25
CA GLN E 32 -37.10 -41.06 1.12
C GLN E 32 -35.80 -40.40 1.56
N LEU E 33 -35.09 -39.83 0.60
CA LEU E 33 -33.76 -39.29 0.81
C LEU E 33 -33.67 -37.90 0.23
N TRP E 34 -33.61 -36.88 1.07
CA TRP E 34 -33.43 -35.52 0.61
C TRP E 34 -32.04 -35.02 0.94
N VAL E 35 -31.51 -34.17 0.06
CA VAL E 35 -30.09 -33.85 -0.02
C VAL E 35 -29.83 -32.62 0.84
N THR E 36 -29.32 -32.84 2.05
CA THR E 36 -29.03 -31.73 2.94
C THR E 36 -27.66 -31.14 2.67
N VAL E 37 -27.63 -29.81 2.52
CA VAL E 37 -26.40 -29.07 2.29
C VAL E 37 -25.62 -28.98 3.58
N TYR E 38 -24.30 -29.16 3.49
CA TYR E 38 -23.40 -29.07 4.63
C TYR E 38 -22.28 -28.09 4.30
N TYR E 39 -22.21 -26.99 5.04
CA TYR E 39 -21.10 -26.06 4.89
C TYR E 39 -20.16 -26.19 6.07
N GLY E 40 -18.87 -26.21 5.80
CA GLY E 40 -17.87 -26.36 6.83
C GLY E 40 -17.32 -27.75 7.00
N VAL E 41 -17.54 -28.64 6.05
CA VAL E 41 -17.01 -30.00 6.15
C VAL E 41 -15.53 -29.98 5.84
N PRO E 42 -14.68 -30.55 6.70
CA PRO E 42 -13.22 -30.54 6.51
C PRO E 42 -12.67 -31.59 5.54
N VAL E 43 -12.71 -31.29 4.24
CA VAL E 43 -12.01 -32.09 3.25
C VAL E 43 -11.05 -31.20 2.50
N TRP E 44 -10.20 -31.83 1.68
CA TRP E 44 -9.20 -31.06 0.99
C TRP E 44 -8.73 -31.76 -0.29
N LYS E 45 -8.38 -30.93 -1.27
CA LYS E 45 -7.60 -31.36 -2.42
C LYS E 45 -6.12 -31.29 -2.08
N GLU E 46 -5.27 -31.38 -3.10
CA GLU E 46 -3.90 -30.92 -3.01
C GLU E 46 -3.72 -29.75 -3.96
N ALA E 47 -3.13 -28.67 -3.47
CA ALA E 47 -2.98 -27.47 -4.28
C ALA E 47 -1.52 -27.02 -4.28
N THR E 48 -1.08 -26.53 -5.41
CA THR E 48 0.20 -25.84 -5.51
C THR E 48 -0.07 -24.35 -5.37
N THR E 49 0.51 -23.74 -4.35
CA THR E 49 0.19 -22.35 -4.07
C THR E 49 1.40 -21.67 -3.45
N THR E 50 1.15 -20.48 -2.92
CA THR E 50 2.19 -19.61 -2.40
C THR E 50 2.09 -19.56 -0.89
N LEU E 51 3.22 -19.75 -0.23
CA LEU E 51 3.31 -19.60 1.22
C LEU E 51 3.92 -18.24 1.53
N PHE E 52 4.19 -17.98 2.79
CA PHE E 52 4.86 -16.74 3.16
C PHE E 52 5.81 -17.02 4.31
N CYS E 53 6.98 -16.41 4.25
CA CYS E 53 8.04 -16.73 5.19
C CYS E 53 7.91 -15.89 6.44
N ALA E 54 8.18 -16.51 7.59
CA ALA E 54 8.18 -15.83 8.88
C ALA E 54 9.48 -16.14 9.59
N SER E 55 10.27 -15.12 9.87
CA SER E 55 11.58 -15.28 10.46
C SER E 55 11.58 -14.69 11.86
N ASP E 56 12.25 -15.38 12.78
CA ASP E 56 12.43 -14.86 14.12
C ASP E 56 13.37 -13.66 14.10
N ALA E 57 13.22 -12.78 15.08
CA ALA E 57 14.09 -11.61 15.19
C ALA E 57 14.58 -11.42 16.62
N VAL E 64 21.18 -7.17 12.64
CA VAL E 64 20.51 -6.02 12.05
C VAL E 64 20.95 -5.89 10.59
N HIS E 65 20.01 -5.46 9.74
CA HIS E 65 20.18 -5.29 8.29
C HIS E 65 20.61 -6.62 7.64
N ASN E 66 20.06 -7.71 8.14
CA ASN E 66 20.18 -8.96 7.41
C ASN E 66 19.19 -8.95 6.26
N VAL E 67 19.57 -9.63 5.18
CA VAL E 67 18.67 -9.71 4.04
C VAL E 67 17.51 -10.64 4.34
N TRP E 68 17.67 -11.57 5.28
CA TRP E 68 16.58 -12.43 5.67
C TRP E 68 15.79 -11.90 6.85
N ALA E 69 16.19 -10.76 7.42
CA ALA E 69 15.61 -10.29 8.67
C ALA E 69 14.18 -9.80 8.50
N THR E 70 14.00 -8.73 7.73
CA THR E 70 12.66 -8.24 7.44
C THR E 70 12.46 -7.81 6.00
N HIS E 71 13.53 -7.60 5.22
CA HIS E 71 13.40 -7.21 3.83
C HIS E 71 13.01 -8.37 2.93
N ALA E 72 12.92 -9.57 3.48
CA ALA E 72 12.36 -10.73 2.79
C ALA E 72 11.15 -11.31 3.49
N CYS E 73 11.08 -11.22 4.81
CA CYS E 73 10.10 -11.96 5.59
C CYS E 73 9.41 -11.05 6.58
N VAL E 74 8.40 -11.60 7.24
CA VAL E 74 7.67 -10.88 8.29
C VAL E 74 8.39 -11.15 9.60
N PRO E 75 8.24 -10.32 10.63
CA PRO E 75 9.02 -10.50 11.86
C PRO E 75 8.61 -11.68 12.73
N THR E 76 9.14 -11.67 13.96
CA THR E 76 9.35 -12.83 14.82
C THR E 76 8.13 -13.72 14.99
N ASP E 77 8.41 -15.01 15.18
CA ASP E 77 7.39 -16.03 15.33
C ASP E 77 7.01 -16.14 16.80
N PRO E 78 5.75 -15.90 17.17
CA PRO E 78 5.36 -16.06 18.57
C PRO E 78 5.29 -17.50 19.04
N ASN E 79 4.65 -18.38 18.26
CA ASN E 79 4.40 -19.74 18.70
C ASN E 79 4.02 -20.60 17.50
N PRO E 80 4.62 -21.77 17.33
CA PRO E 80 4.05 -22.76 16.42
C PRO E 80 3.06 -23.67 17.14
N GLN E 81 2.08 -24.12 16.39
CA GLN E 81 0.99 -24.90 16.95
C GLN E 81 1.00 -26.29 16.37
N GLU E 82 0.15 -27.16 16.93
CA GLU E 82 -0.03 -28.50 16.36
C GLU E 82 -1.33 -29.10 16.86
N VAL E 83 -2.14 -29.61 15.93
CA VAL E 83 -3.28 -30.46 16.23
C VAL E 83 -3.04 -31.81 15.57
N VAL E 84 -3.00 -32.87 16.37
CA VAL E 84 -2.75 -34.21 15.89
C VAL E 84 -4.11 -34.88 15.64
N LEU E 85 -4.23 -35.59 14.52
CA LEU E 85 -5.51 -36.06 14.04
C LEU E 85 -5.64 -37.56 14.21
N GLU E 86 -6.86 -38.02 14.44
CA GLU E 86 -7.03 -39.37 14.96
C GLU E 86 -6.99 -40.44 13.87
N ASN E 87 -8.03 -40.49 13.03
CA ASN E 87 -8.28 -41.64 12.19
C ASN E 87 -8.12 -41.15 10.76
N VAL E 88 -6.89 -40.98 10.30
CA VAL E 88 -6.65 -40.32 9.01
C VAL E 88 -5.46 -40.97 8.34
N THR E 89 -5.62 -41.39 7.09
CA THR E 89 -4.49 -41.80 6.24
C THR E 89 -4.31 -40.82 5.09
N GLU E 90 -3.05 -40.63 4.69
CA GLU E 90 -2.73 -39.65 3.65
C GLU E 90 -1.40 -40.00 3.03
N ASN E 91 -1.34 -39.99 1.69
CA ASN E 91 -0.09 -40.21 1.00
C ASN E 91 0.81 -38.99 1.11
N PHE E 92 2.08 -39.20 0.77
CA PHE E 92 3.06 -38.14 0.79
C PHE E 92 4.10 -38.39 -0.27
N ASN E 93 4.73 -37.31 -0.72
CA ASN E 93 5.92 -37.42 -1.54
C ASN E 93 6.80 -36.21 -1.28
N MET E 94 8.10 -36.47 -1.26
CA MET E 94 9.09 -35.41 -1.18
C MET E 94 9.77 -35.16 -2.52
N TRP E 95 9.33 -35.82 -3.59
CA TRP E 95 9.85 -35.52 -4.91
C TRP E 95 8.84 -34.87 -5.83
N LYS E 96 7.54 -35.09 -5.62
CA LYS E 96 6.52 -34.28 -6.26
C LYS E 96 6.12 -33.09 -5.43
N ASN E 97 7.02 -32.57 -4.61
CA ASN E 97 6.71 -31.49 -3.70
C ASN E 97 7.13 -30.17 -4.30
N ASN E 98 6.45 -29.11 -3.88
CA ASN E 98 6.65 -27.78 -4.39
C ASN E 98 7.22 -26.81 -3.38
N MET E 99 7.07 -27.10 -2.08
CA MET E 99 7.77 -26.35 -1.05
C MET E 99 9.28 -26.45 -1.26
N VAL E 100 9.74 -27.61 -1.69
CA VAL E 100 11.15 -27.75 -2.03
C VAL E 100 11.46 -27.03 -3.33
N GLU E 101 10.47 -26.83 -4.19
CA GLU E 101 10.69 -25.93 -5.31
C GLU E 101 10.48 -24.49 -4.93
N GLN E 102 9.91 -24.23 -3.74
CA GLN E 102 9.58 -22.86 -3.38
C GLN E 102 10.83 -22.07 -3.02
N MET E 103 11.73 -22.66 -2.24
CA MET E 103 12.93 -21.93 -1.85
C MET E 103 13.85 -21.72 -3.04
N HIS E 104 13.92 -22.69 -3.94
CA HIS E 104 14.78 -22.55 -5.11
C HIS E 104 14.26 -21.50 -6.07
N GLU E 105 12.98 -21.15 -5.97
CA GLU E 105 12.45 -20.00 -6.68
C GLU E 105 12.37 -18.76 -5.82
N ASP E 106 12.86 -18.82 -4.59
CA ASP E 106 12.85 -17.65 -3.71
C ASP E 106 14.24 -17.23 -3.29
N ILE E 107 15.08 -18.17 -2.85
CA ILE E 107 16.44 -17.81 -2.47
C ILE E 107 17.26 -17.44 -3.70
N ILE E 108 16.80 -17.81 -4.90
CA ILE E 108 17.45 -17.29 -6.10
C ILE E 108 17.17 -15.80 -6.25
N SER E 109 16.06 -15.32 -5.72
CA SER E 109 15.71 -13.93 -5.91
C SER E 109 15.84 -13.09 -4.65
N LEU E 110 15.63 -13.68 -3.47
CA LEU E 110 15.85 -12.94 -2.25
C LEU E 110 17.32 -12.66 -2.02
N TRP E 111 18.18 -13.55 -2.49
CA TRP E 111 19.60 -13.23 -2.59
C TRP E 111 19.84 -12.16 -3.65
N ASP E 112 19.03 -12.19 -4.71
CA ASP E 112 19.25 -11.26 -5.82
C ASP E 112 18.80 -9.85 -5.49
N GLN E 113 17.90 -9.69 -4.51
CA GLN E 113 17.38 -8.38 -4.17
C GLN E 113 18.45 -7.43 -3.64
N SER E 114 19.42 -7.96 -2.91
CA SER E 114 20.52 -7.16 -2.42
C SER E 114 21.73 -7.24 -3.33
N LEU E 115 21.48 -7.42 -4.62
CA LEU E 115 22.54 -7.37 -5.60
C LEU E 115 22.28 -6.35 -6.70
N LYS E 116 21.06 -5.81 -6.80
CA LYS E 116 20.82 -4.71 -7.73
C LYS E 116 21.57 -3.43 -7.34
N PRO E 117 21.42 -2.86 -6.13
CA PRO E 117 22.08 -1.57 -5.89
C PRO E 117 23.57 -1.67 -5.63
N CYS E 118 24.12 -2.87 -5.44
CA CYS E 118 25.52 -3.00 -5.07
C CYS E 118 26.42 -2.70 -6.27
N VAL E 119 27.69 -2.47 -5.97
CA VAL E 119 28.61 -1.83 -6.90
C VAL E 119 29.10 -2.83 -7.94
N LYS E 120 28.78 -2.56 -9.20
CA LYS E 120 29.28 -3.35 -10.30
C LYS E 120 30.73 -2.99 -10.56
N LEU E 121 31.50 -3.98 -11.03
CA LEU E 121 32.93 -3.78 -11.27
C LEU E 121 33.27 -4.25 -12.69
N THR E 122 33.07 -3.36 -13.62
CA THR E 122 33.56 -3.53 -14.97
C THR E 122 35.02 -3.09 -15.19
N PRO E 123 35.48 -1.90 -14.78
CA PRO E 123 36.78 -1.42 -15.31
C PRO E 123 38.00 -2.15 -14.80
N LEU E 124 37.85 -3.09 -13.87
CA LEU E 124 38.99 -3.86 -13.42
C LEU E 124 39.49 -4.83 -14.48
N CYS E 125 38.70 -5.09 -15.51
CA CYS E 125 39.01 -6.11 -16.49
C CYS E 125 40.07 -5.58 -17.44
N VAL E 126 41.32 -5.62 -16.99
CA VAL E 126 42.44 -5.15 -17.79
C VAL E 126 43.57 -6.16 -17.75
N THR E 127 44.71 -5.77 -18.30
CA THR E 127 45.94 -6.57 -18.23
C THR E 127 46.41 -6.68 -16.79
N LEU E 128 46.57 -7.90 -16.30
CA LEU E 128 46.86 -8.13 -14.89
C LEU E 128 48.24 -8.76 -14.72
N ASN E 129 49.25 -7.90 -14.62
CA ASN E 129 50.63 -8.30 -14.31
C ASN E 129 50.71 -8.72 -12.85
N CYS E 130 50.56 -10.02 -12.59
CA CYS E 130 50.42 -10.55 -11.25
C CYS E 130 51.60 -11.48 -10.95
N THR E 131 52.47 -11.06 -10.05
CA THR E 131 53.62 -11.86 -9.64
C THR E 131 53.48 -12.30 -8.20
N ASP E 132 54.33 -13.26 -7.81
CA ASP E 132 54.17 -13.99 -6.56
C ASP E 132 54.36 -13.11 -5.34
N LEU E 133 53.62 -13.42 -4.28
CA LEU E 133 53.78 -12.73 -3.01
C LEU E 133 55.00 -13.28 -2.29
N ARG E 134 55.73 -12.38 -1.62
CA ARG E 134 56.82 -12.80 -0.75
C ARG E 134 56.26 -13.38 0.54
N ASN E 135 57.12 -14.03 1.31
CA ASN E 135 56.69 -14.64 2.54
C ASN E 135 56.52 -13.57 3.62
N GLY E 155 53.12 -19.92 -4.64
CA GLY E 155 52.62 -18.60 -4.98
C GLY E 155 51.14 -18.59 -5.28
N GLU E 156 50.33 -18.93 -4.28
CA GLU E 156 48.89 -18.95 -4.42
C GLU E 156 48.24 -17.61 -4.12
N ILE E 157 49.03 -16.58 -3.86
CA ILE E 157 48.55 -15.21 -3.75
C ILE E 157 49.50 -14.34 -4.55
N LYS E 158 48.95 -13.53 -5.46
CA LYS E 158 49.72 -12.86 -6.49
C LYS E 158 49.55 -11.35 -6.35
N ASN E 159 50.68 -10.64 -6.23
CA ASN E 159 50.62 -9.19 -6.24
C ASN E 159 50.44 -8.72 -7.69
N CYS E 160 49.34 -8.01 -7.94
CA CYS E 160 48.96 -7.58 -9.27
C CYS E 160 49.18 -6.10 -9.46
N SER E 161 49.25 -5.69 -10.72
CA SER E 161 49.46 -4.29 -11.08
C SER E 161 48.74 -3.99 -12.39
N PHE E 162 48.22 -2.76 -12.50
CA PHE E 162 47.32 -2.38 -13.57
C PHE E 162 47.18 -0.87 -13.57
N ASN E 163 46.80 -0.30 -14.72
CA ASN E 163 46.62 1.14 -14.83
C ASN E 163 45.36 1.57 -14.08
N ILE E 164 45.26 2.87 -13.78
CA ILE E 164 44.34 3.35 -12.74
C ILE E 164 42.90 3.31 -13.22
N THR E 165 41.99 2.99 -12.30
CA THR E 165 40.56 3.15 -12.47
C THR E 165 40.15 4.41 -11.71
N THR E 166 40.42 5.56 -12.31
CA THR E 166 40.31 6.84 -11.64
C THR E 166 39.02 7.54 -12.00
N SER E 167 38.70 8.59 -11.22
CA SER E 167 37.59 9.46 -11.54
C SER E 167 37.99 10.61 -12.45
N MET E 168 39.29 10.87 -12.56
CA MET E 168 39.83 11.91 -13.45
C MET E 168 39.51 11.64 -14.91
N GLN E 173 48.68 6.34 -13.26
CA GLN E 173 48.23 4.97 -13.45
C GLN E 173 49.09 4.01 -12.64
N LYS E 174 49.17 2.76 -13.11
CA LYS E 174 50.06 1.72 -12.59
C LYS E 174 49.78 1.43 -11.11
N GLU E 175 48.56 0.99 -10.84
CA GLU E 175 48.11 0.76 -9.48
C GLU E 175 48.47 -0.65 -9.05
N TYR E 176 47.87 -1.13 -7.96
CA TYR E 176 48.31 -2.36 -7.32
C TYR E 176 47.12 -3.06 -6.70
N ALA E 177 47.21 -4.38 -6.60
CA ALA E 177 46.25 -5.22 -5.88
C ALA E 177 46.92 -6.56 -5.64
N LEU E 178 46.33 -7.32 -4.72
CA LEU E 178 46.78 -8.69 -4.48
C LEU E 178 45.60 -9.48 -3.96
N PHE E 179 45.41 -10.68 -4.49
CA PHE E 179 44.23 -11.47 -4.19
C PHE E 179 44.50 -12.92 -4.57
N TYR E 180 43.45 -13.73 -4.50
CA TYR E 180 43.59 -15.17 -4.51
C TYR E 180 43.96 -15.67 -5.91
N LYS E 181 44.50 -16.89 -5.96
CA LYS E 181 45.03 -17.43 -7.22
C LYS E 181 43.92 -17.85 -8.17
N LEU E 182 42.82 -18.38 -7.66
CA LEU E 182 41.84 -19.04 -8.53
C LEU E 182 40.87 -18.10 -9.18
N ASP E 183 41.20 -16.81 -9.32
CA ASP E 183 40.34 -15.89 -10.03
C ASP E 183 41.05 -15.24 -11.22
N VAL E 184 42.28 -15.64 -11.52
CA VAL E 184 42.99 -15.13 -12.67
C VAL E 184 43.01 -16.20 -13.75
N VAL E 185 43.43 -15.81 -14.94
CA VAL E 185 43.54 -16.77 -16.04
C VAL E 185 44.72 -16.31 -16.89
N PRO E 186 45.57 -17.23 -17.35
CA PRO E 186 46.73 -16.83 -18.14
C PRO E 186 46.36 -16.44 -19.57
N ILE E 187 47.27 -15.67 -20.16
CA ILE E 187 47.13 -15.05 -21.47
C ILE E 187 48.43 -15.21 -22.25
N LYS E 188 48.56 -14.50 -23.38
CA LYS E 188 49.57 -14.74 -24.38
C LYS E 188 50.98 -14.28 -23.98
N ASN E 189 51.87 -14.18 -24.98
CA ASN E 189 53.32 -14.32 -24.83
C ASN E 189 53.96 -13.45 -23.76
N ASP E 190 53.38 -12.30 -23.45
CA ASP E 190 53.88 -11.52 -22.33
C ASP E 190 53.48 -12.19 -21.02
N ASN E 191 54.32 -13.11 -20.56
CA ASN E 191 53.98 -13.95 -19.42
C ASN E 191 54.02 -13.17 -18.12
N THR E 192 53.69 -13.89 -17.04
CA THR E 192 53.37 -13.33 -15.71
C THR E 192 52.30 -12.24 -15.83
N SER E 193 51.29 -12.51 -16.63
CA SER E 193 50.19 -11.56 -16.83
C SER E 193 48.89 -12.34 -16.92
N TYR E 194 47.80 -11.69 -16.51
CA TYR E 194 46.56 -12.40 -16.31
C TYR E 194 45.38 -11.52 -16.69
N ARG E 195 44.19 -11.98 -16.33
CA ARG E 195 42.90 -11.38 -16.64
C ARG E 195 41.91 -12.11 -15.75
N LEU E 196 40.74 -11.52 -15.54
CA LEU E 196 39.71 -12.18 -14.73
C LEU E 196 39.11 -13.36 -15.49
N ILE E 197 38.35 -14.18 -14.76
CA ILE E 197 37.86 -15.43 -15.33
C ILE E 197 36.44 -15.30 -15.83
N SER E 198 35.92 -14.09 -15.85
CA SER E 198 34.52 -13.95 -16.25
C SER E 198 34.26 -12.72 -17.11
N CYS E 199 35.32 -12.08 -17.61
CA CYS E 199 35.17 -10.85 -18.39
C CYS E 199 34.42 -11.09 -19.69
N ASN E 200 34.95 -11.96 -20.54
CA ASN E 200 34.28 -12.22 -21.80
C ASN E 200 33.09 -13.16 -21.66
N THR E 201 32.64 -13.43 -20.44
CA THR E 201 31.38 -14.10 -20.21
C THR E 201 30.29 -13.10 -19.80
N SER E 202 30.48 -12.40 -18.69
CA SER E 202 29.39 -11.61 -18.12
C SER E 202 29.91 -10.60 -17.11
N VAL E 203 28.99 -10.06 -16.32
CA VAL E 203 29.28 -9.02 -15.34
C VAL E 203 29.64 -9.64 -14.00
N ILE E 204 30.23 -8.80 -13.15
CA ILE E 204 30.70 -9.21 -11.84
C ILE E 204 30.51 -8.05 -10.87
N THR E 205 29.91 -8.33 -9.73
CA THR E 205 29.45 -7.33 -8.79
C THR E 205 29.90 -7.71 -7.39
N GLN E 206 30.55 -6.80 -6.68
CA GLN E 206 30.91 -7.09 -5.31
C GLN E 206 29.68 -6.97 -4.43
N ALA E 207 29.72 -7.64 -3.29
CA ALA E 207 28.65 -7.51 -2.33
C ALA E 207 28.75 -6.17 -1.63
N CYS E 208 27.61 -5.68 -1.16
CA CYS E 208 27.62 -4.53 -0.28
C CYS E 208 28.15 -4.95 1.08
N PRO E 209 29.00 -4.15 1.71
CA PRO E 209 29.66 -4.61 2.94
C PRO E 209 28.74 -4.67 4.14
N LYS E 210 27.60 -3.98 4.11
CA LYS E 210 26.67 -3.92 5.23
C LYS E 210 25.64 -5.02 5.18
N VAL E 211 25.97 -6.15 4.58
CA VAL E 211 25.03 -7.22 4.29
C VAL E 211 25.40 -8.45 5.12
N SER E 212 24.42 -8.98 5.83
CA SER E 212 24.61 -10.18 6.63
C SER E 212 24.46 -11.43 5.77
N PHE E 213 24.82 -12.57 6.37
CA PHE E 213 24.79 -13.82 5.64
C PHE E 213 24.26 -14.99 6.46
N GLU E 214 23.84 -14.77 7.69
CA GLU E 214 23.55 -15.89 8.57
C GLU E 214 22.23 -16.54 8.17
N PRO E 215 22.20 -17.85 7.99
CA PRO E 215 20.91 -18.55 7.83
C PRO E 215 20.09 -18.39 9.10
N ILE E 216 18.80 -18.11 8.90
CA ILE E 216 17.92 -17.72 9.98
C ILE E 216 16.94 -18.88 10.20
N PRO E 217 16.59 -19.20 11.44
CA PRO E 217 15.56 -20.22 11.66
C PRO E 217 14.19 -19.75 11.20
N ILE E 218 13.95 -19.92 9.90
CA ILE E 218 12.73 -19.44 9.27
C ILE E 218 11.56 -20.33 9.68
N HIS E 219 10.35 -19.82 9.46
CA HIS E 219 9.14 -20.59 9.69
C HIS E 219 8.17 -20.30 8.55
N TYR E 220 8.00 -21.25 7.65
CA TYR E 220 6.88 -21.15 6.71
C TYR E 220 5.58 -21.37 7.45
N CYS E 221 4.79 -20.32 7.58
CA CYS E 221 3.44 -20.46 8.07
C CYS E 221 2.50 -20.55 6.87
N ALA E 222 1.22 -20.73 7.13
CA ALA E 222 0.34 -21.07 6.04
C ALA E 222 -0.75 -20.02 5.84
N PRO E 223 -1.04 -19.64 4.61
CA PRO E 223 -2.05 -18.60 4.38
C PRO E 223 -3.47 -19.11 4.47
N ALA E 224 -4.43 -18.26 4.11
CA ALA E 224 -5.84 -18.54 4.31
C ALA E 224 -6.32 -19.70 3.45
N GLY E 225 -7.08 -20.60 4.06
CA GLY E 225 -7.63 -21.73 3.36
C GLY E 225 -6.64 -22.85 3.08
N PHE E 226 -5.41 -22.73 3.56
CA PHE E 226 -4.35 -23.66 3.26
C PHE E 226 -3.79 -24.17 4.56
N ALA E 227 -3.89 -25.46 4.80
CA ALA E 227 -3.34 -26.07 6.00
C ALA E 227 -2.11 -26.86 5.61
N ILE E 228 -1.06 -26.77 6.41
CA ILE E 228 0.13 -27.57 6.21
C ILE E 228 0.00 -28.83 7.04
N LEU E 229 0.13 -29.98 6.40
CA LEU E 229 0.05 -31.24 7.12
C LEU E 229 1.43 -31.71 7.52
N LYS E 230 1.48 -32.67 8.43
CA LYS E 230 2.75 -33.24 8.87
C LYS E 230 2.51 -34.67 9.34
N CYS E 231 3.09 -35.63 8.63
CA CYS E 231 3.16 -36.99 9.15
C CYS E 231 4.14 -37.07 10.30
N ASN E 232 3.99 -38.11 11.12
CA ASN E 232 4.85 -38.24 12.28
C ASN E 232 5.36 -39.66 12.52
N ASP E 233 5.23 -40.55 11.56
CA ASP E 233 5.71 -41.92 11.77
C ASP E 233 7.23 -41.95 11.70
N LYS E 234 7.84 -42.61 12.68
CA LYS E 234 9.29 -42.77 12.70
C LYS E 234 9.78 -43.65 11.57
N LYS E 235 8.93 -44.53 11.05
CA LYS E 235 9.26 -45.49 10.00
C LYS E 235 8.94 -44.95 8.61
N PHE E 236 9.14 -43.66 8.38
CA PHE E 236 8.70 -43.01 7.17
C PHE E 236 9.89 -42.77 6.25
N ASN E 237 9.89 -43.45 5.11
CA ASN E 237 10.85 -43.20 4.05
C ASN E 237 10.38 -42.00 3.22
N GLY E 238 10.99 -41.81 2.05
CA GLY E 238 10.69 -40.65 1.24
C GLY E 238 9.29 -40.61 0.64
N THR E 239 8.56 -41.73 0.64
CA THR E 239 7.29 -41.78 -0.05
C THR E 239 6.23 -42.48 0.77
N GLY E 240 5.09 -42.78 0.14
CA GLY E 240 4.13 -43.67 0.70
C GLY E 240 3.19 -42.98 1.67
N PRO E 241 2.22 -43.71 2.17
CA PRO E 241 1.23 -43.12 3.07
C PRO E 241 1.78 -42.93 4.47
N CYS E 242 0.91 -42.47 5.37
CA CYS E 242 1.25 -42.27 6.76
C CYS E 242 -0.01 -42.40 7.59
N THR E 243 0.16 -42.63 8.88
CA THR E 243 -0.99 -42.81 9.78
C THR E 243 -1.03 -41.77 10.88
N ASN E 244 0.04 -41.62 11.65
CA ASN E 244 0.07 -40.60 12.69
C ASN E 244 0.23 -39.25 12.03
N VAL E 245 -0.87 -38.63 11.65
CA VAL E 245 -0.84 -37.35 10.95
C VAL E 245 -1.18 -36.24 11.92
N SER E 246 -0.87 -35.02 11.52
CA SER E 246 -1.02 -33.87 12.39
C SER E 246 -0.97 -32.62 11.54
N THR E 247 -1.73 -31.61 11.97
CA THR E 247 -1.81 -30.34 11.29
C THR E 247 -1.11 -29.28 12.12
N VAL E 248 -0.31 -28.46 11.48
CA VAL E 248 0.32 -27.33 12.16
C VAL E 248 -0.12 -26.05 11.49
N GLN E 249 -0.10 -24.97 12.26
CA GLN E 249 -0.21 -23.65 11.66
C GLN E 249 1.02 -23.30 10.85
N CYS E 250 2.17 -23.82 11.24
CA CYS E 250 3.41 -23.25 10.75
C CYS E 250 4.49 -24.29 10.94
N THR E 251 5.50 -24.24 10.07
CA THR E 251 6.56 -25.23 10.11
C THR E 251 7.48 -24.99 11.30
N HIS E 252 8.44 -25.89 11.47
CA HIS E 252 9.44 -25.72 12.51
C HIS E 252 10.56 -24.85 11.96
N GLY E 253 11.63 -24.70 12.74
CA GLY E 253 12.74 -23.88 12.32
C GLY E 253 13.49 -24.52 11.18
N ILE E 254 13.63 -23.80 10.09
CA ILE E 254 14.45 -24.21 8.96
C ILE E 254 15.48 -23.11 8.73
N ARG E 255 16.72 -23.50 8.50
CA ARG E 255 17.76 -22.53 8.21
C ARG E 255 18.25 -22.70 6.78
N PRO E 256 18.37 -21.63 6.02
CA PRO E 256 18.83 -21.74 4.64
C PRO E 256 20.33 -21.89 4.51
N VAL E 257 20.83 -23.12 4.59
CA VAL E 257 22.25 -23.40 4.60
C VAL E 257 22.66 -23.96 3.25
N VAL E 258 23.68 -23.36 2.64
CA VAL E 258 24.16 -23.74 1.31
C VAL E 258 25.35 -24.68 1.46
N SER E 259 25.27 -25.85 0.83
CA SER E 259 26.36 -26.81 0.95
C SER E 259 26.38 -27.73 -0.26
N THR E 260 27.59 -28.20 -0.57
CA THR E 260 27.80 -29.30 -1.50
C THR E 260 28.31 -30.51 -0.72
N GLN E 261 27.96 -31.70 -1.21
CA GLN E 261 28.47 -33.02 -0.81
C GLN E 261 28.00 -33.48 0.58
N LEU E 262 27.42 -32.58 1.37
CA LEU E 262 27.09 -32.84 2.76
C LEU E 262 25.86 -32.02 3.13
N LEU E 263 25.67 -31.82 4.42
CA LEU E 263 24.44 -31.21 4.90
C LEU E 263 24.77 -30.55 6.23
N LEU E 264 25.03 -29.25 6.19
CA LEU E 264 25.51 -28.53 7.36
C LEU E 264 24.36 -27.89 8.12
N ASN E 265 24.44 -27.98 9.46
CA ASN E 265 23.47 -27.39 10.38
C ASN E 265 22.04 -27.86 10.11
N GLY E 266 21.87 -29.09 9.66
CA GLY E 266 20.55 -29.56 9.31
C GLY E 266 19.74 -30.03 10.51
N SER E 267 19.07 -31.17 10.39
CA SER E 267 18.25 -31.69 11.47
C SER E 267 18.48 -33.19 11.63
N LEU E 268 18.25 -33.67 12.85
CA LEU E 268 18.66 -34.99 13.28
C LEU E 268 17.49 -35.97 13.30
N ALA E 269 17.75 -37.20 12.89
CA ALA E 269 16.75 -38.25 12.99
C ALA E 269 16.63 -38.72 14.45
N GLU E 270 15.58 -39.49 14.74
CA GLU E 270 15.29 -39.93 16.10
C GLU E 270 16.19 -41.10 16.46
N GLU E 271 17.42 -40.77 16.84
CA GLU E 271 18.44 -41.71 17.33
C GLU E 271 18.75 -42.82 16.35
N GLU E 272 18.54 -42.56 15.06
CA GLU E 272 18.73 -43.57 14.04
C GLU E 272 19.38 -42.93 12.83
N VAL E 273 19.67 -43.75 11.83
CA VAL E 273 20.04 -43.27 10.51
C VAL E 273 19.21 -44.02 9.49
N VAL E 274 18.60 -43.29 8.56
CA VAL E 274 17.77 -43.88 7.51
C VAL E 274 18.07 -43.11 6.22
N ILE E 275 18.55 -43.81 5.20
CA ILE E 275 18.75 -43.18 3.90
C ILE E 275 17.40 -43.04 3.20
N ARG E 276 17.35 -42.16 2.22
CA ARG E 276 16.12 -41.98 1.45
C ARG E 276 16.44 -41.79 -0.02
N SER E 277 15.68 -42.47 -0.86
CA SER E 277 15.70 -42.30 -2.31
C SER E 277 14.42 -42.88 -2.87
N ALA E 278 14.08 -42.45 -4.09
CA ALA E 278 12.89 -42.95 -4.76
C ALA E 278 13.21 -44.09 -5.73
N ASN E 279 14.03 -43.80 -6.74
CA ASN E 279 14.45 -44.80 -7.73
C ASN E 279 15.86 -45.29 -7.41
N PHE E 280 16.04 -45.87 -6.22
CA PHE E 280 17.38 -46.31 -5.87
C PHE E 280 17.75 -47.61 -6.57
N THR E 281 16.81 -48.25 -7.26
CA THR E 281 17.11 -49.26 -8.25
C THR E 281 17.44 -48.66 -9.62
N ASP E 282 17.87 -47.40 -9.63
CA ASP E 282 18.53 -46.71 -10.73
C ASP E 282 19.72 -45.98 -10.13
N ASN E 283 20.50 -45.29 -10.97
CA ASN E 283 21.39 -44.24 -10.50
C ASN E 283 20.75 -42.87 -10.61
N ALA E 284 19.43 -42.83 -10.72
CA ALA E 284 18.73 -41.58 -11.03
C ALA E 284 18.64 -40.67 -9.81
N LYS E 285 17.91 -41.10 -8.79
CA LYS E 285 17.70 -40.28 -7.61
C LYS E 285 18.94 -40.33 -6.74
N ILE E 286 19.26 -39.21 -6.11
CA ILE E 286 20.43 -39.12 -5.24
C ILE E 286 20.07 -39.75 -3.90
N ILE E 287 20.85 -40.72 -3.47
CA ILE E 287 20.63 -41.32 -2.17
C ILE E 287 21.10 -40.34 -1.10
N ILE E 288 20.16 -39.84 -0.30
CA ILE E 288 20.47 -38.77 0.68
C ILE E 288 20.33 -39.37 2.08
N VAL E 289 21.37 -39.26 2.90
CA VAL E 289 21.31 -39.95 4.21
C VAL E 289 21.34 -38.94 5.35
N GLN E 290 20.36 -39.00 6.24
CA GLN E 290 20.36 -38.12 7.44
C GLN E 290 21.27 -38.78 8.48
N LEU E 291 21.80 -38.02 9.42
CA LEU E 291 22.77 -38.59 10.38
C LEU E 291 22.35 -38.36 11.81
N ASN E 292 22.36 -39.39 12.65
CA ASN E 292 22.15 -39.15 14.10
C ASN E 292 23.53 -38.73 14.61
N LYS E 293 23.62 -38.14 15.80
CA LYS E 293 24.96 -37.81 16.39
C LYS E 293 25.81 -36.92 15.49
N SER E 294 25.36 -35.70 15.22
CA SER E 294 26.16 -34.72 14.43
C SER E 294 27.64 -34.78 14.82
N VAL E 295 28.50 -34.82 13.81
CA VAL E 295 29.96 -34.70 13.89
C VAL E 295 30.36 -33.24 13.87
N GLU E 296 31.06 -32.79 14.90
CA GLU E 296 31.47 -31.41 14.97
C GLU E 296 32.63 -31.16 14.03
N ILE E 297 32.61 -30.03 13.34
CA ILE E 297 33.65 -29.64 12.41
C ILE E 297 34.26 -28.33 12.89
N ASN E 298 35.57 -28.17 12.69
CA ASN E 298 36.24 -26.91 12.99
C ASN E 298 36.99 -26.48 11.74
N CYS E 299 36.80 -25.24 11.32
CA CYS E 299 37.50 -24.72 10.16
C CYS E 299 37.94 -23.30 10.46
N THR E 300 39.16 -22.96 10.04
CA THR E 300 39.77 -21.70 10.41
C THR E 300 40.24 -20.94 9.18
N ARG E 301 40.68 -19.72 9.43
CA ARG E 301 41.39 -18.90 8.44
C ARG E 301 42.45 -18.15 9.22
N PRO E 302 43.64 -18.75 9.36
CA PRO E 302 44.63 -18.21 10.31
C PRO E 302 45.34 -16.97 9.83
N ASN E 303 45.24 -16.64 8.55
CA ASN E 303 46.00 -15.52 8.02
C ASN E 303 45.33 -14.22 8.43
N ASN E 304 46.01 -13.44 9.27
CA ASN E 304 45.50 -12.18 9.79
C ASN E 304 45.50 -11.16 8.66
N ASN E 305 44.33 -10.94 8.07
CA ASN E 305 44.25 -10.19 6.83
C ASN E 305 44.10 -8.69 7.09
N THR E 306 44.44 -7.90 6.07
CA THR E 306 44.13 -6.49 6.05
C THR E 306 43.45 -6.15 4.73
N ARG E 307 42.74 -5.03 4.72
CA ARG E 307 41.96 -4.62 3.56
C ARG E 307 42.18 -3.14 3.30
N LYS E 308 41.67 -2.69 2.16
CA LYS E 308 41.55 -1.29 1.78
C LYS E 308 40.63 -1.21 0.58
N SER E 309 40.10 -0.02 0.32
CA SER E 309 39.18 0.21 -0.78
C SER E 309 39.82 1.19 -1.74
N ILE E 310 40.59 0.68 -2.70
CA ILE E 310 41.21 1.57 -3.68
C ILE E 310 40.16 2.04 -4.67
N HIS E 311 40.42 3.19 -5.27
CA HIS E 311 39.40 3.91 -6.03
C HIS E 311 39.10 3.20 -7.34
N ILE E 312 37.81 2.99 -7.62
CA ILE E 312 37.37 2.37 -8.86
C ILE E 312 36.55 3.37 -9.67
N GLY E 313 37.03 3.69 -10.86
CA GLY E 313 36.30 4.44 -11.86
C GLY E 313 35.89 5.82 -11.42
N PRO E 314 34.83 6.35 -12.02
CA PRO E 314 34.30 7.64 -11.56
C PRO E 314 33.58 7.52 -10.22
N GLY E 315 34.24 7.99 -9.17
CA GLY E 315 33.61 8.17 -7.87
C GLY E 315 33.17 6.91 -7.17
N ARG E 316 34.08 5.96 -7.01
CA ARG E 316 33.77 4.74 -6.28
C ARG E 316 35.09 4.10 -5.83
N ALA E 317 35.02 3.34 -4.74
CA ALA E 317 36.17 2.64 -4.18
C ALA E 317 35.90 1.15 -4.12
N PHE E 318 36.97 0.35 -4.21
CA PHE E 318 36.88 -1.10 -4.40
C PHE E 318 37.60 -1.83 -3.28
N TYR E 319 36.81 -2.51 -2.43
CA TYR E 319 37.34 -3.23 -1.27
C TYR E 319 38.14 -4.45 -1.71
N THR E 320 39.45 -4.38 -1.50
CA THR E 320 40.39 -5.44 -1.84
C THR E 320 41.15 -5.85 -0.57
N THR E 321 42.19 -6.64 -0.75
CA THR E 321 43.00 -7.13 0.36
C THR E 321 44.26 -6.29 0.48
N GLY E 322 44.60 -5.90 1.70
CA GLY E 322 45.84 -5.19 1.97
C GLY E 322 47.02 -6.13 2.08
N GLU E 323 47.77 -6.04 3.16
CA GLU E 323 48.89 -6.92 3.40
C GLU E 323 48.46 -8.04 4.35
N ILE E 324 49.08 -9.20 4.22
CA ILE E 324 48.78 -10.34 5.08
C ILE E 324 49.75 -10.27 6.26
N ILE E 325 49.27 -9.70 7.37
CA ILE E 325 50.04 -9.73 8.62
C ILE E 325 50.08 -11.18 9.12
N GLY E 326 51.27 -11.65 9.43
CA GLY E 326 51.43 -13.07 9.67
C GLY E 326 51.70 -13.78 8.37
N ASP E 327 52.62 -14.74 8.38
CA ASP E 327 53.09 -15.32 7.13
C ASP E 327 52.05 -16.27 6.54
N ILE E 328 52.34 -16.76 5.34
CA ILE E 328 51.36 -17.51 4.57
C ILE E 328 51.17 -18.89 5.17
N ARG E 329 49.97 -19.16 5.65
CA ARG E 329 49.59 -20.46 6.15
C ARG E 329 48.25 -20.83 5.57
N GLN E 330 48.07 -22.12 5.28
CA GLN E 330 46.87 -22.59 4.62
C GLN E 330 45.71 -22.66 5.61
N ALA E 331 44.57 -22.12 5.19
CA ALA E 331 43.35 -22.26 5.95
C ALA E 331 42.74 -23.63 5.68
N HIS E 332 42.38 -24.34 6.74
CA HIS E 332 42.09 -25.76 6.65
C HIS E 332 40.85 -26.07 7.46
N CYS E 333 40.60 -27.36 7.66
CA CYS E 333 39.50 -27.82 8.48
C CYS E 333 39.94 -28.99 9.34
N ASN E 334 39.20 -29.23 10.42
CA ASN E 334 39.48 -30.34 11.31
C ASN E 334 38.23 -31.18 11.54
N ILE E 335 38.48 -32.48 11.79
CA ILE E 335 37.44 -33.44 12.12
C ILE E 335 38.09 -34.56 12.94
N SER E 336 37.40 -34.98 14.00
CA SER E 336 37.91 -36.06 14.84
C SER E 336 37.80 -37.39 14.12
N GLY E 337 38.94 -38.05 13.89
CA GLY E 337 39.00 -39.25 13.06
C GLY E 337 38.34 -40.48 13.66
N THR E 338 37.97 -40.43 14.94
CA THR E 338 37.28 -41.57 15.54
C THR E 338 35.81 -41.60 15.15
N LYS E 339 35.16 -40.44 15.23
CA LYS E 339 33.71 -40.38 15.09
C LYS E 339 33.28 -40.67 13.66
N TRP E 340 34.09 -40.28 12.69
CA TRP E 340 33.72 -40.42 11.29
C TRP E 340 33.69 -41.87 10.85
N ASN E 341 34.55 -42.69 11.45
CA ASN E 341 34.66 -44.07 11.02
C ASN E 341 33.45 -44.88 11.43
N ASP E 342 33.00 -44.72 12.68
CA ASP E 342 31.84 -45.42 13.19
C ASP E 342 30.57 -44.97 12.49
N THR E 343 30.52 -43.71 12.08
CA THR E 343 29.31 -43.13 11.54
C THR E 343 28.99 -43.71 10.17
N LEU E 344 30.02 -43.96 9.36
CA LEU E 344 29.81 -44.59 8.07
C LEU E 344 29.34 -46.02 8.23
N LYS E 345 29.80 -46.70 9.28
CA LYS E 345 29.39 -48.07 9.50
C LYS E 345 27.96 -48.16 9.99
N GLN E 346 27.39 -47.07 10.50
CA GLN E 346 25.97 -47.03 10.77
C GLN E 346 25.17 -47.10 9.47
N ILE E 347 25.67 -46.44 8.42
CA ILE E 347 24.92 -46.34 7.19
C ILE E 347 24.94 -47.65 6.43
N VAL E 348 26.07 -48.36 6.47
CA VAL E 348 26.19 -49.60 5.72
C VAL E 348 25.34 -50.71 6.29
N VAL E 349 24.88 -50.55 7.54
CA VAL E 349 23.81 -51.39 8.05
C VAL E 349 22.55 -51.17 7.24
N LYS E 350 22.18 -49.90 7.03
CA LYS E 350 21.02 -49.59 6.23
C LYS E 350 21.27 -49.81 4.75
N LEU E 351 22.54 -49.77 4.32
CA LEU E 351 22.84 -50.14 2.94
C LEU E 351 22.71 -51.64 2.74
N LYS E 352 23.01 -52.42 3.79
CA LYS E 352 22.81 -53.87 3.73
C LYS E 352 21.34 -54.21 3.51
N GLU E 353 20.44 -53.41 4.09
CA GLU E 353 19.01 -53.65 3.92
C GLU E 353 18.58 -53.42 2.48
N GLN E 354 19.20 -52.45 1.80
CA GLN E 354 18.99 -52.27 0.38
C GLN E 354 20.11 -52.89 -0.45
N PHE E 355 20.85 -53.85 0.13
CA PHE E 355 21.71 -54.76 -0.61
C PHE E 355 21.11 -56.16 -0.71
N ASN E 357 32.79 -55.89 9.06
CA ASN E 357 33.14 -56.85 8.02
C ASN E 357 32.41 -56.52 6.73
N LYS E 358 31.08 -56.52 6.73
CA LYS E 358 30.36 -56.22 5.51
C LYS E 358 30.47 -54.72 5.21
N THR E 359 31.56 -54.35 4.54
CA THR E 359 31.79 -53.01 4.09
C THR E 359 32.29 -53.11 2.65
N ILE E 360 31.47 -53.77 1.81
CA ILE E 360 31.70 -53.88 0.37
C ILE E 360 31.96 -52.51 -0.26
N VAL E 361 31.32 -51.47 0.24
CA VAL E 361 31.44 -50.13 -0.29
C VAL E 361 32.60 -49.40 0.38
N PHE E 362 33.52 -48.86 -0.43
CA PHE E 362 34.50 -47.89 0.06
C PHE E 362 34.81 -46.73 -0.87
N ASN E 363 34.42 -46.74 -2.14
CA ASN E 363 35.16 -45.98 -3.14
C ASN E 363 34.64 -44.56 -3.32
N HIS E 364 35.58 -43.66 -3.61
CA HIS E 364 35.33 -42.25 -3.89
C HIS E 364 35.55 -41.96 -5.36
N SER E 365 34.82 -40.98 -5.89
CA SER E 365 35.11 -40.42 -7.19
C SER E 365 34.86 -38.93 -7.15
N SER E 366 35.41 -38.24 -8.14
CA SER E 366 35.24 -36.80 -8.31
C SER E 366 35.51 -36.48 -9.77
N GLY E 367 35.34 -35.21 -10.11
CA GLY E 367 35.63 -34.78 -11.47
C GLY E 367 34.66 -33.77 -12.03
N GLY E 368 35.19 -32.67 -12.55
CA GLY E 368 34.38 -31.65 -13.19
C GLY E 368 34.49 -30.28 -12.56
N ASP E 369 33.40 -29.83 -11.99
CA ASP E 369 33.27 -28.47 -11.49
C ASP E 369 33.99 -28.33 -10.16
N PRO E 370 34.82 -27.29 -9.97
CA PRO E 370 35.34 -26.99 -8.63
C PRO E 370 34.26 -26.68 -7.60
N GLU E 371 33.05 -26.34 -8.04
CA GLU E 371 31.90 -26.35 -7.14
C GLU E 371 31.55 -27.77 -6.71
N ILE E 372 31.82 -28.76 -7.54
CA ILE E 372 31.45 -30.14 -7.27
C ILE E 372 32.64 -30.98 -6.84
N VAL E 373 33.82 -30.70 -7.40
CA VAL E 373 35.04 -31.42 -7.03
C VAL E 373 35.40 -31.13 -5.58
N MET E 374 35.38 -29.87 -5.20
CA MET E 374 35.67 -29.52 -3.81
C MET E 374 34.42 -29.68 -2.96
N HIS E 375 34.48 -29.23 -1.72
CA HIS E 375 33.35 -29.22 -0.81
C HIS E 375 33.00 -27.78 -0.52
N SER E 376 31.89 -27.29 -1.08
CA SER E 376 31.57 -25.88 -1.06
C SER E 376 30.58 -25.57 0.05
N PHE E 377 30.90 -24.56 0.86
CA PHE E 377 30.03 -24.05 1.91
C PHE E 377 30.52 -22.69 2.35
N ASN E 378 29.82 -22.11 3.31
CA ASN E 378 30.09 -20.76 3.79
C ASN E 378 30.57 -20.81 5.23
N CYS E 379 31.35 -19.80 5.61
CA CYS E 379 31.87 -19.68 6.97
C CYS E 379 32.16 -18.22 7.25
N GLY E 380 31.36 -17.59 8.09
CA GLY E 380 31.56 -16.21 8.47
C GLY E 380 31.40 -15.22 7.33
N GLY E 381 30.54 -15.53 6.37
CA GLY E 381 30.50 -14.74 5.17
C GLY E 381 31.73 -14.98 4.31
N GLU E 382 32.15 -16.24 4.17
CA GLU E 382 33.27 -16.55 3.32
C GLU E 382 33.14 -17.97 2.81
N PHE E 383 33.29 -18.13 1.51
CA PHE E 383 33.05 -19.41 0.87
C PHE E 383 34.28 -20.31 0.99
N PHE E 384 34.04 -21.59 1.27
CA PHE E 384 35.12 -22.56 1.27
C PHE E 384 34.95 -23.57 0.15
N TYR E 385 36.05 -24.27 -0.13
CA TYR E 385 36.12 -25.31 -1.17
C TYR E 385 37.13 -26.34 -0.68
N CYS E 386 36.65 -27.37 0.01
CA CYS E 386 37.51 -28.31 0.71
C CYS E 386 37.72 -29.58 -0.11
N ASN E 387 38.94 -30.09 -0.08
CA ASN E 387 39.23 -31.39 -0.67
C ASN E 387 38.62 -32.47 0.21
N SER E 388 37.93 -33.42 -0.41
CA SER E 388 37.20 -34.44 0.34
C SER E 388 37.53 -35.86 -0.06
N THR E 389 38.42 -36.06 -1.04
CA THR E 389 38.83 -37.40 -1.43
C THR E 389 39.56 -38.10 -0.28
N GLN E 390 40.48 -37.38 0.36
CA GLN E 390 41.28 -37.90 1.45
C GLN E 390 40.46 -38.25 2.67
N LEU E 391 39.26 -37.69 2.80
CA LEU E 391 38.43 -37.93 3.98
C LEU E 391 37.49 -39.11 3.80
N PHE E 392 37.12 -39.44 2.56
CA PHE E 392 36.04 -40.40 2.38
C PHE E 392 36.47 -41.84 2.69
N ASN E 393 37.35 -42.40 1.84
CA ASN E 393 37.67 -43.84 1.73
C ASN E 393 36.64 -44.86 2.22
N GLY E 406 43.52 -37.38 17.00
CA GLY E 406 42.47 -37.86 16.11
C GLY E 406 42.00 -36.81 15.13
N THR E 407 42.64 -35.65 15.14
CA THR E 407 42.25 -34.59 14.24
C THR E 407 42.75 -34.87 12.83
N ILE E 408 42.06 -34.29 11.85
CA ILE E 408 42.33 -34.51 10.44
C ILE E 408 42.38 -33.15 9.75
N VAL E 409 43.55 -32.78 9.25
CA VAL E 409 43.69 -31.51 8.53
C VAL E 409 43.21 -31.71 7.10
N LEU E 410 42.42 -30.76 6.60
CA LEU E 410 41.87 -30.82 5.26
C LEU E 410 42.39 -29.66 4.41
N PRO E 411 43.02 -29.91 3.28
CA PRO E 411 43.34 -28.81 2.36
C PRO E 411 42.09 -28.20 1.75
N CYS E 412 41.78 -26.98 2.14
CA CYS E 412 40.50 -26.39 1.80
C CYS E 412 40.72 -25.01 1.18
N ARG E 413 40.17 -24.82 0.00
CA ARG E 413 40.45 -23.63 -0.80
C ARG E 413 39.38 -22.57 -0.56
N ILE E 414 39.80 -21.32 -0.64
CA ILE E 414 38.93 -20.17 -0.42
C ILE E 414 38.88 -19.41 -1.74
N LYS E 415 37.88 -19.70 -2.57
CA LYS E 415 37.72 -18.88 -3.76
C LYS E 415 37.04 -17.57 -3.41
N GLN E 416 37.11 -16.63 -4.32
CA GLN E 416 36.56 -15.31 -4.05
C GLN E 416 35.56 -14.84 -5.09
N ILE E 417 35.61 -15.33 -6.32
CA ILE E 417 34.59 -15.04 -7.32
C ILE E 417 33.78 -16.29 -7.55
N VAL E 418 32.50 -16.23 -7.22
CA VAL E 418 31.65 -17.41 -7.14
C VAL E 418 30.55 -17.31 -8.17
N ASN E 419 29.80 -18.41 -8.30
CA ASN E 419 28.58 -18.44 -9.08
C ASN E 419 27.44 -18.76 -8.14
N MET E 420 26.40 -17.93 -8.17
CA MET E 420 25.28 -18.07 -7.26
C MET E 420 24.23 -18.96 -7.92
N TRP E 421 24.09 -20.17 -7.38
CA TRP E 421 23.16 -21.20 -7.86
C TRP E 421 23.38 -21.54 -9.31
N GLN E 422 24.65 -21.67 -9.68
CA GLN E 422 25.18 -22.25 -10.93
C GLN E 422 24.56 -21.67 -12.20
N GLU E 423 23.96 -20.48 -12.10
CA GLU E 423 23.33 -19.87 -13.25
C GLU E 423 24.40 -19.22 -14.11
N VAL E 424 24.24 -19.34 -15.43
CA VAL E 424 25.25 -18.88 -16.37
C VAL E 424 25.25 -17.36 -16.40
N GLY E 425 26.42 -16.77 -16.19
CA GLY E 425 26.53 -15.34 -16.25
C GLY E 425 26.53 -14.56 -14.94
N LYS E 426 25.46 -14.67 -14.15
CA LYS E 426 25.32 -13.85 -12.95
C LYS E 426 26.36 -14.25 -11.91
N ALA E 427 27.36 -13.39 -11.74
CA ALA E 427 28.49 -13.66 -10.87
C ALA E 427 28.47 -12.72 -9.68
N MET E 428 29.06 -13.17 -8.58
CA MET E 428 29.12 -12.39 -7.35
C MET E 428 30.52 -12.47 -6.77
N TYR E 429 31.00 -11.33 -6.27
CA TYR E 429 32.35 -11.20 -5.75
C TYR E 429 32.34 -11.05 -4.24
N ALA E 430 33.23 -11.77 -3.58
CA ALA E 430 33.20 -11.84 -2.13
C ALA E 430 33.89 -10.63 -1.52
N PRO E 431 33.46 -10.21 -0.34
CA PRO E 431 34.17 -9.16 0.37
C PRO E 431 35.39 -9.71 1.09
N PRO E 432 36.57 -9.16 0.83
CA PRO E 432 37.77 -9.63 1.55
C PRO E 432 37.81 -9.11 2.98
N ILE E 433 37.57 -10.00 3.93
CA ILE E 433 37.43 -9.62 5.33
C ILE E 433 38.80 -9.58 5.97
N LYS E 434 39.09 -8.50 6.69
CA LYS E 434 40.35 -8.39 7.40
C LYS E 434 40.25 -9.05 8.76
N GLY E 435 41.39 -9.47 9.29
CA GLY E 435 41.42 -10.17 10.55
C GLY E 435 41.55 -11.67 10.38
N GLN E 436 40.97 -12.44 11.29
CA GLN E 436 41.02 -13.89 11.24
C GLN E 436 39.61 -14.45 11.38
N ILE E 437 39.39 -15.62 10.80
CA ILE E 437 38.07 -16.23 10.71
C ILE E 437 38.16 -17.68 11.17
N ARG E 438 37.26 -18.07 12.06
CA ARG E 438 37.11 -19.47 12.43
C ARG E 438 35.66 -19.73 12.79
N CYS E 439 35.13 -20.85 12.31
CA CYS E 439 33.75 -21.21 12.60
C CYS E 439 33.67 -22.70 12.84
N SER E 440 32.59 -23.11 13.52
CA SER E 440 32.33 -24.52 13.78
C SER E 440 30.87 -24.82 13.46
N SER E 441 30.57 -26.09 13.25
CA SER E 441 29.25 -26.48 12.78
C SER E 441 29.00 -27.96 13.06
N ASN E 442 27.75 -28.35 12.89
CA ASN E 442 27.33 -29.74 12.96
C ASN E 442 27.27 -30.32 11.55
N ILE E 443 26.99 -31.62 11.46
CA ILE E 443 26.68 -32.29 10.20
C ILE E 443 25.55 -33.26 10.46
N THR E 444 24.47 -33.16 9.68
CA THR E 444 23.36 -34.08 9.86
C THR E 444 23.08 -34.96 8.66
N GLY E 445 23.86 -34.86 7.59
CA GLY E 445 23.55 -35.69 6.43
C GLY E 445 24.67 -35.72 5.42
N LEU E 446 24.53 -36.63 4.46
CA LEU E 446 25.54 -36.85 3.45
C LEU E 446 24.87 -37.02 2.09
N ILE E 447 25.67 -36.91 1.04
CA ILE E 447 25.21 -37.01 -0.34
C ILE E 447 26.01 -38.12 -1.03
N LEU E 448 25.30 -39.05 -1.68
CA LEU E 448 25.96 -40.20 -2.28
C LEU E 448 25.31 -40.57 -3.60
N ILE E 449 26.11 -41.20 -4.47
CA ILE E 449 25.67 -41.79 -5.74
C ILE E 449 26.43 -43.09 -5.94
N ARG E 450 25.70 -44.18 -6.19
CA ARG E 450 26.35 -45.43 -6.55
C ARG E 450 26.44 -45.59 -8.05
N ASP E 451 27.40 -46.41 -8.48
CA ASP E 451 27.64 -46.82 -9.86
C ASP E 451 27.81 -45.65 -10.82
N ILE E 462 31.48 -48.31 -3.74
CA ILE E 462 30.42 -48.31 -4.74
C ILE E 462 29.68 -46.96 -4.69
N PHE E 463 29.42 -46.45 -3.49
CA PHE E 463 28.74 -45.16 -3.32
C PHE E 463 29.76 -44.03 -3.36
N ARG E 464 29.55 -43.07 -4.26
CA ARG E 464 30.45 -41.96 -4.48
C ARG E 464 29.73 -40.63 -4.32
N PRO E 465 30.34 -39.66 -3.64
CA PRO E 465 29.61 -38.45 -3.23
C PRO E 465 29.30 -37.53 -4.39
N GLY E 466 28.03 -37.24 -4.58
CA GLY E 466 27.60 -36.26 -5.56
C GLY E 466 27.68 -34.84 -5.01
N GLY E 467 27.10 -33.92 -5.76
CA GLY E 467 27.06 -32.53 -5.34
C GLY E 467 26.71 -31.55 -6.45
N GLY E 468 26.10 -30.42 -6.10
CA GLY E 468 25.78 -29.41 -7.07
C GLY E 468 24.30 -29.07 -7.16
N ASP E 469 23.45 -30.08 -7.04
CA ASP E 469 22.01 -29.90 -7.09
C ASP E 469 21.55 -29.24 -5.81
N MET E 470 21.19 -27.96 -5.91
CA MET E 470 20.89 -27.21 -4.70
C MET E 470 19.54 -27.60 -4.12
N ARG E 471 18.61 -28.09 -4.95
CA ARG E 471 17.25 -28.34 -4.51
C ARG E 471 17.17 -29.46 -3.49
N ASP E 472 18.05 -30.45 -3.57
CA ASP E 472 17.98 -31.58 -2.66
C ASP E 472 18.53 -31.26 -1.28
N ASN E 473 19.19 -30.11 -1.11
CA ASN E 473 19.43 -29.60 0.22
C ASN E 473 18.12 -29.28 0.91
N TRP E 474 17.16 -28.78 0.15
CA TRP E 474 15.88 -28.37 0.72
C TRP E 474 14.98 -29.55 0.99
N ARG E 475 15.14 -30.62 0.23
CA ARG E 475 14.38 -31.83 0.49
C ARG E 475 14.84 -32.53 1.76
N SER E 476 15.99 -32.15 2.31
CA SER E 476 16.47 -32.73 3.56
C SER E 476 15.61 -32.32 4.74
N GLU E 477 14.93 -31.18 4.64
CA GLU E 477 14.09 -30.70 5.72
C GLU E 477 12.62 -31.01 5.51
N LEU E 478 12.13 -30.84 4.28
CA LEU E 478 10.70 -30.89 4.02
C LEU E 478 10.24 -32.25 3.56
N TYR E 479 10.85 -33.29 4.09
CA TYR E 479 10.51 -34.66 3.80
C TYR E 479 9.26 -35.14 4.54
N LYS E 480 8.50 -34.25 5.14
CA LYS E 480 7.23 -34.58 5.77
C LYS E 480 6.07 -33.78 5.22
N TYR E 481 6.28 -32.49 4.98
CA TYR E 481 5.19 -31.55 4.88
C TYR E 481 4.49 -31.62 3.53
N LYS E 482 3.41 -30.85 3.41
CA LYS E 482 2.43 -30.93 2.33
C LYS E 482 1.51 -29.74 2.47
N VAL E 483 0.99 -29.25 1.34
CA VAL E 483 0.10 -28.09 1.33
C VAL E 483 -1.21 -28.52 0.70
N VAL E 484 -2.31 -28.35 1.43
CA VAL E 484 -3.62 -28.76 0.94
C VAL E 484 -4.60 -27.60 1.00
N LYS E 485 -5.55 -27.59 0.05
CA LYS E 485 -6.58 -26.56 -0.07
C LYS E 485 -7.89 -27.04 0.52
N ILE E 486 -8.46 -26.25 1.44
CA ILE E 486 -9.66 -26.67 2.13
C ILE E 486 -10.86 -26.53 1.22
N GLU E 487 -11.53 -27.65 0.95
CA GLU E 487 -12.88 -27.61 0.41
C GLU E 487 -13.85 -27.60 1.58
N PRO E 488 -14.64 -26.58 1.75
CA PRO E 488 -15.48 -26.51 2.95
C PRO E 488 -16.82 -27.21 2.80
N LEU E 489 -17.28 -27.35 1.57
CA LEU E 489 -18.68 -27.55 1.25
C LEU E 489 -18.97 -28.97 0.83
N GLY E 490 -20.07 -29.53 1.32
CA GLY E 490 -20.44 -30.88 0.93
C GLY E 490 -21.92 -31.12 1.10
N ILE E 491 -22.37 -32.28 0.62
CA ILE E 491 -23.77 -32.70 0.74
C ILE E 491 -23.85 -34.17 1.07
N ALA E 492 -25.02 -34.57 1.59
CA ALA E 492 -25.34 -35.95 1.91
C ALA E 492 -26.85 -36.06 1.97
N PRO E 493 -27.43 -37.15 1.50
CA PRO E 493 -28.88 -37.31 1.59
C PRO E 493 -29.31 -37.63 3.01
N THR E 494 -30.55 -37.27 3.32
CA THR E 494 -31.13 -37.62 4.62
C THR E 494 -32.64 -37.65 4.50
N LYS E 495 -33.29 -37.99 5.62
CA LYS E 495 -34.74 -38.12 5.72
C LYS E 495 -35.39 -36.87 6.29
N ALA E 496 -34.86 -35.70 5.96
CA ALA E 496 -35.47 -34.43 6.33
C ALA E 496 -35.72 -33.62 5.06
N LYS E 497 -36.96 -33.22 4.85
CA LYS E 497 -37.36 -32.42 3.70
C LYS E 497 -37.68 -31.01 4.17
N ARG E 498 -37.37 -30.01 3.34
CA ARG E 498 -37.69 -28.63 3.66
C ARG E 498 -39.20 -28.43 3.73
N ARG E 499 -39.65 -27.92 4.86
CA ARG E 499 -41.05 -27.59 5.06
C ARG E 499 -41.45 -26.47 4.10
N VAL E 500 -42.64 -26.59 3.53
CA VAL E 500 -43.14 -25.59 2.59
C VAL E 500 -43.47 -24.32 3.35
N VAL E 501 -43.03 -23.18 2.83
CA VAL E 501 -43.44 -21.89 3.37
C VAL E 501 -44.93 -21.72 3.13
N GLN E 502 -45.65 -21.31 4.18
CA GLN E 502 -47.11 -21.18 4.11
C GLN E 502 -47.52 -20.02 3.21
N ALA F 1 4.50 -20.95 31.01
CA ALA F 1 3.12 -21.09 30.56
C ALA F 1 2.79 -22.53 30.22
N VAL F 2 1.67 -23.00 30.71
CA VAL F 2 1.24 -24.37 30.52
C VAL F 2 -0.07 -24.38 29.74
N GLY F 3 -0.48 -25.57 29.31
CA GLY F 3 -1.74 -25.69 28.63
C GLY F 3 -2.34 -27.07 28.71
N ILE F 4 -3.59 -27.15 29.15
CA ILE F 4 -4.27 -28.43 29.31
C ILE F 4 -4.83 -28.84 27.96
N GLY F 5 -5.30 -30.08 27.85
CA GLY F 5 -5.73 -30.59 26.57
C GLY F 5 -7.06 -30.00 26.11
N ALA F 6 -7.29 -30.12 24.80
CA ALA F 6 -8.44 -29.50 24.18
C ALA F 6 -9.73 -30.21 24.54
N VAL F 7 -10.77 -29.44 24.80
CA VAL F 7 -12.10 -29.97 25.06
C VAL F 7 -13.09 -29.34 24.09
N PHE F 8 -12.57 -28.74 23.01
CA PHE F 8 -13.44 -28.11 22.03
C PHE F 8 -13.09 -28.42 20.57
N LEU F 9 -12.22 -29.41 20.32
CA LEU F 9 -12.02 -30.01 19.00
C LEU F 9 -11.56 -28.99 17.96
N GLY F 10 -10.29 -28.61 18.08
CA GLY F 10 -9.68 -27.63 17.20
C GLY F 10 -9.63 -27.94 15.71
N PHE F 11 -8.86 -27.13 14.98
CA PHE F 11 -8.89 -27.07 13.53
C PHE F 11 -8.61 -28.41 12.86
N LEU F 12 -9.49 -28.79 11.94
CA LEU F 12 -9.48 -30.08 11.22
C LEU F 12 -9.58 -31.26 12.15
N GLY F 13 -10.10 -31.08 13.36
CA GLY F 13 -9.91 -32.07 14.40
C GLY F 13 -10.72 -33.34 14.19
N ALA F 14 -11.95 -33.19 13.70
CA ALA F 14 -12.82 -34.34 13.53
C ALA F 14 -12.73 -34.95 12.14
N ALA F 15 -11.56 -34.86 11.49
CA ALA F 15 -11.39 -35.41 10.15
C ALA F 15 -11.47 -36.94 10.13
N GLY F 16 -11.28 -37.58 11.27
CA GLY F 16 -11.45 -39.01 11.37
C GLY F 16 -12.79 -39.44 11.87
N SER F 17 -13.67 -38.50 12.20
CA SER F 17 -14.97 -38.86 12.72
C SER F 17 -15.87 -39.37 11.60
N THR F 18 -16.94 -40.03 12.00
CA THR F 18 -17.98 -40.35 11.04
C THR F 18 -18.76 -39.10 10.69
N MET F 19 -19.56 -39.22 9.63
CA MET F 19 -20.31 -38.07 9.11
C MET F 19 -21.38 -37.61 10.09
N GLY F 20 -21.89 -38.51 10.92
CA GLY F 20 -22.76 -38.07 11.99
C GLY F 20 -22.05 -37.53 13.20
N ALA F 21 -20.72 -37.67 13.25
CA ALA F 21 -19.95 -37.22 14.39
C ALA F 21 -19.16 -35.95 14.11
N ALA F 22 -18.62 -35.80 12.91
CA ALA F 22 -17.82 -34.62 12.58
C ALA F 22 -18.65 -33.37 12.40
N SER F 23 -19.98 -33.49 12.37
CA SER F 23 -20.87 -32.36 12.21
C SER F 23 -20.85 -31.41 13.41
N MET F 24 -20.27 -31.81 14.53
CA MET F 24 -20.22 -30.91 15.66
C MET F 24 -19.07 -29.92 15.58
N THR F 25 -18.15 -30.11 14.63
CA THR F 25 -17.03 -29.20 14.45
C THR F 25 -17.17 -28.37 13.19
N LEU F 26 -18.39 -28.20 12.69
CA LEU F 26 -18.58 -27.46 11.46
C LEU F 26 -18.29 -25.98 11.65
N THR F 27 -18.46 -25.48 12.86
CA THR F 27 -18.29 -24.05 13.09
C THR F 27 -16.82 -23.66 13.07
N VAL F 28 -15.96 -24.55 13.56
CA VAL F 28 -14.53 -24.22 13.65
C VAL F 28 -13.90 -24.16 12.28
N GLN F 29 -14.34 -25.04 11.37
CA GLN F 29 -13.80 -25.05 10.02
C GLN F 29 -14.18 -23.80 9.26
N ALA F 30 -15.40 -23.31 9.47
CA ALA F 30 -15.88 -22.18 8.67
C ALA F 30 -15.21 -20.89 9.09
N ARG F 31 -14.96 -20.72 10.38
CA ARG F 31 -14.42 -19.46 10.89
C ARG F 31 -13.01 -19.21 10.41
N LEU F 32 -12.19 -20.24 10.40
CA LEU F 32 -10.77 -20.06 10.15
C LEU F 32 -10.41 -20.24 8.69
N LEU F 33 -11.41 -20.41 7.83
CA LEU F 33 -11.18 -20.39 6.40
C LEU F 33 -10.72 -19.02 5.94
N LEU F 34 -11.24 -17.98 6.55
CA LEU F 34 -11.01 -16.62 6.12
C LEU F 34 -9.89 -16.04 6.96
N SER F 35 -8.75 -15.75 6.31
CA SER F 35 -7.56 -15.06 6.81
C SER F 35 -6.79 -15.83 7.88
N GLY F 36 -7.30 -16.98 8.34
CA GLY F 36 -6.77 -17.71 9.48
C GLY F 36 -6.78 -16.83 10.70
N ILE F 37 -5.82 -17.09 11.60
CA ILE F 37 -5.45 -16.06 12.56
C ILE F 37 -4.73 -14.96 11.80
N VAL F 38 -4.89 -13.72 12.25
CA VAL F 38 -4.35 -12.60 11.51
C VAL F 38 -2.84 -12.53 11.70
N GLN F 39 -2.11 -12.76 10.62
CA GLN F 39 -0.68 -12.54 10.59
C GLN F 39 -0.42 -11.10 10.18
N GLN F 40 0.83 -10.79 9.83
CA GLN F 40 1.28 -9.47 9.37
C GLN F 40 0.99 -8.41 10.43
N GLN F 41 1.74 -8.50 11.53
CA GLN F 41 1.53 -7.60 12.66
C GLN F 41 1.99 -6.17 12.38
N ASN F 42 1.35 -5.51 11.40
CA ASN F 42 1.47 -4.10 11.08
C ASN F 42 2.90 -3.68 10.73
N ASN F 43 3.74 -4.61 10.27
CA ASN F 43 5.14 -4.32 9.98
C ASN F 43 5.25 -4.00 8.51
N LEU F 44 5.02 -2.72 8.19
CA LEU F 44 5.01 -2.22 6.82
C LEU F 44 6.31 -1.51 6.45
N LEU F 45 7.38 -1.77 7.21
CA LEU F 45 8.64 -1.04 7.06
C LEU F 45 9.56 -1.79 6.12
N ARG F 46 10.18 -1.05 5.19
CA ARG F 46 11.12 -1.61 4.23
C ARG F 46 12.40 -0.79 4.18
N TRP F 60 6.09 -4.29 -4.21
CA TRP F 60 6.20 -5.75 -4.17
C TRP F 60 5.23 -6.41 -5.15
N GLY F 61 3.95 -6.41 -4.80
CA GLY F 61 2.92 -6.80 -5.74
C GLY F 61 2.35 -8.18 -5.53
N ILE F 62 3.20 -9.15 -5.22
CA ILE F 62 2.79 -10.55 -5.18
C ILE F 62 1.99 -10.76 -3.90
N LYS F 63 2.68 -10.64 -2.76
CA LYS F 63 2.15 -10.61 -1.39
C LYS F 63 0.92 -11.46 -1.07
N LEU F 65 -0.44 -8.86 -3.36
CA LEU F 65 -1.49 -9.17 -2.39
C LEU F 65 -2.53 -10.04 -3.06
N GLN F 66 -2.11 -10.64 -4.18
CA GLN F 66 -3.00 -11.46 -4.99
C GLN F 66 -3.51 -12.65 -4.21
N ALA F 67 -2.69 -13.20 -3.33
CA ALA F 67 -3.14 -14.29 -2.49
C ALA F 67 -4.16 -13.82 -1.46
N ARG F 68 -4.09 -12.57 -1.04
CA ARG F 68 -5.11 -12.06 -0.12
C ARG F 68 -6.43 -11.87 -0.84
N VAL F 69 -6.39 -11.46 -2.10
CA VAL F 69 -7.63 -11.16 -2.80
C VAL F 69 -8.33 -12.45 -3.21
N LEU F 70 -7.58 -13.50 -3.51
CA LEU F 70 -8.20 -14.76 -3.89
C LEU F 70 -8.96 -15.39 -2.74
N ALA F 71 -8.48 -15.23 -1.52
CA ALA F 71 -9.11 -15.88 -0.37
C ALA F 71 -10.50 -15.33 -0.11
N VAL F 72 -10.69 -14.04 -0.37
CA VAL F 72 -12.00 -13.43 -0.31
C VAL F 72 -12.90 -13.99 -1.40
N GLU F 73 -12.34 -14.17 -2.59
CA GLU F 73 -13.13 -14.66 -3.72
C GLU F 73 -13.52 -16.10 -3.55
N ARG F 74 -12.66 -16.90 -2.91
CA ARG F 74 -13.06 -18.22 -2.48
C ARG F 74 -14.19 -18.15 -1.47
N TYR F 75 -14.16 -17.15 -0.59
CA TYR F 75 -15.20 -17.03 0.41
C TYR F 75 -16.50 -16.55 -0.23
N LEU F 76 -16.42 -15.51 -1.06
CA LEU F 76 -17.62 -14.94 -1.64
C LEU F 76 -18.24 -15.81 -2.71
N LYS F 77 -17.48 -16.78 -3.24
CA LYS F 77 -18.08 -17.78 -4.11
C LYS F 77 -19.16 -18.56 -3.39
N ASP F 78 -18.89 -18.91 -2.15
CA ASP F 78 -19.73 -19.87 -1.45
C ASP F 78 -20.93 -19.22 -0.81
N GLN F 79 -20.75 -18.01 -0.27
CA GLN F 79 -21.86 -17.31 0.35
C GLN F 79 -22.91 -16.91 -0.67
N GLN F 80 -22.48 -16.48 -1.85
CA GLN F 80 -23.43 -16.27 -2.94
C GLN F 80 -24.06 -17.57 -3.36
N LEU F 81 -23.30 -18.65 -3.36
CA LEU F 81 -23.84 -19.93 -3.78
C LEU F 81 -24.80 -20.47 -2.75
N LEU F 82 -24.56 -20.20 -1.47
CA LEU F 82 -25.60 -20.52 -0.49
C LEU F 82 -26.75 -19.55 -0.55
N GLY F 83 -26.52 -18.34 -1.08
CA GLY F 83 -27.63 -17.41 -1.26
C GLY F 83 -28.57 -17.87 -2.36
N ILE F 84 -28.03 -18.44 -3.43
CA ILE F 84 -28.88 -18.99 -4.47
C ILE F 84 -29.54 -20.25 -3.99
N TRP F 85 -28.87 -21.00 -3.13
CA TRP F 85 -29.43 -22.23 -2.59
C TRP F 85 -30.34 -21.97 -1.41
N GLY F 86 -30.79 -20.74 -1.21
CA GLY F 86 -31.78 -20.42 -0.19
C GLY F 86 -31.30 -20.64 1.21
N CYS F 87 -29.99 -20.65 1.42
CA CYS F 87 -29.39 -21.18 2.63
C CYS F 87 -28.24 -20.29 3.06
N SER F 88 -28.43 -18.98 3.02
CA SER F 88 -27.42 -18.09 3.56
C SER F 88 -27.59 -18.02 5.07
N GLY F 89 -26.46 -17.90 5.75
CA GLY F 89 -26.45 -17.80 7.20
C GLY F 89 -26.41 -19.12 7.93
N LYS F 90 -27.12 -20.12 7.42
CA LYS F 90 -27.17 -21.40 8.10
C LYS F 90 -25.86 -22.16 7.91
N LEU F 91 -25.77 -23.31 8.56
CA LEU F 91 -24.73 -24.28 8.28
C LEU F 91 -25.29 -25.58 7.75
N ILE F 92 -26.48 -25.98 8.20
CA ILE F 92 -27.11 -27.22 7.81
C ILE F 92 -28.53 -26.90 7.41
N CYS F 93 -28.89 -27.15 6.16
CA CYS F 93 -30.24 -26.86 5.72
C CYS F 93 -30.76 -27.94 4.78
N THR F 94 -32.06 -28.10 4.81
CA THR F 94 -32.75 -29.15 4.09
C THR F 94 -33.14 -28.67 2.70
N THR F 95 -34.01 -29.43 2.04
CA THR F 95 -34.31 -29.20 0.65
C THR F 95 -35.64 -29.84 0.30
N ALA F 96 -36.02 -29.70 -0.96
CA ALA F 96 -37.11 -30.47 -1.54
C ALA F 96 -36.63 -31.42 -2.63
N VAL F 97 -35.32 -31.66 -2.73
CA VAL F 97 -34.75 -32.46 -3.81
C VAL F 97 -34.56 -33.88 -3.31
N PRO F 98 -35.23 -34.86 -3.89
CA PRO F 98 -34.95 -36.26 -3.54
C PRO F 98 -33.64 -36.71 -4.17
N TRP F 99 -33.06 -37.74 -3.56
CA TRP F 99 -31.81 -38.28 -4.05
C TRP F 99 -32.03 -39.16 -5.26
N ASN F 100 -31.02 -39.23 -6.13
CA ASN F 100 -31.01 -40.11 -7.30
C ASN F 100 -29.90 -41.12 -7.06
N THR F 101 -30.28 -42.38 -6.87
CA THR F 101 -29.33 -43.38 -6.40
C THR F 101 -28.32 -43.81 -7.45
N SER F 102 -28.45 -43.33 -8.69
CA SER F 102 -27.42 -43.54 -9.70
C SER F 102 -26.15 -42.77 -9.40
N TRP F 103 -26.25 -41.70 -8.61
CA TRP F 103 -25.07 -41.05 -8.06
C TRP F 103 -24.28 -42.01 -7.20
N SER F 104 -24.88 -42.46 -6.11
CA SER F 104 -24.36 -43.56 -5.31
C SER F 104 -25.54 -44.17 -4.58
N ASN F 105 -25.76 -45.46 -4.77
CA ASN F 105 -26.89 -46.13 -4.13
C ASN F 105 -26.58 -46.60 -2.72
N LYS F 106 -25.39 -46.27 -2.20
CA LYS F 106 -25.00 -46.70 -0.86
C LYS F 106 -25.96 -46.15 0.18
N SER F 107 -26.51 -47.05 0.98
CA SER F 107 -27.65 -46.69 1.81
C SER F 107 -27.17 -45.96 3.06
N TYR F 108 -28.09 -45.84 4.02
CA TYR F 108 -28.00 -44.85 5.07
C TYR F 108 -26.88 -45.13 6.05
N ASN F 109 -26.98 -46.23 6.80
CA ASN F 109 -25.96 -46.52 7.79
C ASN F 109 -24.77 -47.25 7.21
N GLN F 110 -24.77 -47.51 5.90
CA GLN F 110 -23.58 -48.06 5.26
C GLN F 110 -22.44 -47.07 5.25
N ILE F 111 -22.77 -45.77 5.30
CA ILE F 111 -21.79 -44.70 5.22
C ILE F 111 -21.81 -43.83 6.46
N TRP F 112 -23.00 -43.53 6.98
CA TRP F 112 -23.20 -42.45 7.94
C TRP F 112 -22.46 -42.72 9.25
N ASN F 113 -22.73 -43.86 9.86
CA ASN F 113 -21.98 -44.29 11.03
C ASN F 113 -20.86 -45.26 10.67
N ASN F 114 -20.31 -45.12 9.46
CA ASN F 114 -19.26 -46.02 9.02
C ASN F 114 -18.11 -45.32 8.31
N MET F 115 -18.25 -44.06 7.88
CA MET F 115 -17.33 -43.48 6.94
C MET F 115 -17.09 -42.01 7.29
N THR F 116 -15.87 -41.55 7.05
CA THR F 116 -15.49 -40.16 7.23
C THR F 116 -15.96 -39.32 6.04
N TRP F 117 -15.46 -38.09 5.97
CA TRP F 117 -15.86 -37.17 4.92
C TRP F 117 -14.95 -37.19 3.71
N MET F 118 -13.68 -37.54 3.90
CA MET F 118 -12.77 -37.61 2.76
C MET F 118 -13.19 -38.70 1.80
N GLU F 119 -13.79 -39.77 2.31
CA GLU F 119 -14.20 -40.87 1.47
C GLU F 119 -15.55 -40.61 0.81
N TRP F 120 -16.46 -39.91 1.51
CA TRP F 120 -17.73 -39.55 0.92
C TRP F 120 -17.56 -38.56 -0.22
N GLU F 121 -16.53 -37.72 -0.15
CA GLU F 121 -16.24 -36.84 -1.28
C GLU F 121 -15.64 -37.60 -2.44
N ARG F 122 -14.92 -38.68 -2.17
CA ARG F 122 -14.37 -39.49 -3.24
C ARG F 122 -15.37 -40.50 -3.77
N GLU F 123 -16.64 -40.39 -3.38
CA GLU F 123 -17.71 -41.12 -4.03
C GLU F 123 -18.61 -40.23 -4.88
N ILE F 124 -18.56 -38.92 -4.68
CA ILE F 124 -19.50 -38.00 -5.31
C ILE F 124 -18.79 -36.96 -6.16
N ASP F 125 -17.49 -37.11 -6.39
CA ASP F 125 -16.74 -36.05 -7.06
C ASP F 125 -17.06 -35.99 -8.54
N ASN F 126 -17.35 -37.13 -9.17
CA ASN F 126 -17.73 -37.14 -10.57
C ASN F 126 -19.08 -36.49 -10.80
N TYR F 127 -19.94 -36.48 -9.79
CA TYR F 127 -21.32 -36.03 -9.96
C TYR F 127 -21.54 -34.62 -9.44
N THR F 128 -20.46 -33.88 -9.16
CA THR F 128 -20.54 -32.69 -8.32
C THR F 128 -21.35 -31.58 -8.98
N SER F 129 -20.98 -31.19 -10.20
CA SER F 129 -21.68 -30.12 -10.90
C SER F 129 -23.10 -30.51 -11.27
N LEU F 130 -23.36 -31.81 -11.40
CA LEU F 130 -24.71 -32.29 -11.64
C LEU F 130 -25.61 -32.05 -10.44
N ILE F 131 -25.05 -32.10 -9.22
CA ILE F 131 -25.86 -31.83 -8.05
C ILE F 131 -26.21 -30.35 -7.99
N TYR F 132 -25.34 -29.49 -8.49
CA TYR F 132 -25.48 -28.06 -8.23
C TYR F 132 -26.58 -27.43 -9.06
N THR F 133 -26.81 -27.91 -10.28
CA THR F 133 -27.91 -27.38 -11.07
C THR F 133 -29.25 -27.79 -10.48
N LEU F 134 -29.32 -29.02 -9.94
CA LEU F 134 -30.57 -29.52 -9.41
C LEU F 134 -30.95 -28.82 -8.12
N ILE F 135 -29.97 -28.45 -7.31
CA ILE F 135 -30.25 -27.70 -6.11
C ILE F 135 -30.64 -26.27 -6.45
N GLU F 136 -30.02 -25.71 -7.50
CA GLU F 136 -30.39 -24.38 -7.95
C GLU F 136 -31.83 -24.32 -8.42
N ASP F 137 -32.18 -25.24 -9.32
CA ASP F 137 -33.46 -25.11 -10.00
C ASP F 137 -34.62 -25.53 -9.10
N SER F 138 -34.61 -26.78 -8.66
CA SER F 138 -35.75 -27.36 -7.99
C SER F 138 -35.87 -26.96 -6.52
N GLN F 139 -35.14 -25.94 -6.06
CA GLN F 139 -35.28 -25.54 -4.67
C GLN F 139 -35.50 -24.04 -4.56
N ASN F 140 -34.97 -23.29 -5.48
CA ASN F 140 -35.22 -21.85 -5.40
C ASN F 140 -35.76 -21.28 -6.70
N GLN F 141 -35.30 -21.78 -7.84
CA GLN F 141 -35.99 -21.43 -9.07
C GLN F 141 -37.36 -22.07 -9.10
N GLN F 142 -37.52 -23.23 -8.43
CA GLN F 142 -38.84 -23.77 -8.19
C GLN F 142 -39.65 -22.89 -7.24
N GLU F 143 -39.09 -22.63 -6.06
CA GLU F 143 -39.87 -21.92 -5.04
C GLU F 143 -40.02 -20.45 -5.33
N LYS F 144 -39.37 -19.93 -6.37
CA LYS F 144 -39.75 -18.62 -6.87
C LYS F 144 -41.12 -18.66 -7.54
N ASN F 145 -41.51 -19.81 -8.07
CA ASN F 145 -42.84 -19.99 -8.63
C ASN F 145 -43.86 -20.46 -7.61
N GLU F 146 -43.59 -20.23 -6.33
CA GLU F 146 -44.56 -20.47 -5.27
C GLU F 146 -44.82 -19.20 -4.47
N GLN F 147 -44.25 -18.08 -4.88
CA GLN F 147 -44.26 -16.87 -4.06
C GLN F 147 -45.60 -16.16 -4.13
N GLU F 148 -45.97 -15.70 -5.33
CA GLU F 148 -47.30 -15.17 -5.67
C GLU F 148 -47.71 -13.96 -4.84
N VAL G 2 -38.63 38.70 -13.68
CA VAL G 2 -39.93 39.35 -13.82
C VAL G 2 -40.04 40.58 -12.94
N GLN G 3 -41.29 40.99 -12.74
CA GLN G 3 -41.62 42.14 -11.91
C GLN G 3 -41.14 41.94 -10.48
N LEU G 4 -40.49 42.96 -9.94
CA LEU G 4 -39.89 42.83 -8.61
C LEU G 4 -39.79 44.23 -8.00
N VAL G 5 -40.72 44.55 -7.09
CA VAL G 5 -40.72 45.82 -6.39
C VAL G 5 -40.92 45.56 -4.91
N GLU G 6 -41.02 46.66 -4.15
CA GLU G 6 -41.20 46.61 -2.72
C GLU G 6 -42.33 47.54 -2.30
N SER G 7 -42.51 47.71 -0.99
CA SER G 7 -43.54 48.58 -0.43
C SER G 7 -43.17 48.88 1.01
N GLY G 8 -43.97 49.75 1.63
CA GLY G 8 -43.79 50.07 3.03
C GLY G 8 -42.64 50.99 3.37
N GLY G 9 -41.97 51.53 2.36
CA GLY G 9 -40.84 52.42 2.63
C GLY G 9 -41.29 53.79 3.10
N GLY G 10 -40.31 54.58 3.52
CA GLY G 10 -40.60 55.93 3.97
C GLY G 10 -39.55 56.53 4.87
N VAL G 11 -39.98 57.07 6.01
CA VAL G 11 -39.08 57.73 6.95
C VAL G 11 -39.68 57.61 8.35
N VAL G 12 -38.86 57.19 9.31
CA VAL G 12 -39.28 57.05 10.70
C VAL G 12 -38.22 57.63 11.63
N GLN G 13 -38.44 57.46 12.93
CA GLN G 13 -37.59 57.95 13.99
C GLN G 13 -36.64 56.85 14.44
N PRO G 14 -35.64 57.17 15.26
CA PRO G 14 -34.92 56.10 15.98
C PRO G 14 -35.83 55.39 16.96
N GLY G 15 -35.47 54.14 17.26
CA GLY G 15 -36.24 53.31 18.16
C GLY G 15 -37.52 52.75 17.58
N LYS G 16 -37.82 53.01 16.32
CA LYS G 16 -39.07 52.61 15.71
C LYS G 16 -38.94 51.23 15.08
N SER G 17 -39.95 50.84 14.31
CA SER G 17 -40.00 49.49 13.73
C SER G 17 -41.00 49.47 12.59
N VAL G 18 -40.53 49.21 11.38
CA VAL G 18 -41.43 49.01 10.25
C VAL G 18 -41.16 47.63 9.65
N ARG G 19 -41.93 47.28 8.62
CA ARG G 19 -41.70 46.06 7.86
C ARG G 19 -42.02 46.31 6.40
N LEU G 20 -41.06 46.05 5.53
CA LEU G 20 -41.29 46.24 4.10
C LEU G 20 -42.07 45.07 3.53
N SER G 21 -42.30 45.09 2.22
CA SER G 21 -43.00 43.99 1.57
C SER G 21 -42.56 43.93 0.11
N CYS G 22 -41.66 42.99 -0.21
CA CYS G 22 -41.29 42.69 -1.58
C CYS G 22 -42.19 41.59 -2.12
N VAL G 23 -42.68 41.78 -3.35
CA VAL G 23 -43.59 40.85 -3.98
C VAL G 23 -43.02 40.45 -5.34
N VAL G 24 -42.95 39.15 -5.60
CA VAL G 24 -42.43 38.63 -6.86
C VAL G 24 -43.60 38.38 -7.78
N SER G 25 -43.32 38.08 -9.04
CA SER G 25 -44.38 37.93 -10.02
C SER G 25 -44.59 36.50 -10.48
N ASP G 26 -43.60 35.88 -11.12
CA ASP G 26 -44.04 34.74 -11.92
C ASP G 26 -43.31 33.43 -11.61
N PHE G 27 -42.01 33.49 -11.29
CA PHE G 27 -41.22 32.28 -11.05
C PHE G 27 -41.70 31.56 -9.79
N PRO G 28 -41.49 30.23 -9.69
CA PRO G 28 -41.87 29.52 -8.48
C PRO G 28 -41.07 29.97 -7.27
N PHE G 29 -41.74 30.60 -6.33
CA PHE G 29 -41.05 31.32 -5.28
C PHE G 29 -40.48 30.40 -4.22
N SER G 30 -41.12 29.26 -3.97
CA SER G 30 -40.61 28.33 -2.97
C SER G 30 -39.34 27.66 -3.42
N LYS G 31 -39.08 27.64 -4.72
CA LYS G 31 -37.85 27.06 -5.25
C LYS G 31 -36.65 27.92 -4.91
N TYR G 32 -36.81 29.24 -4.84
CA TYR G 32 -35.59 30.02 -4.78
C TYR G 32 -35.38 30.66 -3.41
N PRO G 33 -34.13 30.85 -3.03
CA PRO G 33 -33.82 31.72 -1.88
C PRO G 33 -33.84 33.18 -2.30
N MET G 34 -33.81 34.06 -1.29
CA MET G 34 -33.80 35.50 -1.53
C MET G 34 -32.66 36.13 -0.75
N TYR G 35 -32.59 37.46 -0.82
CA TYR G 35 -31.53 38.21 -0.16
C TYR G 35 -32.03 39.60 0.21
N TRP G 36 -31.19 40.35 0.90
CA TRP G 36 -31.39 41.78 1.09
C TRP G 36 -30.06 42.48 0.97
N VAL G 37 -30.05 43.60 0.27
CA VAL G 37 -28.83 44.38 0.12
C VAL G 37 -29.13 45.83 0.44
N ARG G 38 -28.09 46.55 0.86
CA ARG G 38 -28.20 47.92 1.33
C ARG G 38 -27.11 48.75 0.68
N GLN G 39 -27.50 49.61 -0.25
CA GLN G 39 -26.60 50.58 -0.86
C GLN G 39 -26.71 51.90 -0.11
N ALA G 40 -25.66 52.29 0.55
CA ALA G 40 -25.71 53.60 1.17
C ALA G 40 -25.50 54.68 0.11
N PRO G 41 -26.11 55.87 0.31
CA PRO G 41 -25.97 56.93 -0.70
C PRO G 41 -24.55 57.44 -0.84
N GLY G 42 -23.97 57.22 -2.01
CA GLY G 42 -22.59 57.59 -2.23
C GLY G 42 -21.59 56.57 -1.75
N LYS G 43 -22.03 55.40 -1.29
CA LYS G 43 -21.14 54.35 -0.86
C LYS G 43 -21.33 53.13 -1.76
N GLY G 44 -20.70 52.03 -1.40
CA GLY G 44 -20.81 50.82 -2.17
C GLY G 44 -22.07 50.05 -1.84
N LEU G 45 -21.95 48.77 -1.59
CA LEU G 45 -23.08 47.95 -1.18
C LEU G 45 -22.74 47.18 0.07
N GLU G 46 -23.76 46.94 0.88
CA GLU G 46 -23.63 46.11 2.06
C GLU G 46 -24.67 45.00 1.99
N TRP G 47 -24.21 43.77 2.13
CA TRP G 47 -25.13 42.65 2.27
C TRP G 47 -25.86 42.75 3.60
N VAL G 48 -27.13 42.35 3.61
CA VAL G 48 -27.96 42.40 4.81
C VAL G 48 -28.33 41.00 5.30
N ALA G 49 -29.07 40.25 4.50
CA ALA G 49 -29.73 39.05 5.00
C ALA G 49 -29.94 38.06 3.86
N ALA G 50 -30.47 36.89 4.22
CA ALA G 50 -30.73 35.80 3.29
C ALA G 50 -31.68 34.80 3.93
N ILE G 51 -32.59 34.25 3.14
CA ILE G 51 -33.48 33.20 3.60
C ILE G 51 -33.30 32.00 2.69
N SER G 52 -33.46 30.80 3.24
CA SER G 52 -33.51 29.59 2.44
C SER G 52 -34.79 29.55 1.62
N GLY G 53 -34.86 28.57 0.73
CA GLY G 53 -36.05 28.42 -0.09
C GLY G 53 -37.24 27.89 0.69
N ASP G 54 -36.97 27.01 1.64
CA ASP G 54 -38.01 26.48 2.53
C ASP G 54 -38.18 27.31 3.78
N ALA G 55 -37.60 28.52 3.80
CA ALA G 55 -37.70 29.49 4.88
C ALA G 55 -37.16 28.95 6.20
N TRP G 56 -36.19 28.05 6.14
CA TRP G 56 -35.66 27.44 7.35
C TRP G 56 -34.32 28.03 7.77
N HIS G 57 -33.53 28.52 6.83
CA HIS G 57 -32.19 28.99 7.12
C HIS G 57 -32.13 30.49 6.92
N VAL G 58 -31.64 31.19 7.94
CA VAL G 58 -31.62 32.66 7.96
C VAL G 58 -30.24 33.10 8.45
N VAL G 59 -29.56 33.91 7.64
CA VAL G 59 -28.23 34.41 7.97
C VAL G 59 -28.24 35.92 7.88
N TYR G 60 -27.85 36.58 8.97
CA TYR G 60 -27.85 38.03 9.08
C TYR G 60 -26.44 38.58 9.04
N SER G 61 -26.35 39.85 8.66
CA SER G 61 -25.09 40.57 8.81
C SER G 61 -24.81 40.80 10.29
N ASN G 62 -23.52 41.05 10.59
CA ASN G 62 -23.12 41.22 11.98
C ASN G 62 -23.59 42.55 12.56
N SER G 63 -23.61 43.59 11.73
CA SER G 63 -23.97 44.92 12.21
C SER G 63 -25.45 44.99 12.56
N VAL G 64 -26.30 44.39 11.73
CA VAL G 64 -27.72 44.40 11.94
C VAL G 64 -28.19 43.10 12.60
N GLN G 65 -27.28 42.40 13.25
CA GLN G 65 -27.57 41.12 13.88
C GLN G 65 -28.55 41.29 15.02
N GLY G 66 -29.59 40.45 15.03
CA GLY G 66 -30.58 40.47 16.08
C GLY G 66 -31.63 41.55 15.98
N ARG G 67 -31.35 42.65 15.29
CA ARG G 67 -32.32 43.73 15.21
C ARG G 67 -33.42 43.44 14.20
N PHE G 68 -33.03 43.03 12.99
CA PHE G 68 -33.98 42.96 11.89
C PHE G 68 -34.80 41.68 11.98
N LEU G 69 -35.65 41.45 10.98
CA LEU G 69 -36.36 40.19 10.84
C LEU G 69 -36.76 40.00 9.39
N VAL G 70 -36.58 38.78 8.90
CA VAL G 70 -37.02 38.40 7.55
C VAL G 70 -37.93 37.19 7.67
N SER G 71 -38.68 36.95 6.60
CA SER G 71 -39.61 35.83 6.54
C SER G 71 -40.07 35.65 5.10
N ARG G 72 -40.75 34.54 4.85
CA ARG G 72 -41.28 34.23 3.54
C ARG G 72 -42.74 33.81 3.67
N ASP G 73 -43.45 33.88 2.56
CA ASP G 73 -44.75 33.23 2.41
C ASP G 73 -44.83 32.76 0.97
N ASN G 74 -44.50 31.48 0.78
CA ASN G 74 -44.42 30.91 -0.56
C ASN G 74 -45.77 30.80 -1.24
N VAL G 75 -46.85 30.75 -0.47
CA VAL G 75 -48.18 30.76 -1.07
C VAL G 75 -48.52 32.16 -1.57
N LYS G 76 -48.32 33.17 -0.74
CA LYS G 76 -48.65 34.52 -1.14
C LYS G 76 -47.55 35.19 -1.95
N ASN G 77 -46.40 34.53 -2.10
CA ASN G 77 -45.28 35.00 -2.93
C ASN G 77 -44.77 36.36 -2.47
N THR G 78 -44.68 36.54 -1.16
CA THR G 78 -44.28 37.78 -0.53
C THR G 78 -42.88 37.63 0.07
N LEU G 79 -42.32 38.76 0.48
CA LEU G 79 -41.00 38.77 1.09
C LEU G 79 -40.90 39.95 2.03
N TYR G 80 -40.67 39.69 3.31
CA TYR G 80 -40.74 40.70 4.33
C TYR G 80 -39.38 40.99 4.92
N LEU G 81 -39.11 42.25 5.18
CA LEU G 81 -37.95 42.67 5.96
C LEU G 81 -38.46 43.58 7.08
N GLU G 82 -38.63 42.99 8.25
CA GLU G 82 -39.01 43.75 9.43
C GLU G 82 -37.74 44.19 10.15
N MET G 83 -37.81 45.32 10.80
CA MET G 83 -36.64 45.93 11.41
C MET G 83 -37.01 46.50 12.76
N ASN G 84 -36.04 46.48 13.67
CA ASN G 84 -36.22 46.97 15.03
C ASN G 84 -34.97 47.70 15.46
N SER G 85 -35.13 48.59 16.45
CA SER G 85 -34.05 49.39 17.06
C SER G 85 -33.29 50.18 16.00
N LEU G 86 -34.01 51.08 15.35
CA LEU G 86 -33.49 51.75 14.18
C LEU G 86 -32.49 52.84 14.56
N LYS G 87 -31.44 52.96 13.75
CA LYS G 87 -30.45 54.00 13.94
C LYS G 87 -30.33 54.82 12.67
N ILE G 88 -29.73 56.00 12.81
CA ILE G 88 -29.69 56.97 11.73
C ILE G 88 -28.84 56.48 10.57
N GLU G 89 -27.78 55.72 10.87
CA GLU G 89 -26.92 55.19 9.81
C GLU G 89 -27.56 54.04 9.04
N ASP G 90 -28.75 53.58 9.41
CA ASP G 90 -29.51 52.64 8.61
C ASP G 90 -30.23 53.30 7.45
N THR G 91 -30.15 54.62 7.35
CA THR G 91 -30.76 55.34 6.24
C THR G 91 -29.99 55.06 4.96
N ALA G 92 -30.59 54.29 4.07
CA ALA G 92 -29.99 53.91 2.78
C ALA G 92 -31.10 53.36 1.89
N VAL G 93 -30.71 52.76 0.78
CA VAL G 93 -31.63 52.13 -0.15
C VAL G 93 -31.62 50.64 0.11
N TYR G 94 -32.78 50.08 0.40
CA TYR G 94 -32.94 48.64 0.51
C TYR G 94 -33.38 48.07 -0.83
N ARG G 95 -32.87 46.89 -1.17
CA ARG G 95 -33.25 46.25 -2.41
C ARG G 95 -33.54 44.78 -2.19
N CYS G 96 -34.65 44.33 -2.75
CA CYS G 96 -35.05 42.93 -2.79
C CYS G 96 -34.38 42.25 -3.97
N ALA G 97 -33.82 41.06 -3.75
CA ALA G 97 -33.02 40.46 -4.81
C ALA G 97 -33.08 38.94 -4.79
N ARG G 98 -33.19 38.37 -5.99
CA ARG G 98 -33.32 36.95 -6.22
C ARG G 98 -31.95 36.33 -6.49
N MET G 99 -31.77 35.09 -6.05
CA MET G 99 -30.58 34.33 -6.41
C MET G 99 -30.53 34.11 -7.92
N PHE G 100 -29.32 34.18 -8.48
CA PHE G 100 -29.14 33.86 -9.90
C PHE G 100 -29.49 32.43 -10.20
N GLN G 101 -28.75 31.49 -9.64
CA GLN G 101 -29.01 30.08 -9.90
C GLN G 101 -30.25 29.63 -9.15
N GLU G 102 -30.71 28.44 -9.51
CA GLU G 102 -31.66 27.74 -8.69
C GLU G 102 -30.92 27.13 -7.50
N SER G 103 -31.67 26.81 -6.45
CA SER G 103 -31.13 26.05 -5.33
C SER G 103 -31.88 24.74 -5.22
N GLY G 104 -31.24 23.77 -4.58
CA GLY G 104 -31.87 22.49 -4.36
C GLY G 104 -32.48 22.39 -2.98
N PRO G 105 -32.95 21.20 -2.62
CA PRO G 105 -33.30 20.93 -1.24
C PRO G 105 -32.05 20.77 -0.39
N PRO G 106 -32.15 20.79 0.93
CA PRO G 106 -30.96 20.57 1.76
C PRO G 106 -30.39 19.18 1.63
N ARG G 107 -29.10 19.06 1.91
CA ARG G 107 -28.26 18.00 1.36
C ARG G 107 -28.10 16.78 2.26
N LEU G 108 -27.87 16.97 3.57
CA LEU G 108 -27.66 15.92 4.57
C LEU G 108 -26.48 15.02 4.22
N ASP G 109 -25.27 15.56 4.43
CA ASP G 109 -24.05 14.75 4.40
C ASP G 109 -24.17 13.52 5.29
N ARG G 110 -23.62 12.41 4.83
CA ARG G 110 -23.84 11.13 5.50
C ARG G 110 -23.08 11.04 6.80
N TRP G 111 -21.89 11.62 6.85
CA TRP G 111 -20.96 11.36 7.93
C TRP G 111 -21.34 12.10 9.20
N SER G 112 -22.16 13.13 9.09
CA SER G 112 -22.64 13.87 10.24
C SER G 112 -24.04 14.32 9.92
N GLY G 113 -24.99 14.06 10.81
CA GLY G 113 -26.38 14.35 10.53
C GLY G 113 -26.68 15.83 10.52
N ARG G 114 -26.19 16.52 9.50
CA ARG G 114 -26.33 17.96 9.39
C ARG G 114 -26.60 18.33 7.94
N ASN G 115 -27.68 19.07 7.72
CA ASN G 115 -28.11 19.46 6.39
C ASN G 115 -27.25 20.62 5.88
N TYR G 116 -27.42 20.94 4.60
CA TYR G 116 -26.65 22.03 4.00
C TYR G 116 -27.51 22.76 2.98
N TYR G 117 -27.64 24.07 3.16
CA TYR G 117 -28.37 24.93 2.25
C TYR G 117 -27.37 25.74 1.42
N TYR G 118 -27.37 25.52 0.11
CA TYR G 118 -26.40 26.23 -0.72
C TYR G 118 -26.86 27.65 -0.99
N TYR G 119 -25.91 28.55 -1.07
CA TYR G 119 -26.17 29.98 -1.23
C TYR G 119 -25.24 30.59 -2.25
N SER G 120 -25.80 31.10 -3.34
CA SER G 120 -25.03 31.81 -4.33
C SER G 120 -25.72 33.13 -4.65
N GLY G 121 -25.04 33.95 -5.45
CA GLY G 121 -25.38 35.35 -5.59
C GLY G 121 -26.56 35.65 -6.50
N MET G 122 -26.61 36.90 -6.94
CA MET G 122 -27.87 37.54 -7.28
C MET G 122 -27.87 38.07 -8.71
N ASP G 123 -29.06 38.12 -9.31
CA ASP G 123 -29.25 38.61 -10.66
C ASP G 123 -30.34 39.67 -10.80
N VAL G 124 -31.45 39.55 -10.09
CA VAL G 124 -32.61 40.39 -10.31
C VAL G 124 -32.78 41.28 -9.09
N TRP G 125 -32.35 42.52 -9.19
CA TRP G 125 -32.52 43.46 -8.08
C TRP G 125 -33.82 44.20 -8.26
N GLY G 126 -34.66 44.17 -7.22
CA GLY G 126 -35.80 45.06 -7.18
C GLY G 126 -35.36 46.50 -7.06
N GLN G 127 -36.19 47.41 -7.54
CA GLN G 127 -35.80 48.81 -7.55
C GLN G 127 -35.83 49.39 -6.15
N GLY G 128 -36.68 48.85 -5.28
CA GLY G 128 -36.51 49.02 -3.86
C GLY G 128 -36.98 50.32 -3.26
N THR G 129 -37.38 50.27 -2.00
CA THR G 129 -37.82 51.45 -1.28
C THR G 129 -36.63 52.07 -0.56
N THR G 130 -36.91 53.03 0.33
CA THR G 130 -35.87 53.74 1.06
C THR G 130 -36.44 54.09 2.42
N VAL G 131 -35.67 53.83 3.47
CA VAL G 131 -36.07 54.15 4.83
C VAL G 131 -35.06 55.14 5.39
N THR G 132 -35.57 56.22 6.00
CA THR G 132 -34.74 57.26 6.60
C THR G 132 -35.04 57.33 8.09
N VAL G 133 -34.00 57.38 8.90
CA VAL G 133 -34.12 57.44 10.34
C VAL G 133 -33.55 58.78 10.81
N SER G 134 -34.42 59.65 11.30
CA SER G 134 -34.02 61.00 11.71
C SER G 134 -35.05 61.54 12.69
N SER G 135 -34.98 62.85 12.93
CA SER G 135 -35.92 63.54 13.80
C SER G 135 -36.86 64.44 12.99
N ILE H 2 -14.29 37.89 5.21
CA ILE H 2 -13.10 38.07 4.39
C ILE H 2 -13.08 39.49 3.84
N VAL H 3 -11.99 39.85 3.19
CA VAL H 3 -11.79 41.18 2.65
C VAL H 3 -11.53 41.06 1.15
N MET H 4 -12.13 41.95 0.37
CA MET H 4 -11.91 41.93 -1.07
C MET H 4 -12.15 43.33 -1.62
N THR H 5 -11.07 44.04 -1.90
CA THR H 5 -11.16 45.36 -2.50
C THR H 5 -10.72 45.28 -3.96
N GLN H 6 -10.63 46.44 -4.60
CA GLN H 6 -10.29 46.47 -6.02
C GLN H 6 -9.62 47.79 -6.36
N THR H 7 -9.35 47.98 -7.67
CA THR H 7 -8.53 49.06 -8.22
C THR H 7 -8.70 49.08 -9.73
N PRO H 8 -8.58 50.24 -10.40
CA PRO H 8 -8.50 51.63 -9.93
C PRO H 8 -9.89 52.21 -9.79
N LEU H 9 -10.07 53.22 -8.93
CA LEU H 9 -11.40 53.71 -8.63
C LEU H 9 -11.98 54.50 -9.79
N SER H 10 -11.17 55.33 -10.45
CA SER H 10 -11.65 56.20 -11.51
C SER H 10 -10.93 55.87 -12.80
N LEU H 11 -11.70 55.64 -13.86
CA LEU H 11 -11.16 55.48 -15.21
C LEU H 11 -12.04 56.31 -16.13
N SER H 12 -11.73 57.59 -16.25
CA SER H 12 -12.53 58.52 -17.06
C SER H 12 -12.03 58.43 -18.50
N VAL H 13 -12.72 57.66 -19.33
CA VAL H 13 -12.24 57.38 -20.68
C VAL H 13 -13.24 57.82 -21.74
N THR H 14 -12.88 57.59 -22.99
CA THR H 14 -13.65 57.84 -24.20
C THR H 14 -13.72 56.52 -24.97
N PRO H 15 -14.73 56.33 -25.82
CA PRO H 15 -14.85 55.05 -26.51
C PRO H 15 -13.80 54.84 -27.59
N GLY H 16 -13.45 53.56 -27.79
CA GLY H 16 -12.55 53.16 -28.86
C GLY H 16 -11.30 52.40 -28.42
N GLN H 17 -11.12 52.10 -27.13
CA GLN H 17 -9.89 51.51 -26.63
C GLN H 17 -10.24 50.38 -25.68
N PRO H 18 -9.38 49.36 -25.57
CA PRO H 18 -9.57 48.35 -24.53
C PRO H 18 -8.87 48.68 -23.23
N ALA H 19 -9.45 48.18 -22.14
CA ALA H 19 -8.90 48.34 -20.81
C ALA H 19 -9.40 47.18 -19.95
N SER H 20 -9.05 47.21 -18.67
CA SER H 20 -9.44 46.13 -17.77
C SER H 20 -9.52 46.62 -16.33
N ILE H 21 -10.40 45.98 -15.56
CA ILE H 21 -10.59 46.28 -14.14
C ILE H 21 -10.37 45.00 -13.37
N SER H 22 -9.48 45.05 -12.38
CA SER H 22 -9.16 43.88 -11.58
C SER H 22 -9.63 44.08 -10.13
N CYS H 23 -10.04 42.98 -9.51
CA CYS H 23 -10.46 42.96 -8.12
C CYS H 23 -9.56 42.00 -7.36
N LYS H 24 -8.99 42.47 -6.25
CA LYS H 24 -7.95 41.74 -5.54
C LYS H 24 -8.52 41.08 -4.30
N SER H 25 -8.14 39.82 -4.09
CA SER H 25 -8.76 38.98 -3.08
C SER H 25 -7.79 38.71 -1.94
N SER H 26 -8.28 38.83 -0.71
CA SER H 26 -7.47 38.41 0.43
C SER H 26 -7.57 36.91 0.64
N GLU H 27 -8.76 36.43 0.94
CA GLU H 27 -9.01 35.00 1.00
C GLU H 27 -9.15 34.46 -0.41
N SER H 28 -8.51 33.33 -0.69
CA SER H 28 -8.63 32.73 -2.01
C SER H 28 -9.99 32.06 -2.15
N LEU H 29 -10.55 32.12 -3.36
CA LEU H 29 -11.87 31.59 -3.65
C LEU H 29 -11.76 30.41 -4.59
N ARG H 30 -12.09 29.23 -4.09
CA ARG H 30 -12.40 28.08 -4.91
C ARG H 30 -13.29 27.20 -4.05
N GLN H 31 -14.58 27.20 -4.34
CA GLN H 31 -15.47 26.32 -3.61
C GLN H 31 -15.27 24.88 -4.03
N SER H 32 -15.76 23.97 -3.20
CA SER H 32 -15.60 22.54 -3.44
C SER H 32 -16.53 22.00 -4.53
N ASN H 33 -17.38 22.84 -5.11
CA ASN H 33 -18.14 22.41 -6.26
C ASN H 33 -17.30 22.36 -7.51
N GLY H 34 -16.14 23.01 -7.50
CA GLY H 34 -15.31 23.13 -8.68
C GLY H 34 -15.40 24.47 -9.37
N LYS H 35 -15.72 25.54 -8.64
CA LYS H 35 -15.88 26.85 -9.26
C LYS H 35 -15.56 27.93 -8.24
N THR H 36 -15.28 29.12 -8.76
CA THR H 36 -14.80 30.26 -7.99
C THR H 36 -15.89 31.33 -7.98
N SER H 37 -16.52 31.52 -6.82
CA SER H 37 -17.76 32.28 -6.74
C SER H 37 -17.47 33.77 -6.68
N LEU H 38 -17.11 34.34 -7.83
CA LEU H 38 -16.89 35.78 -7.95
C LEU H 38 -17.81 36.34 -9.03
N TYR H 39 -18.66 37.27 -8.67
CA TYR H 39 -19.71 37.74 -9.56
C TYR H 39 -19.49 39.21 -9.87
N TRP H 40 -19.28 39.52 -11.15
CA TRP H 40 -19.02 40.87 -11.63
C TRP H 40 -20.27 41.47 -12.24
N TYR H 41 -20.69 42.64 -11.76
CA TYR H 41 -21.83 43.28 -12.40
C TYR H 41 -21.80 44.79 -12.17
N ARG H 42 -22.73 45.46 -12.86
CA ARG H 42 -22.70 46.89 -13.10
C ARG H 42 -24.04 47.51 -12.70
N GLN H 43 -23.97 48.66 -12.03
CA GLN H 43 -25.11 49.54 -11.94
C GLN H 43 -24.88 50.76 -12.81
N LYS H 44 -25.97 51.37 -13.17
CA LYS H 44 -26.04 52.71 -13.71
C LYS H 44 -26.41 53.67 -12.61
N PRO H 45 -26.08 54.96 -12.75
CA PRO H 45 -26.45 55.92 -11.70
C PRO H 45 -27.94 56.12 -11.61
N GLY H 46 -28.47 56.03 -10.38
CA GLY H 46 -29.88 56.09 -10.17
C GLY H 46 -30.64 54.81 -10.45
N GLN H 47 -29.95 53.68 -10.66
CA GLN H 47 -30.59 52.44 -11.04
C GLN H 47 -30.12 51.28 -10.16
N SER H 48 -31.03 50.35 -9.95
CA SER H 48 -30.65 49.05 -9.41
C SER H 48 -29.77 48.33 -10.42
N PRO H 49 -28.75 47.59 -9.98
CA PRO H 49 -27.74 47.08 -10.92
C PRO H 49 -28.25 45.95 -11.78
N GLN H 50 -27.44 45.59 -12.76
CA GLN H 50 -27.73 44.53 -13.69
C GLN H 50 -26.51 43.63 -13.83
N LEU H 51 -26.78 42.34 -14.03
CA LEU H 51 -25.71 41.34 -14.02
C LEU H 51 -24.91 41.42 -15.31
N LEU H 52 -23.60 41.61 -15.19
CA LEU H 52 -22.75 41.55 -16.38
C LEU H 52 -22.40 40.10 -16.71
N VAL H 53 -21.59 39.49 -15.85
CA VAL H 53 -21.24 38.07 -15.95
C VAL H 53 -21.48 37.47 -14.59
N PHE H 54 -22.01 36.25 -14.55
CA PHE H 54 -22.12 35.66 -13.22
C PHE H 54 -20.79 35.04 -12.84
N GLU H 55 -20.36 33.99 -13.52
CA GLU H 55 -19.04 33.49 -13.18
C GLU H 55 -18.00 34.31 -13.91
N VAL H 56 -16.75 34.08 -13.53
CA VAL H 56 -15.65 34.74 -14.21
C VAL H 56 -15.46 34.15 -15.60
N SER H 57 -16.02 32.98 -15.86
CA SER H 57 -16.01 32.37 -17.17
C SER H 57 -17.22 32.77 -18.00
N ASN H 58 -18.40 32.38 -17.54
CA ASN H 58 -19.62 32.52 -18.34
C ASN H 58 -20.10 33.97 -18.36
N ARG H 59 -21.16 34.21 -19.12
CA ARG H 59 -21.76 35.53 -19.23
C ARG H 59 -23.24 35.46 -18.93
N PHE H 60 -23.95 36.54 -19.19
CA PHE H 60 -25.38 36.62 -18.97
C PHE H 60 -26.05 37.01 -20.28
N SER H 61 -27.37 36.91 -20.32
CA SER H 61 -28.13 37.33 -21.49
C SER H 61 -28.08 38.84 -21.67
N GLY H 62 -27.98 39.27 -22.92
CA GLY H 62 -27.93 40.70 -23.22
C GLY H 62 -26.59 41.33 -22.92
N VAL H 63 -25.52 40.66 -23.33
CA VAL H 63 -24.16 41.03 -22.99
C VAL H 63 -23.31 40.99 -24.26
N SER H 64 -22.59 42.08 -24.53
CA SER H 64 -21.70 42.10 -25.68
C SER H 64 -20.51 41.17 -25.47
N ASP H 65 -19.96 40.70 -26.58
CA ASP H 65 -18.93 39.67 -26.54
C ASP H 65 -17.59 40.18 -26.01
N ARG H 66 -17.41 41.49 -25.94
CA ARG H 66 -16.15 42.10 -25.57
C ARG H 66 -15.94 42.19 -24.06
N PHE H 67 -16.70 41.42 -23.28
CA PHE H 67 -16.64 41.46 -21.82
C PHE H 67 -16.03 40.15 -21.37
N VAL H 68 -14.74 40.15 -21.10
CA VAL H 68 -14.02 38.92 -20.77
C VAL H 68 -13.42 39.03 -19.38
N GLY H 69 -13.42 37.92 -18.66
CA GLY H 69 -12.93 37.90 -17.30
C GLY H 69 -12.14 36.63 -17.06
N SER H 70 -11.20 36.73 -16.12
CA SER H 70 -10.31 35.62 -15.80
C SER H 70 -9.76 35.85 -14.40
N GLY H 71 -8.90 34.93 -13.97
CA GLY H 71 -8.20 35.10 -12.72
C GLY H 71 -7.87 33.78 -12.07
N SER H 72 -6.93 33.85 -11.11
CA SER H 72 -6.54 32.72 -10.27
C SER H 72 -7.47 32.66 -9.06
N GLY H 73 -7.09 31.91 -8.03
CA GLY H 73 -7.86 31.91 -6.79
C GLY H 73 -7.78 33.20 -6.00
N THR H 74 -6.73 33.99 -6.19
CA THR H 74 -6.57 35.29 -5.54
C THR H 74 -6.57 36.45 -6.51
N ASP H 75 -5.87 36.33 -7.63
CA ASP H 75 -5.95 37.35 -8.67
C ASP H 75 -7.28 37.20 -9.40
N PHE H 76 -7.92 38.32 -9.69
CA PHE H 76 -9.16 38.30 -10.45
C PHE H 76 -9.21 39.54 -11.33
N THR H 77 -9.61 39.35 -12.58
CA THR H 77 -9.48 40.38 -13.59
C THR H 77 -10.69 40.35 -14.51
N LEU H 78 -11.28 41.52 -14.75
CA LEU H 78 -12.34 41.69 -15.73
C LEU H 78 -11.83 42.65 -16.81
N ARG H 79 -11.81 42.19 -18.05
CA ARG H 79 -11.26 42.97 -19.16
C ARG H 79 -12.36 43.36 -20.12
N ILE H 80 -12.37 44.63 -20.51
CA ILE H 80 -13.36 45.14 -21.46
C ILE H 80 -12.61 45.56 -22.71
N SER H 81 -12.77 44.79 -23.77
CA SER H 81 -12.14 45.12 -25.04
C SER H 81 -12.96 46.22 -25.73
N ARG H 82 -12.27 47.24 -26.23
CA ARG H 82 -12.83 48.32 -27.07
C ARG H 82 -14.00 49.02 -26.36
N VAL H 83 -13.65 49.70 -25.25
CA VAL H 83 -14.60 50.10 -24.22
C VAL H 83 -15.70 50.99 -24.80
N GLU H 84 -16.95 50.54 -24.65
CA GLU H 84 -18.11 51.08 -25.33
C GLU H 84 -18.55 52.39 -24.68
N ALA H 85 -19.28 53.20 -25.45
CA ALA H 85 -19.66 54.55 -25.04
C ALA H 85 -20.58 54.57 -23.83
N GLU H 86 -21.42 53.53 -23.65
CA GLU H 86 -22.37 53.50 -22.56
C GLU H 86 -21.83 52.78 -21.32
N ASP H 87 -20.52 52.72 -21.17
CA ASP H 87 -19.88 52.08 -20.02
C ASP H 87 -19.67 53.07 -18.88
N VAL H 88 -20.73 53.80 -18.52
CA VAL H 88 -20.66 54.76 -17.46
C VAL H 88 -21.24 54.14 -16.19
N GLY H 89 -21.01 54.80 -15.07
CA GLY H 89 -21.51 54.30 -13.81
C GLY H 89 -20.43 53.60 -13.02
N PHE H 90 -20.79 52.51 -12.35
CA PHE H 90 -19.85 51.81 -11.50
C PHE H 90 -19.72 50.36 -11.92
N TYR H 91 -18.75 49.69 -11.31
CA TYR H 91 -18.47 48.29 -11.57
C TYR H 91 -18.08 47.65 -10.25
N TYR H 92 -18.98 46.86 -9.69
CA TYR H 92 -18.75 46.22 -8.41
C TYR H 92 -18.26 44.80 -8.63
N CYS H 93 -17.26 44.39 -7.86
CA CYS H 93 -16.84 43.00 -7.80
C CYS H 93 -17.48 42.39 -6.56
N MET H 94 -18.23 41.31 -6.75
CA MET H 94 -18.98 40.66 -5.68
C MET H 94 -18.57 39.20 -5.57
N GLN H 95 -18.16 38.80 -4.38
CA GLN H 95 -17.80 37.42 -4.14
C GLN H 95 -18.89 36.69 -3.38
N SER H 96 -18.86 35.37 -3.46
CA SER H 96 -19.85 34.52 -2.83
C SER H 96 -19.20 33.31 -2.18
N LYS H 97 -18.11 33.55 -1.45
CA LYS H 97 -17.52 32.46 -0.68
C LYS H 97 -18.38 32.10 0.52
N ASP H 98 -18.53 33.02 1.46
CA ASP H 98 -19.21 32.74 2.71
C ASP H 98 -19.68 34.03 3.35
N PHE H 99 -20.20 33.91 4.44
CA PHE H 99 -20.91 35.03 5.00
C PHE H 99 -20.09 35.76 6.06
N PRO H 100 -20.20 37.10 6.13
CA PRO H 100 -20.95 37.96 5.21
C PRO H 100 -20.21 38.19 3.91
N LEU H 101 -20.91 37.96 2.80
CA LEU H 101 -20.31 38.14 1.49
C LEU H 101 -20.28 39.62 1.16
N THR H 102 -19.10 40.12 0.86
CA THR H 102 -18.84 41.54 0.74
C THR H 102 -18.76 41.94 -0.74
N PHE H 103 -18.29 43.17 -0.97
CA PHE H 103 -18.22 43.76 -2.29
C PHE H 103 -16.90 44.48 -2.44
N GLY H 104 -16.75 45.13 -3.59
CA GLY H 104 -15.75 46.17 -3.76
C GLY H 104 -16.39 47.54 -3.63
N GLY H 105 -15.56 48.57 -3.82
CA GLY H 105 -16.07 49.92 -3.74
C GLY H 105 -16.90 50.33 -4.94
N GLY H 106 -16.63 49.74 -6.10
CA GLY H 106 -17.29 50.12 -7.32
C GLY H 106 -16.46 51.10 -8.12
N THR H 107 -15.83 50.63 -9.20
CA THR H 107 -14.93 51.47 -9.97
C THR H 107 -15.73 52.39 -10.88
N LYS H 108 -15.55 53.68 -10.73
CA LYS H 108 -16.25 54.65 -11.56
C LYS H 108 -15.57 54.74 -12.91
N VAL H 109 -16.35 54.70 -13.98
CA VAL H 109 -15.84 54.83 -15.33
C VAL H 109 -16.58 55.98 -16.02
N ASP H 110 -15.85 57.02 -16.38
CA ASP H 110 -16.41 58.12 -17.15
C ASP H 110 -15.83 58.07 -18.56
N ARG I 1 0.56 -5.17 54.05
CA ARG I 1 1.54 -5.84 53.22
C ARG I 1 1.10 -7.30 53.05
N VAL I 2 1.44 -7.91 51.91
CA VAL I 2 1.11 -9.31 51.69
C VAL I 2 2.04 -10.14 52.55
N GLN I 3 1.54 -10.59 53.70
CA GLN I 3 2.35 -11.28 54.69
C GLN I 3 1.94 -12.75 54.67
N LEU I 4 2.58 -13.51 53.79
CA LEU I 4 2.37 -14.95 53.73
C LEU I 4 2.96 -15.60 54.97
N VAL I 5 2.14 -16.33 55.72
CA VAL I 5 2.60 -17.07 56.89
C VAL I 5 2.46 -18.56 56.58
N GLU I 6 3.43 -19.35 57.06
CA GLU I 6 3.55 -20.77 56.73
C GLU I 6 3.62 -21.58 58.01
N SER I 7 2.95 -22.73 58.02
CA SER I 7 2.81 -23.48 59.26
C SER I 7 2.60 -24.96 58.93
N GLY I 8 2.12 -25.72 59.90
CA GLY I 8 1.88 -27.14 59.70
C GLY I 8 3.13 -27.97 59.65
N GLY I 9 4.24 -27.47 60.19
CA GLY I 9 5.49 -28.19 60.11
C GLY I 9 5.53 -29.40 61.02
N GLY I 10 6.20 -30.45 60.55
CA GLY I 10 6.31 -31.66 61.33
C GLY I 10 7.47 -32.54 60.89
N VAL I 11 8.17 -33.13 61.85
CA VAL I 11 9.28 -34.03 61.60
C VAL I 11 8.84 -35.46 61.91
N VAL I 12 8.95 -36.33 60.91
CA VAL I 12 8.46 -37.71 61.02
C VAL I 12 9.50 -38.67 60.46
N GLN I 13 9.11 -39.94 60.36
CA GLN I 13 9.82 -41.09 59.85
C GLN I 13 9.45 -41.34 58.39
N PRO I 14 10.26 -42.08 57.63
CA PRO I 14 9.90 -42.36 56.23
C PRO I 14 8.74 -43.33 56.12
N GLY I 15 8.10 -43.30 54.95
CA GLY I 15 6.90 -44.06 54.71
C GLY I 15 5.63 -43.41 55.19
N LYS I 16 5.71 -42.23 55.78
CA LYS I 16 4.56 -41.54 56.33
C LYS I 16 4.11 -40.41 55.40
N SER I 17 3.19 -39.59 55.89
CA SER I 17 2.62 -38.51 55.10
C SER I 17 2.23 -37.35 56.00
N VAL I 18 2.72 -36.16 55.68
CA VAL I 18 2.41 -34.95 56.44
C VAL I 18 1.84 -33.89 55.50
N ARG I 19 1.34 -32.83 56.10
CA ARG I 19 0.71 -31.74 55.37
C ARG I 19 1.12 -30.40 55.96
N LEU I 20 1.54 -29.48 55.11
CA LEU I 20 1.90 -28.14 55.55
C LEU I 20 0.68 -27.21 55.44
N SER I 21 0.92 -25.92 55.56
CA SER I 21 -0.12 -24.90 55.49
C SER I 21 0.53 -23.56 55.19
N CYS I 22 -0.14 -22.76 54.37
CA CYS I 22 0.35 -21.43 54.02
C CYS I 22 -0.81 -20.46 53.98
N VAL I 23 -0.79 -19.46 54.86
CA VAL I 23 -1.87 -18.50 54.99
C VAL I 23 -1.32 -17.11 54.68
N VAL I 24 -2.15 -16.26 54.08
CA VAL I 24 -1.72 -14.98 53.54
C VAL I 24 -2.29 -13.84 54.36
N SER I 25 -1.98 -12.60 53.98
CA SER I 25 -2.45 -11.43 54.71
C SER I 25 -2.73 -10.29 53.75
N ASP I 26 -3.90 -9.65 53.92
CA ASP I 26 -4.32 -8.44 53.21
C ASP I 26 -4.37 -8.68 51.70
N PHE I 27 -5.08 -9.72 51.30
CA PHE I 27 -4.72 -10.28 50.02
C PHE I 27 -5.88 -11.06 49.41
N PRO I 28 -6.26 -10.76 48.17
CA PRO I 28 -7.50 -11.35 47.62
C PRO I 28 -7.39 -12.81 47.26
N PHE I 29 -6.24 -13.23 46.69
CA PHE I 29 -5.78 -14.62 46.63
C PHE I 29 -6.56 -15.50 45.66
N SER I 30 -7.69 -15.02 45.13
CA SER I 30 -8.45 -15.86 44.21
C SER I 30 -7.82 -15.91 42.83
N LYS I 31 -6.95 -14.97 42.50
CA LYS I 31 -6.35 -14.84 41.19
C LYS I 31 -4.84 -14.83 41.31
N TYR I 32 -4.29 -15.78 42.06
CA TYR I 32 -2.86 -15.80 42.26
C TYR I 32 -2.33 -17.23 42.28
N PRO I 33 -1.35 -17.54 41.45
CA PRO I 33 -0.70 -18.84 41.51
C PRO I 33 0.26 -18.92 42.69
N MET I 34 0.50 -20.15 43.14
CA MET I 34 1.37 -20.40 44.27
C MET I 34 2.45 -21.40 43.87
N TYR I 35 3.49 -21.49 44.71
CA TYR I 35 4.61 -22.37 44.43
C TYR I 35 5.08 -23.05 45.71
N TRP I 36 6.07 -23.93 45.55
CA TRP I 36 6.71 -24.60 46.67
C TRP I 36 8.18 -24.78 46.31
N VAL I 37 9.06 -24.32 47.19
CA VAL I 37 10.48 -24.40 46.90
C VAL I 37 11.19 -25.16 48.01
N ARG I 38 12.41 -25.59 47.70
CA ARG I 38 13.12 -26.59 48.50
C ARG I 38 14.53 -26.11 48.78
N GLN I 39 14.82 -25.80 50.03
CA GLN I 39 16.18 -25.53 50.49
C GLN I 39 16.66 -26.76 51.24
N ALA I 40 17.32 -27.65 50.52
CA ALA I 40 18.03 -28.76 51.15
C ALA I 40 19.15 -28.20 52.02
N PRO I 41 19.50 -28.88 53.17
CA PRO I 41 20.29 -28.21 54.23
C PRO I 41 21.68 -27.69 53.89
N GLY I 42 22.17 -27.90 52.68
CA GLY I 42 23.36 -27.21 52.26
C GLY I 42 23.27 -26.74 50.82
N LYS I 43 22.16 -27.05 50.16
CA LYS I 43 22.05 -26.85 48.73
C LYS I 43 21.53 -25.45 48.42
N GLY I 44 21.52 -25.10 47.14
CA GLY I 44 21.03 -23.80 46.75
C GLY I 44 19.53 -23.65 46.86
N LEU I 45 18.80 -24.27 45.92
CA LEU I 45 17.34 -24.18 45.82
C LEU I 45 16.87 -25.05 44.66
N GLU I 46 15.64 -25.56 44.72
CA GLU I 46 15.03 -26.18 43.55
C GLU I 46 13.52 -26.10 43.67
N TRP I 47 12.87 -25.81 42.55
CA TRP I 47 11.41 -25.75 42.48
C TRP I 47 10.79 -27.11 42.73
N VAL I 48 9.60 -27.12 43.33
CA VAL I 48 8.86 -28.36 43.50
C VAL I 48 7.57 -28.34 42.71
N ALA I 49 6.65 -27.45 43.06
CA ALA I 49 5.28 -27.57 42.58
C ALA I 49 4.72 -26.21 42.22
N ALA I 50 3.54 -26.23 41.62
CA ALA I 50 2.89 -25.02 41.14
C ALA I 50 1.41 -25.29 40.96
N ILE I 51 0.61 -24.25 41.16
CA ILE I 51 -0.84 -24.36 41.09
C ILE I 51 -1.39 -23.07 40.47
N SER I 52 -2.60 -23.13 39.94
CA SER I 52 -3.26 -21.97 39.38
C SER I 52 -4.04 -21.22 40.44
N GLY I 53 -4.49 -20.03 40.09
CA GLY I 53 -5.49 -19.38 40.91
C GLY I 53 -6.84 -20.04 40.82
N ASP I 54 -7.09 -20.77 39.74
CA ASP I 54 -8.34 -21.51 39.59
C ASP I 54 -8.35 -22.78 40.42
N ALA I 55 -7.17 -23.24 40.84
CA ALA I 55 -6.93 -24.59 41.36
C ALA I 55 -7.43 -25.65 40.39
N TRP I 56 -7.22 -25.42 39.10
CA TRP I 56 -7.62 -26.37 38.07
C TRP I 56 -6.43 -27.14 37.53
N HIS I 57 -5.27 -26.50 37.43
CA HIS I 57 -4.08 -27.12 36.88
C HIS I 57 -2.95 -27.08 37.88
N VAL I 58 -2.25 -28.21 38.00
CA VAL I 58 -1.17 -28.38 38.97
C VAL I 58 -0.02 -29.06 38.26
N VAL I 59 1.11 -28.39 38.14
CA VAL I 59 2.29 -29.00 37.55
C VAL I 59 3.31 -29.25 38.67
N TYR I 60 4.05 -30.35 38.53
CA TYR I 60 5.07 -30.74 39.49
C TYR I 60 6.41 -30.85 38.78
N SER I 61 7.43 -31.22 39.55
CA SER I 61 8.66 -31.73 38.96
C SER I 61 8.49 -33.22 38.67
N ASN I 62 9.52 -33.82 38.09
CA ASN I 62 9.45 -35.24 37.73
C ASN I 62 9.42 -36.14 38.94
N SER I 63 10.02 -35.70 40.04
CA SER I 63 10.33 -36.58 41.15
C SER I 63 9.08 -36.92 41.95
N VAL I 64 8.35 -35.91 42.40
CA VAL I 64 7.34 -36.10 43.42
C VAL I 64 5.96 -36.39 42.83
N GLN I 65 5.89 -36.69 41.53
CA GLN I 65 4.64 -37.16 40.96
C GLN I 65 4.31 -38.53 41.52
N GLY I 66 3.11 -38.66 42.06
CA GLY I 66 2.77 -39.82 42.83
C GLY I 66 3.17 -39.73 44.28
N ARG I 67 3.58 -38.57 44.73
CA ARG I 67 3.86 -38.39 46.15
C ARG I 67 3.10 -37.22 46.74
N PHE I 68 2.95 -36.13 46.02
CA PHE I 68 2.46 -34.90 46.62
C PHE I 68 1.07 -34.58 46.09
N LEU I 69 0.44 -33.60 46.73
CA LEU I 69 -0.89 -33.15 46.33
C LEU I 69 -1.08 -31.71 46.78
N VAL I 70 -1.17 -30.79 45.83
CA VAL I 70 -1.35 -29.37 46.14
C VAL I 70 -2.81 -29.03 45.95
N SER I 71 -3.37 -28.23 46.85
CA SER I 71 -4.78 -27.89 46.78
C SER I 71 -5.01 -26.56 47.48
N ARG I 72 -5.59 -25.61 46.75
CA ARG I 72 -5.91 -24.32 47.34
C ARG I 72 -7.29 -24.33 47.98
N ASP I 73 -7.52 -23.35 48.83
CA ASP I 73 -8.87 -23.00 49.25
C ASP I 73 -8.88 -21.50 49.47
N ASN I 74 -9.31 -20.76 48.44
CA ASN I 74 -9.35 -19.32 48.48
C ASN I 74 -10.42 -18.76 49.41
N VAL I 75 -11.37 -19.60 49.85
CA VAL I 75 -12.22 -19.22 50.96
C VAL I 75 -11.40 -19.16 52.25
N LYS I 76 -10.60 -20.19 52.50
CA LYS I 76 -9.76 -20.23 53.68
C LYS I 76 -8.53 -19.33 53.56
N ASN I 77 -8.15 -18.97 52.34
CA ASN I 77 -6.85 -18.38 52.02
C ASN I 77 -5.72 -19.28 52.53
N THR I 78 -5.85 -20.57 52.30
CA THR I 78 -4.93 -21.53 52.90
C THR I 78 -4.61 -22.62 51.89
N LEU I 79 -3.32 -22.92 51.78
CA LEU I 79 -2.79 -23.87 50.80
C LEU I 79 -2.37 -25.15 51.52
N TYR I 80 -2.75 -26.29 50.95
CA TYR I 80 -2.45 -27.59 51.53
C TYR I 80 -1.51 -28.37 50.63
N LEU I 81 -0.61 -29.13 51.25
CA LEU I 81 0.29 -30.03 50.52
C LEU I 81 0.46 -31.29 51.36
N GLU I 82 -0.37 -32.29 51.09
CA GLU I 82 -0.27 -33.58 51.78
C GLU I 82 0.80 -34.41 51.08
N MET I 83 1.91 -34.63 51.77
CA MET I 83 3.10 -35.20 51.15
C MET I 83 3.15 -36.70 51.44
N ASN I 84 2.48 -37.48 50.58
CA ASN I 84 2.43 -38.92 50.77
C ASN I 84 3.77 -39.56 50.38
N SER I 85 4.13 -40.61 51.12
CA SER I 85 5.26 -41.51 50.82
C SER I 85 6.59 -40.74 50.76
N LEU I 86 6.98 -40.24 51.92
CA LEU I 86 8.18 -39.43 52.05
C LEU I 86 9.44 -40.25 51.82
N LYS I 87 10.49 -39.57 51.37
CA LYS I 87 11.84 -40.12 51.33
C LYS I 87 12.68 -39.47 52.41
N ILE I 88 13.80 -40.10 52.71
CA ILE I 88 14.69 -39.55 53.74
C ILE I 88 15.48 -38.37 53.19
N GLU I 89 15.96 -38.50 51.95
CA GLU I 89 16.78 -37.48 51.32
C GLU I 89 16.01 -36.24 50.91
N ASP I 90 14.69 -36.24 51.04
CA ASP I 90 13.87 -35.05 50.81
C ASP I 90 13.72 -34.21 52.05
N THR I 91 14.56 -34.41 53.06
CA THR I 91 14.56 -33.57 54.24
C THR I 91 15.08 -32.19 53.86
N ALA I 92 14.23 -31.18 54.01
CA ALA I 92 14.57 -29.81 53.62
C ALA I 92 13.63 -28.85 54.33
N VAL I 93 13.69 -27.58 53.92
CA VAL I 93 12.77 -26.55 54.38
C VAL I 93 11.92 -26.13 53.20
N TYR I 94 10.60 -26.20 53.38
CA TYR I 94 9.66 -25.91 52.33
C TYR I 94 9.00 -24.56 52.55
N ARG I 95 8.64 -23.90 51.46
CA ARG I 95 8.07 -22.57 51.52
C ARG I 95 6.91 -22.48 50.55
N CYS I 96 6.17 -21.37 50.62
CA CYS I 96 5.18 -21.01 49.63
C CYS I 96 5.57 -19.69 49.01
N ALA I 97 4.91 -19.35 47.90
CA ALA I 97 5.34 -18.19 47.13
C ALA I 97 4.17 -17.64 46.33
N ARG I 98 3.81 -16.39 46.59
CA ARG I 98 2.91 -15.65 45.73
C ARG I 98 3.60 -15.37 44.40
N MET I 99 2.83 -15.42 43.31
CA MET I 99 3.40 -15.08 42.01
C MET I 99 3.66 -13.57 41.95
N PHE I 100 4.59 -13.17 41.07
CA PHE I 100 4.99 -11.76 40.96
C PHE I 100 3.86 -10.88 40.49
N GLN I 101 3.32 -11.15 39.30
CA GLN I 101 2.13 -10.44 38.87
C GLN I 101 0.90 -11.02 39.55
N GLU I 102 -0.25 -10.46 39.22
CA GLU I 102 -1.51 -11.16 39.34
C GLU I 102 -1.74 -11.90 38.04
N SER I 103 -1.99 -13.19 38.12
CA SER I 103 -2.38 -13.88 36.91
C SER I 103 -3.81 -13.56 36.54
N GLY I 104 -4.16 -13.88 35.31
CA GLY I 104 -5.50 -13.68 34.85
C GLY I 104 -6.20 -14.99 34.66
N PRO I 105 -7.39 -14.94 34.08
CA PRO I 105 -8.04 -16.15 33.60
C PRO I 105 -7.32 -16.67 32.37
N PRO I 106 -7.58 -17.92 31.95
CA PRO I 106 -6.98 -18.40 30.71
C PRO I 106 -7.56 -17.68 29.51
N ARG I 107 -6.72 -17.49 28.49
CA ARG I 107 -7.21 -17.04 27.20
C ARG I 107 -7.17 -18.23 26.26
N LEU I 108 -8.33 -18.60 25.73
CA LEU I 108 -8.46 -19.75 24.87
C LEU I 108 -7.97 -19.39 23.49
N ASP I 109 -6.99 -20.14 22.98
CA ASP I 109 -6.60 -20.01 21.60
C ASP I 109 -7.76 -20.45 20.71
N ARG I 110 -8.12 -19.60 19.74
CA ARG I 110 -9.25 -19.91 18.90
C ARG I 110 -8.93 -21.03 17.93
N TRP I 111 -7.67 -21.15 17.53
CA TRP I 111 -7.32 -22.12 16.52
C TRP I 111 -7.21 -23.51 17.13
N SER I 112 -6.35 -23.67 18.13
CA SER I 112 -6.09 -24.98 18.70
C SER I 112 -7.27 -25.52 19.48
N GLY I 113 -8.13 -24.63 19.98
CA GLY I 113 -9.17 -25.04 20.91
C GLY I 113 -8.62 -25.52 22.23
N ARG I 114 -7.48 -24.97 22.65
CA ARG I 114 -6.67 -25.54 23.70
C ARG I 114 -6.23 -24.43 24.63
N ASN I 115 -6.58 -24.53 25.92
CA ASN I 115 -6.38 -23.45 26.87
C ASN I 115 -4.90 -23.23 27.15
N TYR I 116 -4.60 -22.08 27.76
CA TYR I 116 -3.23 -21.76 28.15
C TYR I 116 -3.25 -20.98 29.45
N TYR I 117 -2.78 -21.59 30.53
CA TYR I 117 -2.54 -20.84 31.75
C TYR I 117 -1.18 -20.16 31.67
N TYR I 118 -1.03 -19.10 32.45
CA TYR I 118 0.18 -18.31 32.42
C TYR I 118 0.81 -18.29 33.81
N TYR I 119 2.07 -18.66 33.88
CA TYR I 119 2.81 -18.77 35.12
C TYR I 119 4.10 -17.98 35.01
N SER I 120 4.35 -17.12 35.98
CA SER I 120 5.57 -16.32 35.97
C SER I 120 6.31 -16.48 37.28
N GLY I 121 7.32 -15.66 37.53
CA GLY I 121 8.12 -15.79 38.74
C GLY I 121 7.39 -15.38 39.99
N MET I 122 8.04 -15.60 41.12
CA MET I 122 7.47 -15.29 42.43
C MET I 122 8.24 -14.15 43.08
N ASP I 123 7.61 -13.52 44.06
CA ASP I 123 8.22 -12.34 44.67
C ASP I 123 8.20 -12.30 46.19
N VAL I 124 7.21 -12.94 46.80
CA VAL I 124 6.99 -12.85 48.25
C VAL I 124 6.81 -14.26 48.78
N TRP I 125 7.68 -14.65 49.71
CA TRP I 125 7.55 -15.96 50.33
C TRP I 125 6.94 -15.85 51.71
N GLY I 126 6.92 -16.97 52.41
CA GLY I 126 6.66 -16.99 53.83
C GLY I 126 7.93 -17.18 54.62
N GLN I 127 7.76 -17.36 55.93
CA GLN I 127 8.89 -17.42 56.83
C GLN I 127 9.63 -18.75 56.76
N GLY I 128 9.04 -19.76 56.15
CA GLY I 128 9.66 -21.07 56.18
C GLY I 128 8.96 -21.98 57.17
N THR I 129 9.03 -23.28 56.90
CA THR I 129 8.47 -24.29 57.77
C THR I 129 9.29 -25.56 57.61
N THR I 130 9.25 -26.41 58.63
CA THR I 130 10.22 -27.48 58.76
C THR I 130 9.55 -28.84 58.61
N VAL I 131 10.07 -29.63 57.67
CA VAL I 131 9.73 -31.05 57.56
C VAL I 131 11.03 -31.83 57.46
N THR I 132 11.20 -32.81 58.35
CA THR I 132 12.41 -33.60 58.43
C THR I 132 12.04 -35.07 58.50
N VAL I 133 12.66 -35.88 57.63
CA VAL I 133 12.43 -37.31 57.58
C VAL I 133 13.70 -38.01 58.03
N SER I 134 13.65 -38.65 59.18
CA SER I 134 14.79 -39.39 59.72
C SER I 134 14.25 -40.56 60.54
N SER I 135 15.09 -41.11 61.40
CA SER I 135 14.67 -42.24 62.21
C SER I 135 15.14 -42.05 63.66
N ASP J 1 14.41 -28.86 32.82
CA ASP J 1 15.01 -29.13 31.53
C ASP J 1 16.16 -28.17 31.25
N ILE J 2 15.81 -26.93 30.95
CA ILE J 2 16.79 -25.92 30.59
C ILE J 2 17.56 -25.52 31.84
N VAL J 3 18.89 -25.50 31.74
CA VAL J 3 19.73 -25.25 32.90
C VAL J 3 20.63 -24.05 32.64
N MET J 4 21.45 -23.69 33.62
CA MET J 4 22.23 -22.46 33.59
C MET J 4 23.31 -22.53 34.66
N THR J 5 24.28 -21.61 34.56
CA THR J 5 25.44 -21.58 35.45
C THR J 5 25.63 -20.22 36.10
N GLN J 6 26.73 -20.06 36.84
CA GLN J 6 27.12 -18.77 37.41
C GLN J 6 28.63 -18.59 37.27
N THR J 7 29.13 -17.55 37.90
CA THR J 7 30.56 -17.25 37.97
C THR J 7 31.16 -18.08 39.12
N PRO J 8 32.46 -17.95 39.39
CA PRO J 8 32.95 -18.33 40.73
C PRO J 8 32.21 -17.58 41.81
N LEU J 9 31.68 -18.33 42.76
CA LEU J 9 30.57 -17.87 43.58
C LEU J 9 31.06 -16.95 44.70
N SER J 10 32.11 -17.34 45.41
CA SER J 10 32.62 -16.52 46.50
C SER J 10 33.38 -15.32 45.93
N LEU J 11 32.92 -14.12 46.27
CA LEU J 11 33.52 -12.88 45.79
C LEU J 11 33.55 -11.89 46.96
N SER J 12 34.70 -11.75 47.60
CA SER J 12 34.85 -10.74 48.63
C SER J 12 34.82 -9.35 47.99
N VAL J 13 34.40 -8.36 48.77
CA VAL J 13 33.98 -7.10 48.19
C VAL J 13 34.81 -5.91 48.64
N THR J 14 34.45 -4.73 48.12
CA THR J 14 35.08 -3.44 48.38
C THR J 14 33.90 -2.47 48.46
N PRO J 15 33.88 -1.56 49.44
CA PRO J 15 32.80 -0.56 49.49
C PRO J 15 32.86 0.39 48.29
N GLY J 16 31.82 0.37 47.48
CA GLY J 16 31.80 1.16 46.26
C GLY J 16 32.47 0.46 45.10
N GLN J 17 31.96 -0.73 44.76
CA GLN J 17 32.57 -1.58 43.75
C GLN J 17 31.58 -1.87 42.63
N PRO J 18 32.04 -1.93 41.38
CA PRO J 18 31.19 -2.47 40.30
C PRO J 18 31.17 -4.01 40.32
N ALA J 19 30.32 -4.55 41.18
CA ALA J 19 30.18 -6.00 41.28
C ALA J 19 29.24 -6.52 40.21
N SER J 20 29.68 -7.55 39.49
CA SER J 20 28.90 -8.08 38.38
C SER J 20 29.07 -9.60 38.31
N ILE J 21 27.95 -10.31 38.18
CA ILE J 21 27.94 -11.77 38.09
C ILE J 21 27.03 -12.17 36.94
N SER J 22 27.55 -12.99 36.04
CA SER J 22 26.78 -13.46 34.90
C SER J 22 26.00 -14.72 35.26
N CYS J 23 25.07 -15.07 34.39
CA CYS J 23 24.31 -16.32 34.51
C CYS J 23 23.94 -16.74 33.10
N LYS J 24 24.78 -17.59 32.50
CA LYS J 24 24.58 -18.03 31.14
C LYS J 24 23.69 -19.25 31.12
N SER J 25 22.65 -19.22 30.30
CA SER J 25 21.69 -20.31 30.22
C SER J 25 21.80 -21.04 28.89
N SER J 26 21.21 -22.23 28.85
CA SER J 26 21.32 -23.13 27.72
C SER J 26 20.25 -22.91 26.67
N GLU J 27 19.69 -21.69 26.59
CA GLU J 27 18.55 -21.39 25.74
C GLU J 27 18.45 -19.87 25.63
N SER J 28 17.85 -19.41 24.54
CA SER J 28 17.31 -18.06 24.47
C SER J 28 15.91 -18.11 25.07
N LEU J 29 15.75 -17.59 26.29
CA LEU J 29 14.54 -17.75 27.07
C LEU J 29 13.51 -16.66 26.82
N ARG J 30 13.58 -15.98 25.68
CA ARG J 30 12.59 -14.96 25.38
C ARG J 30 11.25 -15.62 25.10
N GLN J 31 10.23 -15.24 25.86
CA GLN J 31 8.92 -15.84 25.70
C GLN J 31 8.25 -15.33 24.43
N SER J 32 7.01 -15.78 24.24
CA SER J 32 6.23 -15.33 23.09
C SER J 32 5.86 -13.86 23.20
N ASN J 33 5.64 -13.37 24.42
CA ASN J 33 5.23 -11.99 24.61
C ASN J 33 6.38 -11.00 24.60
N GLY J 34 7.59 -11.43 24.26
CA GLY J 34 8.72 -10.52 24.28
C GLY J 34 9.23 -10.20 25.66
N LYS J 35 8.76 -10.89 26.69
CA LYS J 35 9.24 -10.69 28.05
C LYS J 35 10.30 -11.75 28.35
N THR J 36 11.52 -11.30 28.54
CA THR J 36 12.62 -12.21 28.83
C THR J 36 12.52 -12.72 30.26
N SER J 37 12.38 -14.02 30.41
CA SER J 37 12.26 -14.63 31.74
C SER J 37 13.61 -14.61 32.44
N LEU J 38 13.70 -13.83 33.52
CA LEU J 38 14.91 -13.76 34.32
C LEU J 38 14.53 -13.22 35.69
N TYR J 39 15.02 -13.85 36.74
CA TYR J 39 14.65 -13.45 38.10
C TYR J 39 15.87 -13.55 39.01
N TRP J 40 16.36 -12.40 39.45
CA TRP J 40 17.47 -12.33 40.38
C TRP J 40 16.92 -12.19 41.79
N TYR J 41 17.26 -13.15 42.65
CA TYR J 41 16.88 -13.06 44.04
C TYR J 41 18.12 -12.96 44.91
N ARG J 42 17.88 -12.83 46.21
CA ARG J 42 18.96 -12.76 47.18
C ARG J 42 18.41 -13.17 48.53
N GLN J 43 19.19 -13.95 49.27
CA GLN J 43 18.93 -14.16 50.67
C GLN J 43 20.18 -13.84 51.46
N LYS J 44 20.00 -13.12 52.56
CA LYS J 44 21.01 -13.12 53.59
C LYS J 44 20.93 -14.44 54.35
N PRO J 45 22.04 -14.91 54.91
CA PRO J 45 22.02 -16.18 55.65
C PRO J 45 21.15 -16.09 56.90
N GLY J 46 20.34 -17.13 57.09
CA GLY J 46 19.34 -17.12 58.14
C GLY J 46 18.04 -16.46 57.77
N GLN J 47 17.85 -16.08 56.51
CA GLN J 47 16.65 -15.40 56.06
C GLN J 47 16.07 -16.13 54.86
N SER J 48 14.83 -15.76 54.54
CA SER J 48 14.20 -16.18 53.31
C SER J 48 14.87 -15.46 52.13
N PRO J 49 14.69 -15.95 50.92
CA PRO J 49 15.07 -15.17 49.75
C PRO J 49 14.24 -13.90 49.61
N GLN J 50 14.74 -13.02 48.75
CA GLN J 50 14.16 -11.70 48.60
C GLN J 50 14.44 -11.24 47.18
N LEU J 51 13.44 -10.64 46.55
CA LEU J 51 13.56 -10.25 45.16
C LEU J 51 14.43 -9.03 44.99
N LEU J 52 15.31 -9.07 44.00
CA LEU J 52 16.08 -7.92 43.56
C LEU J 52 15.64 -7.43 42.19
N VAL J 53 15.63 -8.31 41.20
CA VAL J 53 15.42 -7.95 39.81
C VAL J 53 14.45 -8.95 39.20
N PHE J 54 13.36 -8.45 38.61
CA PHE J 54 12.30 -9.31 38.11
C PHE J 54 12.35 -9.50 36.61
N GLU J 55 13.06 -8.66 35.89
CA GLU J 55 13.26 -8.81 34.47
C GLU J 55 14.50 -8.01 34.11
N VAL J 56 15.06 -8.29 32.92
CA VAL J 56 16.36 -7.77 32.50
C VAL J 56 16.36 -6.25 32.53
N SER J 57 17.24 -5.69 33.37
CA SER J 57 17.36 -4.25 33.64
C SER J 57 16.04 -3.65 34.11
N ASN J 58 15.42 -4.31 35.08
CA ASN J 58 14.19 -3.82 35.70
C ASN J 58 14.26 -4.17 37.18
N ARG J 59 14.64 -3.19 37.99
CA ARG J 59 14.73 -3.42 39.42
C ARG J 59 13.34 -3.51 40.03
N PHE J 60 13.23 -4.31 41.09
CA PHE J 60 11.97 -4.46 41.78
C PHE J 60 11.74 -3.31 42.74
N SER J 61 10.50 -2.84 42.81
CA SER J 61 10.19 -1.64 43.57
C SER J 61 10.31 -1.89 45.07
N GLY J 62 10.64 -0.82 45.78
CA GLY J 62 10.96 -0.92 47.19
C GLY J 62 12.38 -1.35 47.48
N VAL J 63 13.18 -1.59 46.44
CA VAL J 63 14.58 -1.97 46.59
C VAL J 63 15.41 -0.84 45.99
N SER J 64 16.57 -0.57 46.57
CA SER J 64 17.33 0.65 46.35
C SER J 64 17.88 0.73 44.92
N ASP J 65 18.53 1.87 44.63
CA ASP J 65 18.83 2.29 43.27
C ASP J 65 20.23 1.88 42.82
N ARG J 66 20.75 0.76 43.31
CA ARG J 66 22.14 0.41 43.07
C ARG J 66 22.29 -0.87 42.28
N PHE J 67 21.20 -1.41 41.75
CA PHE J 67 21.14 -2.79 41.26
C PHE J 67 20.71 -2.76 39.80
N VAL J 68 21.66 -2.82 38.87
CA VAL J 68 21.37 -2.66 37.45
C VAL J 68 21.87 -3.91 36.73
N GLY J 69 20.98 -4.88 36.53
CA GLY J 69 21.30 -6.07 35.77
C GLY J 69 21.13 -5.86 34.28
N SER J 70 21.49 -6.88 33.52
CA SER J 70 21.41 -6.82 32.06
C SER J 70 21.43 -8.24 31.50
N GLY J 71 21.61 -8.35 30.20
CA GLY J 71 21.73 -9.64 29.54
C GLY J 71 20.77 -9.78 28.38
N SER J 72 21.02 -10.82 27.59
CA SER J 72 20.22 -11.13 26.41
C SER J 72 20.52 -12.55 25.97
N GLY J 73 19.48 -13.26 25.54
CA GLY J 73 19.68 -14.57 24.94
C GLY J 73 20.10 -15.66 25.89
N THR J 74 21.39 -16.01 25.86
CA THR J 74 21.94 -17.04 26.73
C THR J 74 22.49 -16.45 28.02
N ASP J 75 23.39 -15.49 27.91
CA ASP J 75 24.05 -14.94 29.08
C ASP J 75 23.24 -13.76 29.62
N PHE J 76 23.24 -13.64 30.95
CA PHE J 76 22.53 -12.59 31.64
C PHE J 76 23.36 -12.18 32.85
N THR J 77 23.62 -10.88 32.97
CA THR J 77 24.50 -10.40 34.02
C THR J 77 23.78 -9.44 34.96
N LEU J 78 24.27 -9.38 36.18
CA LEU J 78 23.68 -8.56 37.24
C LEU J 78 24.79 -7.67 37.77
N ARG J 79 24.82 -6.43 37.32
CA ARG J 79 25.84 -5.49 37.77
C ARG J 79 25.35 -4.67 38.94
N ILE J 80 26.14 -4.63 40.00
CA ILE J 80 25.85 -3.81 41.17
C ILE J 80 27.00 -2.83 41.32
N SER J 81 26.70 -1.55 41.24
CA SER J 81 27.60 -0.50 41.68
C SER J 81 27.23 -0.10 43.11
N ARG J 82 28.16 0.58 43.77
CA ARG J 82 28.05 1.05 45.15
C ARG J 82 27.76 -0.12 46.10
N VAL J 83 28.76 -1.00 46.18
CA VAL J 83 28.70 -2.14 47.10
C VAL J 83 28.73 -1.64 48.53
N GLU J 84 27.81 -2.13 49.35
CA GLU J 84 27.66 -1.69 50.72
C GLU J 84 27.91 -2.86 51.67
N ALA J 85 27.61 -2.65 52.95
CA ALA J 85 27.78 -3.66 53.98
C ALA J 85 26.59 -4.59 54.12
N GLU J 86 25.46 -4.26 53.49
CA GLU J 86 24.25 -5.06 53.54
C GLU J 86 24.13 -5.99 52.33
N ASP J 87 25.25 -6.46 51.80
CA ASP J 87 25.27 -7.24 50.58
C ASP J 87 25.62 -8.71 50.83
N VAL J 88 25.72 -9.11 52.08
CA VAL J 88 26.19 -10.45 52.44
C VAL J 88 25.10 -11.47 52.16
N GLY J 89 25.44 -12.50 51.41
CA GLY J 89 24.51 -13.59 51.19
C GLY J 89 24.78 -14.29 49.88
N PHE J 90 23.70 -14.84 49.31
CA PHE J 90 23.76 -15.59 48.06
C PHE J 90 22.93 -14.89 47.00
N TYR J 91 23.26 -15.17 45.74
CA TYR J 91 22.53 -14.65 44.59
C TYR J 91 21.92 -15.81 43.81
N TYR J 92 20.60 -15.81 43.69
CA TYR J 92 19.88 -16.88 43.04
C TYR J 92 19.39 -16.42 41.67
N CYS J 93 19.96 -17.03 40.63
CA CYS J 93 19.48 -16.85 39.27
C CYS J 93 18.28 -17.75 39.04
N MET J 94 17.38 -17.36 38.14
CA MET J 94 16.16 -18.14 37.95
C MET J 94 15.65 -18.05 36.52
N GLN J 95 15.30 -19.21 35.96
CA GLN J 95 14.59 -19.29 34.69
C GLN J 95 13.09 -19.22 34.91
N SER J 96 12.38 -18.73 33.91
CA SER J 96 10.92 -18.85 33.92
C SER J 96 10.35 -19.11 32.53
N LYS J 97 11.14 -19.67 31.62
CA LYS J 97 10.64 -19.95 30.28
C LYS J 97 9.69 -21.13 30.30
N ASP J 98 10.09 -22.22 30.94
CA ASP J 98 9.32 -23.44 30.84
C ASP J 98 9.60 -24.29 32.06
N PHE J 99 8.57 -25.01 32.49
CA PHE J 99 8.70 -25.92 33.61
C PHE J 99 9.60 -27.10 33.23
N PRO J 100 10.43 -27.58 34.16
CA PRO J 100 10.60 -27.12 35.54
C PRO J 100 11.51 -25.91 35.68
N LEU J 101 11.44 -25.29 36.85
CA LEU J 101 12.17 -24.08 37.16
C LEU J 101 13.49 -24.44 37.81
N THR J 102 14.54 -23.70 37.45
CA THR J 102 15.87 -23.98 37.95
C THR J 102 16.42 -22.79 38.74
N PHE J 103 17.53 -23.05 39.42
CA PHE J 103 18.24 -22.04 40.18
C PHE J 103 19.73 -22.30 40.04
N GLY J 104 20.52 -21.66 40.90
CA GLY J 104 21.94 -21.88 40.88
C GLY J 104 22.48 -22.15 42.26
N GLY J 105 23.81 -22.09 42.42
CA GLY J 105 24.39 -22.37 43.72
C GLY J 105 24.16 -21.25 44.72
N GLY J 106 24.22 -20.01 44.27
CA GLY J 106 24.07 -18.90 45.17
C GLY J 106 25.42 -18.33 45.55
N THR J 107 25.79 -17.23 44.91
CA THR J 107 27.16 -16.74 44.98
C THR J 107 27.43 -16.12 46.35
N LYS J 108 28.39 -16.70 47.07
CA LYS J 108 28.72 -16.26 48.41
C LYS J 108 29.35 -14.88 48.37
N VAL J 109 28.93 -14.01 49.31
CA VAL J 109 29.45 -12.66 49.40
C VAL J 109 29.81 -12.39 50.86
N ASP J 110 31.06 -12.03 51.10
CA ASP J 110 31.52 -11.51 52.39
C ASP J 110 32.40 -10.30 52.07
N LEU J 111 33.02 -9.72 53.09
CA LEU J 111 33.94 -8.61 52.90
C LEU J 111 35.27 -9.06 52.31
#